data_3A0S
# 
_entry.id   3A0S 
# 
_audit_conform.dict_name       mmcif_pdbx.dic 
_audit_conform.dict_version    5.380 
_audit_conform.dict_location   http://mmcif.pdb.org/dictionaries/ascii/mmcif_pdbx.dic 
# 
loop_
_database_2.database_id 
_database_2.database_code 
_database_2.pdbx_database_accession 
_database_2.pdbx_DOI 
PDB   3A0S         pdb_00003a0s 10.2210/pdb3a0s/pdb 
RCSB  RCSB028667   ?            ?                   
WWPDB D_1000028667 ?            ?                   
# 
_pdbx_database_related.db_name        PDB 
_pdbx_database_related.db_id          3A0R 
_pdbx_database_related.details        'Histidine kinase ThkA (TM1359) in complex with response regulator protein TrrA (TM1360)' 
_pdbx_database_related.content_type   unspecified 
# 
_pdbx_database_status.entry_id                        3A0S 
_pdbx_database_status.deposit_site                    PDBJ 
_pdbx_database_status.process_site                    PDBJ 
_pdbx_database_status.recvd_initial_deposition_date   2009-03-24 
_pdbx_database_status.status_code                     REL 
_pdbx_database_status.status_code_sf                  REL 
_pdbx_database_status.status_code_mr                  ? 
_pdbx_database_status.SG_entry                        ? 
_pdbx_database_status.status_code_cs                  ? 
_pdbx_database_status.pdb_format_compatible           Y 
_pdbx_database_status.status_code_nmr_data            ? 
_pdbx_database_status.methods_development_category    ? 
# 
loop_
_audit_author.name 
_audit_author.pdbx_ordinal 
'Yamada, S.'    1 
'Sugimoto, H.'  2 
'Kobayashi, M.' 3 
'Ohno, A.'      4 
'Nakamura, H.'  5 
'Shiro, Y.'     6 
# 
_citation.id                        primary 
_citation.title                     'Structure of PAS-linked histidine kinase and the response regulator complex' 
_citation.journal_abbrev            Structure 
_citation.journal_volume            17 
_citation.page_first                1333 
_citation.page_last                 1344 
_citation.year                      2009 
_citation.journal_id_ASTM           STRUE6 
_citation.country                   UK 
_citation.journal_id_ISSN           0969-2126 
_citation.journal_id_CSD            2005 
_citation.book_publisher            ? 
_citation.pdbx_database_id_PubMed   19836334 
_citation.pdbx_database_id_DOI      10.1016/j.str.2009.07.016 
# 
loop_
_citation_author.citation_id 
_citation_author.name 
_citation_author.ordinal 
_citation_author.identifier_ORCID 
primary 'Yamada, S.'    1 ? 
primary 'Sugimoto, H.'  2 ? 
primary 'Kobayashi, M.' 3 ? 
primary 'Ohno, A.'      4 ? 
primary 'Nakamura, H.'  5 ? 
primary 'Shiro, Y.'     6 ? 
# 
_cell.length_a           43.784 
_cell.length_b           43.784 
_cell.length_c           115.448 
_cell.angle_alpha        90.000 
_cell.angle_beta         90.000 
_cell.angle_gamma        90.000 
_cell.entry_id           3A0S 
_cell.pdbx_unique_axis   ? 
_cell.Z_PDB              8 
_cell.length_a_esd       ? 
_cell.length_b_esd       ? 
_cell.length_c_esd       ? 
_cell.angle_alpha_esd    ? 
_cell.angle_beta_esd     ? 
_cell.angle_gamma_esd    ? 
# 
_symmetry.space_group_name_H-M             'P 41 21 2' 
_symmetry.entry_id                         3A0S 
_symmetry.pdbx_full_space_group_name_H-M   ? 
_symmetry.Int_Tables_number                92 
_symmetry.cell_setting                     ? 
_symmetry.space_group_name_Hall            ? 
# 
loop_
_entity.id 
_entity.type 
_entity.src_method 
_entity.pdbx_description 
_entity.formula_weight 
_entity.pdbx_number_of_molecules 
_entity.pdbx_ec 
_entity.pdbx_mutation 
_entity.pdbx_fragment 
_entity.details 
1 polymer     man 'Sensor protein'        11219.812 1  2.7.13.3 ? 'PAS domain' ? 
2 non-polymer syn 'TETRAETHYLENE GLYCOL'  194.226   4  ?        ? ?            ? 
3 non-polymer syn 'TRIETHYLENE GLYCOL'    150.173   1  ?        ? ?            ? 
4 non-polymer syn 'DI(HYDROXYETHYL)ETHER' 106.120   1  ?        ? ?            ? 
5 water       nat water                   18.015    50 ?        ? ?            ? 
# 
_entity_name_com.entity_id   1 
_entity_name_com.name        'Histidine kinase ThkA' 
# 
_entity_poly.entity_id                      1 
_entity_poly.type                           'polypeptide(L)' 
_entity_poly.nstd_linkage                   no 
_entity_poly.nstd_monomer                   no 
_entity_poly.pdbx_seq_one_letter_code       
;METAIITLSKDGRITEWNKKAEQLFGLKKENVLGRRLKDLPDFEEIGSVAESVFENKEPVFLNFYKFGERYFNIRFSPFR
NAKTQLLEGVIITIDD
;
_entity_poly.pdbx_seq_one_letter_code_can   
;METAIITLSKDGRITEWNKKAEQLFGLKKENVLGRRLKDLPDFEEIGSVAESVFENKEPVFLNFYKFGERYFNIRFSPFR
NAKTQLLEGVIITIDD
;
_entity_poly.pdbx_strand_id                 A 
_entity_poly.pdbx_target_identifier         ? 
# 
loop_
_entity_poly_seq.entity_id 
_entity_poly_seq.num 
_entity_poly_seq.mon_id 
_entity_poly_seq.hetero 
1 1  MET n 
1 2  GLU n 
1 3  THR n 
1 4  ALA n 
1 5  ILE n 
1 6  ILE n 
1 7  THR n 
1 8  LEU n 
1 9  SER n 
1 10 LYS n 
1 11 ASP n 
1 12 GLY n 
1 13 ARG n 
1 14 ILE n 
1 15 THR n 
1 16 GLU n 
1 17 TRP n 
1 18 ASN n 
1 19 LYS n 
1 20 LYS n 
1 21 ALA n 
1 22 GLU n 
1 23 GLN n 
1 24 LEU n 
1 25 PHE n 
1 26 GLY n 
1 27 LEU n 
1 28 LYS n 
1 29 LYS n 
1 30 GLU n 
1 31 ASN n 
1 32 VAL n 
1 33 LEU n 
1 34 GLY n 
1 35 ARG n 
1 36 ARG n 
1 37 LEU n 
1 38 LYS n 
1 39 ASP n 
1 40 LEU n 
1 41 PRO n 
1 42 ASP n 
1 43 PHE n 
1 44 GLU n 
1 45 GLU n 
1 46 ILE n 
1 47 GLY n 
1 48 SER n 
1 49 VAL n 
1 50 ALA n 
1 51 GLU n 
1 52 SER n 
1 53 VAL n 
1 54 PHE n 
1 55 GLU n 
1 56 ASN n 
1 57 LYS n 
1 58 GLU n 
1 59 PRO n 
1 60 VAL n 
1 61 PHE n 
1 62 LEU n 
1 63 ASN n 
1 64 PHE n 
1 65 TYR n 
1 66 LYS n 
1 67 PHE n 
1 68 GLY n 
1 69 GLU n 
1 70 ARG n 
1 71 TYR n 
1 72 PHE n 
1 73 ASN n 
1 74 ILE n 
1 75 ARG n 
1 76 PHE n 
1 77 SER n 
1 78 PRO n 
1 79 PHE n 
1 80 ARG n 
1 81 ASN n 
1 82 ALA n 
1 83 LYS n 
1 84 THR n 
1 85 GLN n 
1 86 LEU n 
1 87 LEU n 
1 88 GLU n 
1 89 GLY n 
1 90 VAL n 
1 91 ILE n 
1 92 ILE n 
1 93 THR n 
1 94 ILE n 
1 95 ASP n 
1 96 ASP n 
# 
_entity_src_gen.entity_id                          1 
_entity_src_gen.pdbx_src_id                        1 
_entity_src_gen.pdbx_alt_source_flag               sample 
_entity_src_gen.pdbx_seq_type                      ? 
_entity_src_gen.pdbx_beg_seq_num                   ? 
_entity_src_gen.pdbx_end_seq_num                   ? 
_entity_src_gen.gene_src_common_name               ? 
_entity_src_gen.gene_src_genus                     ? 
_entity_src_gen.pdbx_gene_src_gene                 TM_1359 
_entity_src_gen.gene_src_species                   ? 
_entity_src_gen.gene_src_strain                    ? 
_entity_src_gen.gene_src_tissue                    ? 
_entity_src_gen.gene_src_tissue_fraction           ? 
_entity_src_gen.gene_src_details                   ? 
_entity_src_gen.pdbx_gene_src_fragment             ? 
_entity_src_gen.pdbx_gene_src_scientific_name      'Thermotoga maritima' 
_entity_src_gen.pdbx_gene_src_ncbi_taxonomy_id     2336 
_entity_src_gen.pdbx_gene_src_variant              ? 
_entity_src_gen.pdbx_gene_src_cell_line            ? 
_entity_src_gen.pdbx_gene_src_atcc                 ? 
_entity_src_gen.pdbx_gene_src_organ                ? 
_entity_src_gen.pdbx_gene_src_organelle            ? 
_entity_src_gen.pdbx_gene_src_cell                 ? 
_entity_src_gen.pdbx_gene_src_cellular_location    ? 
_entity_src_gen.host_org_common_name               ? 
_entity_src_gen.pdbx_host_org_scientific_name      'Escherichia coli BL21(DE3)' 
_entity_src_gen.pdbx_host_org_ncbi_taxonomy_id     469008 
_entity_src_gen.host_org_genus                     ? 
_entity_src_gen.pdbx_host_org_gene                 ? 
_entity_src_gen.pdbx_host_org_organ                ? 
_entity_src_gen.host_org_species                   ? 
_entity_src_gen.pdbx_host_org_tissue               ? 
_entity_src_gen.pdbx_host_org_tissue_fraction      ? 
_entity_src_gen.pdbx_host_org_strain               'BL21(DE3) CodonPlus RIL' 
_entity_src_gen.pdbx_host_org_variant              ? 
_entity_src_gen.pdbx_host_org_cell_line            ? 
_entity_src_gen.pdbx_host_org_atcc                 ? 
_entity_src_gen.pdbx_host_org_culture_collection   ? 
_entity_src_gen.pdbx_host_org_cell                 ? 
_entity_src_gen.pdbx_host_org_organelle            ? 
_entity_src_gen.pdbx_host_org_cellular_location    ? 
_entity_src_gen.pdbx_host_org_vector_type          plasmid 
_entity_src_gen.pdbx_host_org_vector               ? 
_entity_src_gen.host_org_details                   ? 
_entity_src_gen.expression_system_id               ? 
_entity_src_gen.plasmid_name                       pRSETA 
_entity_src_gen.plasmid_details                    ? 
_entity_src_gen.pdbx_description                   ? 
# 
_struct_ref.id                         1 
_struct_ref.db_name                    UNP 
_struct_ref.db_code                    Q9X180_THEMA 
_struct_ref.pdbx_db_accession          Q9X180 
_struct_ref.entity_id                  1 
_struct_ref.pdbx_seq_one_letter_code   
;ETAIITLSKDGRITEWNKKAEQLFGLKKENVLGRRLKDLPDFEEIGSVAESVFENKEPVFLNFYKFGERYFNIRFSPFRN
AKTQLLEGVIITIDD
;
_struct_ref.pdbx_align_begin           424 
_struct_ref.pdbx_db_isoform            ? 
# 
_struct_ref_seq.align_id                      1 
_struct_ref_seq.ref_id                        1 
_struct_ref_seq.pdbx_PDB_id_code              3A0S 
_struct_ref_seq.pdbx_strand_id                A 
_struct_ref_seq.seq_align_beg                 2 
_struct_ref_seq.pdbx_seq_align_beg_ins_code   ? 
_struct_ref_seq.seq_align_end                 96 
_struct_ref_seq.pdbx_seq_align_end_ins_code   ? 
_struct_ref_seq.pdbx_db_accession             Q9X180 
_struct_ref_seq.db_align_beg                  424 
_struct_ref_seq.pdbx_db_align_beg_ins_code    ? 
_struct_ref_seq.db_align_end                  518 
_struct_ref_seq.pdbx_db_align_end_ins_code    ? 
_struct_ref_seq.pdbx_auth_seq_align_beg       424 
_struct_ref_seq.pdbx_auth_seq_align_end       518 
# 
_struct_ref_seq_dif.align_id                     1 
_struct_ref_seq_dif.pdbx_pdb_id_code             3A0S 
_struct_ref_seq_dif.mon_id                       MET 
_struct_ref_seq_dif.pdbx_pdb_strand_id           A 
_struct_ref_seq_dif.seq_num                      1 
_struct_ref_seq_dif.pdbx_pdb_ins_code            ? 
_struct_ref_seq_dif.pdbx_seq_db_name             UNP 
_struct_ref_seq_dif.pdbx_seq_db_accession_code   Q9X180 
_struct_ref_seq_dif.db_mon_id                    ? 
_struct_ref_seq_dif.pdbx_seq_db_seq_num          ? 
_struct_ref_seq_dif.details                      'expression tag' 
_struct_ref_seq_dif.pdbx_auth_seq_num            423 
_struct_ref_seq_dif.pdbx_ordinal                 1 
# 
loop_
_chem_comp.id 
_chem_comp.type 
_chem_comp.mon_nstd_flag 
_chem_comp.name 
_chem_comp.pdbx_synonyms 
_chem_comp.formula 
_chem_comp.formula_weight 
ALA 'L-peptide linking' y ALANINE                 ? 'C3 H7 N O2'     89.093  
ARG 'L-peptide linking' y ARGININE                ? 'C6 H15 N4 O2 1' 175.209 
ASN 'L-peptide linking' y ASPARAGINE              ? 'C4 H8 N2 O3'    132.118 
ASP 'L-peptide linking' y 'ASPARTIC ACID'         ? 'C4 H7 N O4'     133.103 
GLN 'L-peptide linking' y GLUTAMINE               ? 'C5 H10 N2 O3'   146.144 
GLU 'L-peptide linking' y 'GLUTAMIC ACID'         ? 'C5 H9 N O4'     147.129 
GLY 'peptide linking'   y GLYCINE                 ? 'C2 H5 N O2'     75.067  
HOH non-polymer         . WATER                   ? 'H2 O'           18.015  
ILE 'L-peptide linking' y ISOLEUCINE              ? 'C6 H13 N O2'    131.173 
LEU 'L-peptide linking' y LEUCINE                 ? 'C6 H13 N O2'    131.173 
LYS 'L-peptide linking' y LYSINE                  ? 'C6 H15 N2 O2 1' 147.195 
MET 'L-peptide linking' y METHIONINE              ? 'C5 H11 N O2 S'  149.211 
PEG non-polymer         . 'DI(HYDROXYETHYL)ETHER' ? 'C4 H10 O3'      106.120 
PG4 non-polymer         . 'TETRAETHYLENE GLYCOL'  ? 'C8 H18 O5'      194.226 
PGE non-polymer         . 'TRIETHYLENE GLYCOL'    ? 'C6 H14 O4'      150.173 
PHE 'L-peptide linking' y PHENYLALANINE           ? 'C9 H11 N O2'    165.189 
PRO 'L-peptide linking' y PROLINE                 ? 'C5 H9 N O2'     115.130 
SER 'L-peptide linking' y SERINE                  ? 'C3 H7 N O3'     105.093 
THR 'L-peptide linking' y THREONINE               ? 'C4 H9 N O3'     119.119 
TRP 'L-peptide linking' y TRYPTOPHAN              ? 'C11 H12 N2 O2'  204.225 
TYR 'L-peptide linking' y TYROSINE                ? 'C9 H11 N O3'    181.189 
VAL 'L-peptide linking' y VALINE                  ? 'C5 H11 N O2'    117.146 
# 
_exptl.crystals_number   1 
_exptl.entry_id          3A0S 
_exptl.method            'X-RAY DIFFRACTION' 
# 
_exptl_crystal.id                    1 
_exptl_crystal.pdbx_mosaicity        ? 
_exptl_crystal.pdbx_mosaicity_esd    ? 
_exptl_crystal.density_Matthews      2.47 
_exptl_crystal.density_diffrn        ? 
_exptl_crystal.density_meas          ? 
_exptl_crystal.density_meas_temp     ? 
_exptl_crystal.density_percent_sol   50.12 
_exptl_crystal.size_max              ? 
_exptl_crystal.size_mid              ? 
_exptl_crystal.size_min              ? 
_exptl_crystal.size_rad              ? 
_exptl_crystal.description           ? 
_exptl_crystal.F_000                 ? 
_exptl_crystal.preparation           ? 
# 
_exptl_crystal_grow.crystal_id      1 
_exptl_crystal_grow.method          'VAPOR DIFFUSION' 
_exptl_crystal_grow.pH              ? 
_exptl_crystal_grow.temp            293 
_exptl_crystal_grow.pdbx_details    
'50% PEG200, 0.1M sodium/potassium-phosphate pH 6.2, 0.2M sodium chloride, VAPOR DIFFUSION, temperature 293K' 
_exptl_crystal_grow.temp_details    ? 
_exptl_crystal_grow.pdbx_pH_range   . 
# 
_diffrn.id                     1 
_diffrn.ambient_temp           100 
_diffrn.ambient_temp_details   ? 
_diffrn.crystal_id             1 
# 
_diffrn_detector.diffrn_id              1 
_diffrn_detector.detector               CCD 
_diffrn_detector.type                   'ADSC QUANTUM 210' 
_diffrn_detector.pdbx_collection_date   2007-06-01 
_diffrn_detector.details                ? 
# 
_diffrn_radiation.diffrn_id                        1 
_diffrn_radiation.pdbx_diffrn_protocol             'SINGLE WAVELENGTH' 
_diffrn_radiation.monochromator                    'Si 111  DOUBLE CRYSTAL MONOCHROMATOR' 
_diffrn_radiation.wavelength_id                    1 
_diffrn_radiation.pdbx_monochromatic_or_laue_m_l   M 
_diffrn_radiation.pdbx_scattering_type             x-ray 
# 
_diffrn_radiation_wavelength.id           1 
_diffrn_radiation_wavelength.wavelength   1.0 
_diffrn_radiation_wavelength.wt           1.0 
# 
_diffrn_source.diffrn_id                   1 
_diffrn_source.source                      SYNCHROTRON 
_diffrn_source.type                        'SPRING-8 BEAMLINE BL44B2' 
_diffrn_source.pdbx_wavelength_list        1.0 
_diffrn_source.pdbx_wavelength             ? 
_diffrn_source.pdbx_synchrotron_site       SPring-8 
_diffrn_source.pdbx_synchrotron_beamline   BL44B2 
# 
_reflns.entry_id                     3A0S 
_reflns.observed_criterion_sigma_F   ? 
_reflns.observed_criterion_sigma_I   -3.0 
_reflns.d_resolution_high            1.47 
_reflns.d_resolution_low             30.00 
_reflns.number_all                   ? 
_reflns.number_obs                   19750 
_reflns.percent_possible_obs         98.7 
_reflns.pdbx_Rmerge_I_obs            ? 
_reflns.pdbx_Rsym_value              0.047 
_reflns.pdbx_netI_over_sigmaI        41.5 
_reflns.B_iso_Wilson_estimate        20.2 
_reflns.pdbx_redundancy              18.2 
_reflns.R_free_details               ? 
_reflns.limit_h_max                  ? 
_reflns.limit_h_min                  ? 
_reflns.limit_k_max                  ? 
_reflns.limit_k_min                  ? 
_reflns.limit_l_max                  ? 
_reflns.limit_l_min                  ? 
_reflns.observed_criterion_F_max     ? 
_reflns.observed_criterion_F_min     ? 
_reflns.pdbx_chi_squared             ? 
_reflns.pdbx_scaling_rejects         ? 
_reflns.pdbx_ordinal                 1 
_reflns.pdbx_diffrn_id               1 
# 
_reflns_shell.d_res_high             1.47 
_reflns_shell.d_res_low              1.52 
_reflns_shell.percent_possible_obs   ? 
_reflns_shell.percent_possible_all   88.9 
_reflns_shell.Rmerge_I_obs           ? 
_reflns_shell.meanI_over_sigI_obs    3.5 
_reflns_shell.pdbx_Rsym_value        0.334 
_reflns_shell.pdbx_redundancy        6.0 
_reflns_shell.number_unique_all      ? 
_reflns_shell.number_measured_all    ? 
_reflns_shell.number_measured_obs    ? 
_reflns_shell.number_unique_obs      ? 
_reflns_shell.pdbx_chi_squared       ? 
_reflns_shell.pdbx_ordinal           1 
_reflns_shell.pdbx_diffrn_id         1 
# 
_refine.entry_id                                 3A0S 
_refine.ls_d_res_high                            1.470 
_refine.ls_d_res_low                             20.000 
_refine.pdbx_ls_sigma_F                          0.00 
_refine.ls_percent_reflns_obs                    98.730 
_refine.ls_number_reflns_obs                     19680 
_refine.pdbx_ls_cross_valid_method               THROUGHOUT 
_refine.pdbx_R_Free_selection_details            RANDOM 
_refine.details                                  ? 
_refine.ls_R_factor_obs                          0.211 
_refine.ls_R_factor_R_work                       0.210 
_refine.ls_R_factor_R_free                       0.234 
_refine.ls_percent_reflns_R_free                 4.900 
_refine.ls_number_reflns_R_free                  967 
_refine.B_iso_mean                               27.384 
_refine.aniso_B[1][1]                            0.570 
_refine.aniso_B[2][2]                            0.570 
_refine.aniso_B[3][3]                            -1.140 
_refine.aniso_B[1][2]                            0.000 
_refine.aniso_B[1][3]                            0.000 
_refine.aniso_B[2][3]                            0.000 
_refine.correlation_coeff_Fo_to_Fc               0.953 
_refine.correlation_coeff_Fo_to_Fc_free          0.943 
_refine.pdbx_overall_ESU_R                       0.079 
_refine.pdbx_overall_ESU_R_Free                  0.079 
_refine.overall_SU_ML                            0.047 
_refine.overall_SU_B                             2.510 
_refine.solvent_model_details                    MASK 
_refine.pdbx_solvent_vdw_probe_radii             1.400 
_refine.pdbx_solvent_ion_probe_radii             0.800 
_refine.pdbx_solvent_shrinkage_radii             0.800 
_refine.pdbx_method_to_determine_struct          'MOLECULAR REPLACEMENT' 
_refine.pdbx_stereochemistry_target_values       'MAXIMUM LIKELIHOOD' 
_refine.B_iso_max                                61.41 
_refine.B_iso_min                                11.95 
_refine.occupancy_max                            1.00 
_refine.occupancy_min                            0.50 
_refine.pdbx_ls_sigma_I                          ? 
_refine.ls_number_reflns_all                     ? 
_refine.ls_R_factor_all                          ? 
_refine.ls_redundancy_reflns_obs                 ? 
_refine.pdbx_data_cutoff_high_absF               ? 
_refine.pdbx_data_cutoff_low_absF                ? 
_refine.ls_number_parameters                     ? 
_refine.ls_number_restraints                     ? 
_refine.ls_R_factor_R_free_error                 ? 
_refine.ls_R_factor_R_free_error_details         ? 
_refine.pdbx_starting_model                      3A0V 
_refine.pdbx_stereochem_target_val_spec_case     ? 
_refine.solvent_model_param_bsol                 ? 
_refine.solvent_model_param_ksol                 ? 
_refine.pdbx_isotropic_thermal_model             ? 
_refine.overall_SU_R_Cruickshank_DPI             ? 
_refine.overall_SU_R_free                        ? 
_refine.pdbx_data_cutoff_high_rms_absF           ? 
_refine.ls_wR_factor_R_free                      ? 
_refine.ls_wR_factor_R_work                      ? 
_refine.overall_FOM_free_R_set                   ? 
_refine.overall_FOM_work_R_set                   ? 
_refine.pdbx_refine_id                           'X-RAY DIFFRACTION' 
_refine.pdbx_overall_phase_error                 ? 
_refine.pdbx_TLS_residual_ADP_flag               'LIKELY RESIDUAL' 
_refine.pdbx_diffrn_id                           1 
_refine.pdbx_overall_SU_R_free_Cruickshank_DPI   ? 
_refine.pdbx_overall_SU_R_Blow_DPI               ? 
_refine.pdbx_overall_SU_R_free_Blow_DPI          ? 
# 
_refine_hist.pdbx_refine_id                   'X-RAY DIFFRACTION' 
_refine_hist.cycle_id                         LAST 
_refine_hist.pdbx_number_atoms_protein        793 
_refine_hist.pdbx_number_atoms_nucleic_acid   0 
_refine_hist.pdbx_number_atoms_ligand         69 
_refine_hist.number_atoms_solvent             50 
_refine_hist.number_atoms_total               912 
_refine_hist.d_res_high                       1.470 
_refine_hist.d_res_low                        20.000 
# 
loop_
_refine_ls_restr.type 
_refine_ls_restr.number 
_refine_ls_restr.dev_ideal 
_refine_ls_restr.dev_ideal_target 
_refine_ls_restr.weight 
_refine_ls_restr.pdbx_refine_id 
_refine_ls_restr.pdbx_restraint_function 
r_bond_refined_d         901  0.012  0.022  ? 'X-RAY DIFFRACTION' ? 
r_angle_refined_deg      1183 1.522  2.022  ? 'X-RAY DIFFRACTION' ? 
r_dihedral_angle_1_deg   95   6.024  5.000  ? 'X-RAY DIFFRACTION' ? 
r_dihedral_angle_2_deg   46   30.907 23.913 ? 'X-RAY DIFFRACTION' ? 
r_dihedral_angle_3_deg   167  14.520 15.000 ? 'X-RAY DIFFRACTION' ? 
r_dihedral_angle_4_deg   8    17.113 15.000 ? 'X-RAY DIFFRACTION' ? 
r_chiral_restr           124  0.106  0.200  ? 'X-RAY DIFFRACTION' ? 
r_gen_planes_refined     629  0.006  0.020  ? 'X-RAY DIFFRACTION' ? 
r_nbd_refined            387  0.229  0.200  ? 'X-RAY DIFFRACTION' ? 
r_nbtor_refined          602  0.310  0.200  ? 'X-RAY DIFFRACTION' ? 
r_xyhbond_nbd_refined    47   0.143  0.200  ? 'X-RAY DIFFRACTION' ? 
r_symmetry_vdw_refined   57   0.197  0.200  ? 'X-RAY DIFFRACTION' ? 
r_symmetry_hbond_refined 21   0.116  0.200  ? 'X-RAY DIFFRACTION' ? 
r_mcbond_it              498  1.055  1.500  ? 'X-RAY DIFFRACTION' ? 
r_mcangle_it             790  1.593  2.000  ? 'X-RAY DIFFRACTION' ? 
r_scbond_it              442  2.691  3.000  ? 'X-RAY DIFFRACTION' ? 
r_scangle_it             393  3.955  4.500  ? 'X-RAY DIFFRACTION' ? 
# 
_refine_ls_shell.d_res_high                       1.470 
_refine_ls_shell.d_res_low                        1.508 
_refine_ls_shell.pdbx_total_number_of_bins_used   20 
_refine_ls_shell.percent_reflns_obs               87.520 
_refine_ls_shell.number_reflns_R_work             1197 
_refine_ls_shell.R_factor_all                     ? 
_refine_ls_shell.R_factor_R_work                  0.255 
_refine_ls_shell.R_factor_R_free                  0.295 
_refine_ls_shell.percent_reflns_R_free            ? 
_refine_ls_shell.number_reflns_R_free             65 
_refine_ls_shell.R_factor_R_free_error            ? 
_refine_ls_shell.number_reflns_all                1262 
_refine_ls_shell.number_reflns_obs                ? 
_refine_ls_shell.redundancy_reflns_obs            ? 
_refine_ls_shell.pdbx_refine_id                   'X-RAY DIFFRACTION' 
# 
_struct.entry_id                  3A0S 
_struct.title                     'PAS domain of histidine kinase ThkA (TM1359)' 
_struct.pdbx_model_details        ? 
_struct.pdbx_CASP_flag            N 
_struct.pdbx_model_type_details   ? 
# 
_struct_keywords.entry_id        3A0S 
_struct_keywords.text            'PAS-fold, Kinase, Phosphoprotein, Transferase, Two-component regulatory system' 
_struct_keywords.pdbx_keywords   TRANSFERASE 
# 
loop_
_struct_asym.id 
_struct_asym.pdbx_blank_PDB_chainid_flag 
_struct_asym.pdbx_modified 
_struct_asym.entity_id 
_struct_asym.details 
A N N 1 ? 
B N N 2 ? 
C N N 2 ? 
D N N 2 ? 
E N N 2 ? 
F N N 3 ? 
G N N 4 ? 
H N N 5 ? 
# 
_struct_biol.id        1 
_struct_biol.details   ? 
# 
loop_
_struct_conf.conf_type_id 
_struct_conf.id 
_struct_conf.pdbx_PDB_helix_id 
_struct_conf.beg_label_comp_id 
_struct_conf.beg_label_asym_id 
_struct_conf.beg_label_seq_id 
_struct_conf.pdbx_beg_PDB_ins_code 
_struct_conf.end_label_comp_id 
_struct_conf.end_label_asym_id 
_struct_conf.end_label_seq_id 
_struct_conf.pdbx_end_PDB_ins_code 
_struct_conf.beg_auth_comp_id 
_struct_conf.beg_auth_asym_id 
_struct_conf.beg_auth_seq_id 
_struct_conf.end_auth_comp_id 
_struct_conf.end_auth_asym_id 
_struct_conf.end_auth_seq_id 
_struct_conf.pdbx_PDB_helix_class 
_struct_conf.details 
_struct_conf.pdbx_PDB_helix_length 
HELX_P HELX_P1 1 ASN A 18 ? GLY A 26 ? ASN A 440 GLY A 448 1 ? 9  
HELX_P HELX_P2 2 LYS A 28 ? LEU A 33 ? LYS A 450 LEU A 455 1 ? 6  
HELX_P HELX_P3 3 ARG A 36 ? LEU A 40 ? ARG A 458 LEU A 462 5 ? 5  
HELX_P HELX_P4 4 PHE A 43 ? LYS A 57 ? PHE A 465 LYS A 479 1 ? 15 
# 
_struct_conf_type.id          HELX_P 
_struct_conf_type.criteria    ? 
_struct_conf_type.reference   ? 
# 
_struct_sheet.id               A 
_struct_sheet.type             ? 
_struct_sheet.number_strands   5 
_struct_sheet.details          ? 
# 
loop_
_struct_sheet_order.sheet_id 
_struct_sheet_order.range_id_1 
_struct_sheet_order.range_id_2 
_struct_sheet_order.offset 
_struct_sheet_order.sense 
A 1 2 ? anti-parallel 
A 2 3 ? anti-parallel 
A 3 4 ? anti-parallel 
A 4 5 ? anti-parallel 
# 
loop_
_struct_sheet_range.sheet_id 
_struct_sheet_range.id 
_struct_sheet_range.beg_label_comp_id 
_struct_sheet_range.beg_label_asym_id 
_struct_sheet_range.beg_label_seq_id 
_struct_sheet_range.pdbx_beg_PDB_ins_code 
_struct_sheet_range.end_label_comp_id 
_struct_sheet_range.end_label_asym_id 
_struct_sheet_range.end_label_seq_id 
_struct_sheet_range.pdbx_end_PDB_ins_code 
_struct_sheet_range.beg_auth_comp_id 
_struct_sheet_range.beg_auth_asym_id 
_struct_sheet_range.beg_auth_seq_id 
_struct_sheet_range.end_auth_comp_id 
_struct_sheet_range.end_auth_asym_id 
_struct_sheet_range.end_auth_seq_id 
A 1 ILE A 14 ? TRP A 17 ? ILE A 436 TRP A 439 
A 2 ALA A 4  ? SER A 9  ? ALA A 426 SER A 431 
A 3 LEU A 87 ? ASP A 95 ? LEU A 509 ASP A 517 
A 4 ARG A 70 ? ARG A 80 ? ARG A 492 ARG A 502 
A 5 VAL A 60 ? PHE A 67 ? VAL A 482 PHE A 489 
# 
loop_
_pdbx_struct_sheet_hbond.sheet_id 
_pdbx_struct_sheet_hbond.range_id_1 
_pdbx_struct_sheet_hbond.range_id_2 
_pdbx_struct_sheet_hbond.range_1_label_atom_id 
_pdbx_struct_sheet_hbond.range_1_label_comp_id 
_pdbx_struct_sheet_hbond.range_1_label_asym_id 
_pdbx_struct_sheet_hbond.range_1_label_seq_id 
_pdbx_struct_sheet_hbond.range_1_PDB_ins_code 
_pdbx_struct_sheet_hbond.range_1_auth_atom_id 
_pdbx_struct_sheet_hbond.range_1_auth_comp_id 
_pdbx_struct_sheet_hbond.range_1_auth_asym_id 
_pdbx_struct_sheet_hbond.range_1_auth_seq_id 
_pdbx_struct_sheet_hbond.range_2_label_atom_id 
_pdbx_struct_sheet_hbond.range_2_label_comp_id 
_pdbx_struct_sheet_hbond.range_2_label_asym_id 
_pdbx_struct_sheet_hbond.range_2_label_seq_id 
_pdbx_struct_sheet_hbond.range_2_PDB_ins_code 
_pdbx_struct_sheet_hbond.range_2_auth_atom_id 
_pdbx_struct_sheet_hbond.range_2_auth_comp_id 
_pdbx_struct_sheet_hbond.range_2_auth_asym_id 
_pdbx_struct_sheet_hbond.range_2_auth_seq_id 
A 1 2 O THR A 15 ? O THR A 437 N THR A 7  ? N THR A 429 
A 2 3 N ILE A 6  ? N ILE A 428 O ILE A 92 ? O ILE A 514 
A 3 4 O ASP A 95 ? O ASP A 517 N ASN A 73 ? N ASN A 495 
A 4 5 O ILE A 74 ? O ILE A 496 N LEU A 62 ? N LEU A 484 
# 
loop_
_struct_site.id 
_struct_site.pdbx_evidence_code 
_struct_site.pdbx_auth_asym_id 
_struct_site.pdbx_auth_comp_id 
_struct_site.pdbx_auth_seq_id 
_struct_site.pdbx_auth_ins_code 
_struct_site.pdbx_num_residues 
_struct_site.details 
AC1 Software A PG4 600 ? 12 'BINDING SITE FOR RESIDUE PG4 A 600' 
AC2 Software A PG4 601 ? 5  'BINDING SITE FOR RESIDUE PG4 A 601' 
AC3 Software A PG4 602 ? 8  'BINDING SITE FOR RESIDUE PG4 A 602' 
AC4 Software A PG4 603 ? 6  'BINDING SITE FOR RESIDUE PG4 A 603' 
AC5 Software A PGE 604 ? 3  'BINDING SITE FOR RESIDUE PGE A 604' 
AC6 Software A PEG 605 ? 5  'BINDING SITE FOR RESIDUE PEG A 605' 
# 
loop_
_struct_site_gen.id 
_struct_site_gen.site_id 
_struct_site_gen.pdbx_num_res 
_struct_site_gen.label_comp_id 
_struct_site_gen.label_asym_id 
_struct_site_gen.label_seq_id 
_struct_site_gen.pdbx_auth_ins_code 
_struct_site_gen.auth_comp_id 
_struct_site_gen.auth_asym_id 
_struct_site_gen.auth_seq_id 
_struct_site_gen.label_atom_id 
_struct_site_gen.label_alt_id 
_struct_site_gen.symmetry 
_struct_site_gen.details 
1  AC1 12 HOH H .  ? HOH A 8   . ? 1_555 ? 
2  AC1 12 LEU A 8  ? LEU A 430 . ? 1_555 ? 
3  AC1 12 SER A 9  ? SER A 431 . ? 1_555 ? 
4  AC1 12 LYS A 10 ? LYS A 432 . ? 1_555 ? 
5  AC1 12 ASP A 11 ? ASP A 433 . ? 1_555 ? 
6  AC1 12 GLY A 12 ? GLY A 434 . ? 1_555 ? 
7  AC1 12 ARG A 36 ? ARG A 458 . ? 1_555 ? 
8  AC1 12 LYS A 38 ? LYS A 460 . ? 1_555 ? 
9  AC1 12 GLY A 47 ? GLY A 469 . ? 1_555 ? 
10 AC1 12 ALA A 50 ? ALA A 472 . ? 1_555 ? 
11 AC1 12 GLU A 51 ? GLU A 473 . ? 1_555 ? 
12 AC1 12 PHE A 54 ? PHE A 476 . ? 1_555 ? 
13 AC2 5  HOH H .  ? HOH A 44  . ? 1_555 ? 
14 AC2 5  THR A 15 ? THR A 437 . ? 6_455 ? 
15 AC2 5  GLU A 16 ? GLU A 438 . ? 6_455 ? 
16 AC2 5  PHE A 79 ? PHE A 501 . ? 6_455 ? 
17 AC2 5  GLU A 88 ? GLU A 510 . ? 6_455 ? 
18 AC3 8  HOH H .  ? HOH A 16  . ? 4_554 ? 
19 AC3 8  MET A 1  ? MET A 423 . ? 1_555 ? 
20 AC3 8  LYS A 10 ? LYS A 432 . ? 4_554 ? 
21 AC3 8  PHE A 54 ? PHE A 476 . ? 4_554 ? 
22 AC3 8  GLU A 55 ? GLU A 477 . ? 4_554 ? 
23 AC3 8  ARG A 70 ? ARG A 492 . ? 1_555 ? 
24 AC3 8  LEU A 87 ? LEU A 509 . ? 4_554 ? 
25 AC3 8  ASP A 96 ? ASP A 518 . ? 1_555 ? 
26 AC4 6  ASN A 63 ? ASN A 485 . ? 1_555 ? 
27 AC4 6  PHE A 64 ? PHE A 486 . ? 1_555 ? 
28 AC4 6  PHE A 72 ? PHE A 494 . ? 1_555 ? 
29 AC4 6  ASN A 73 ? ASN A 495 . ? 1_555 ? 
30 AC4 6  PHE A 79 ? PHE A 501 . ? 4_554 ? 
31 AC4 6  ARG A 80 ? ARG A 502 . ? 4_554 ? 
32 AC5 3  LYS A 66 ? LYS A 488 . ? 1_555 ? 
33 AC5 3  GLY A 68 ? GLY A 490 . ? 1_555 ? 
34 AC5 3  PEG G .  ? PEG A 605 . ? 1_555 ? 
35 AC6 5  LEU A 24 ? LEU A 446 . ? 1_555 ? 
36 AC6 5  PHE A 67 ? PHE A 489 . ? 1_555 ? 
37 AC6 5  GLU A 69 ? GLU A 491 . ? 1_555 ? 
38 AC6 5  ARG A 70 ? ARG A 492 . ? 1_555 ? 
39 AC6 5  PGE F .  ? PGE A 604 . ? 1_555 ? 
# 
_atom_sites.entry_id                    3A0S 
_atom_sites.fract_transf_matrix[1][1]   -0.01613859 
_atom_sites.fract_transf_matrix[1][2]   0.00280791 
_atom_sites.fract_transf_matrix[1][3]   0.01591482 
_atom_sites.fract_transf_matrix[2][1]   -0.01473960 
_atom_sites.fract_transf_matrix[2][2]   0.00666489 
_atom_sites.fract_transf_matrix[2][3]   -0.01612275 
_atom_sites.fract_transf_matrix[3][1]   -0.00251318 
_atom_sites.fract_transf_matrix[3][2]   -0.00821624 
_atom_sites.fract_transf_matrix[3][3]   -0.00109889 
_atom_sites.fract_transf_vector[1]      0.200820 
_atom_sites.fract_transf_vector[2]      0.115333 
_atom_sites.fract_transf_vector[3]      0.374457 
# 
loop_
_atom_type.symbol 
C 
N 
O 
S 
# 
loop_
_atom_site.group_PDB 
_atom_site.id 
_atom_site.type_symbol 
_atom_site.label_atom_id 
_atom_site.label_alt_id 
_atom_site.label_comp_id 
_atom_site.label_asym_id 
_atom_site.label_entity_id 
_atom_site.label_seq_id 
_atom_site.pdbx_PDB_ins_code 
_atom_site.Cartn_x 
_atom_site.Cartn_y 
_atom_site.Cartn_z 
_atom_site.occupancy 
_atom_site.B_iso_or_equiv 
_atom_site.pdbx_formal_charge 
_atom_site.auth_seq_id 
_atom_site.auth_comp_id 
_atom_site.auth_asym_id 
_atom_site.auth_atom_id 
_atom_site.pdbx_PDB_model_num 
ATOM   1   N N   . MET A 1 1  ? -3.761  16.383  -0.316  1.00 26.65 ? 423 MET A N   1 
ATOM   2   C CA  . MET A 1 1  ? -4.801  15.308  -0.436  1.00 26.20 ? 423 MET A CA  1 
ATOM   3   C C   . MET A 1 1  ? -4.757  14.357  0.773   1.00 24.79 ? 423 MET A C   1 
ATOM   4   O O   . MET A 1 1  ? -3.868  14.426  1.635   1.00 24.89 ? 423 MET A O   1 
ATOM   5   C CB  . MET A 1 1  ? -4.637  14.523  -1.747  1.00 27.84 ? 423 MET A CB  1 
ATOM   6   C CG  . MET A 1 1  ? -3.305  13.820  -1.907  1.00 30.64 ? 423 MET A CG  1 
ATOM   7   S SD  . MET A 1 1  ? -3.290  12.234  -1.048  1.00 39.03 ? 423 MET A SD  1 
ATOM   8   C CE  . MET A 1 1  ? -1.814  12.358  -0.133  1.00 34.37 ? 423 MET A CE  1 
ATOM   9   N N   . GLU A 1 2  ? -5.732  13.465  0.819   1.00 22.64 ? 424 GLU A N   1 
ATOM   10  C CA  . GLU A 1 2  ? -5.765  12.437  1.848   1.00 21.92 ? 424 GLU A CA  1 
ATOM   11  C C   . GLU A 1 2  ? -6.442  11.163  1.347   1.00 19.60 ? 424 GLU A C   1 
ATOM   12  O O   . GLU A 1 2  ? -7.215  11.178  0.372   1.00 20.44 ? 424 GLU A O   1 
ATOM   13  C CB  . GLU A 1 2  ? -6.535  12.953  3.070   1.00 23.37 ? 424 GLU A CB  1 
ATOM   14  C CG  . GLU A 1 2  ? -7.972  13.339  2.718   1.00 24.65 ? 424 GLU A CG  1 
ATOM   15  C CD  . GLU A 1 2  ? -8.791  13.690  3.932   1.00 26.12 ? 424 GLU A CD  1 
ATOM   16  O OE1 . GLU A 1 2  ? -8.234  14.343  4.820   1.00 24.00 ? 424 GLU A OE1 1 
ATOM   17  O OE2 . GLU A 1 2  ? -9.987  13.315  4.027   1.00 27.91 ? 424 GLU A OE2 1 
ATOM   18  N N   . THR A 1 3  ? -6.100  10.058  2.003   1.00 18.12 ? 425 THR A N   1 
ATOM   19  C CA  . THR A 1 3  ? -6.761  8.774   1.803   1.00 18.41 ? 425 THR A CA  1 
ATOM   20  C C   . THR A 1 3  ? -6.487  8.202   0.416   1.00 18.65 ? 425 THR A C   1 
ATOM   21  O O   . THR A 1 3  ? -7.424  7.704   -0.208  1.00 19.82 ? 425 THR A O   1 
ATOM   22  C CB  . THR A 1 3  ? -8.280  8.870   2.070   1.00 18.21 ? 425 THR A CB  1 
ATOM   23  O OG1 . THR A 1 3  ? -8.524  9.702   3.221   1.00 19.16 ? 425 THR A OG1 1 
ATOM   24  C CG2 . THR A 1 3  ? -8.858  7.496   2.353   1.00 20.01 ? 425 THR A CG2 1 
ATOM   25  N N   . ALA A 1 4  ? -5.238  8.249   -0.066  1.00 17.99 ? 426 ALA A N   1 
ATOM   26  C CA  . ALA A 1 4  ? -4.852  7.368   -1.186  1.00 18.06 ? 426 ALA A CA  1 
ATOM   27  C C   . ALA A 1 4  ? -4.666  5.987   -0.576  1.00 18.02 ? 426 ALA A C   1 
ATOM   28  O O   . ALA A 1 4  ? -3.928  5.831   0.411   1.00 19.45 ? 426 ALA A O   1 
ATOM   29  C CB  . ALA A 1 4  ? -3.579  7.855   -1.799  1.00 18.71 ? 426 ALA A CB  1 
ATOM   30  N N   . ILE A 1 5  ? -5.355  4.993   -1.107  1.00 17.14 ? 427 ILE A N   1 
ATOM   31  C CA  . ILE A 1 5  ? -5.335  3.651   -0.521  1.00 18.52 ? 427 ILE A CA  1 
ATOM   32  C C   . ILE A 1 5  ? -4.826  2.676   -1.575  1.00 18.07 ? 427 ILE A C   1 
ATOM   33  O O   . ILE A 1 5  ? -5.368  2.618   -2.702  1.00 19.34 ? 427 ILE A O   1 
ATOM   34  C CB  . ILE A 1 5  ? -6.720  3.192   -0.080  1.00 18.35 ? 427 ILE A CB  1 
ATOM   35  C CG1 . ILE A 1 5  ? -7.152  4.058   1.096   1.00 19.73 ? 427 ILE A CG1 1 
ATOM   36  C CG2 . ILE A 1 5  ? -6.740  1.692   0.294   1.00 20.27 ? 427 ILE A CG2 1 
ATOM   37  C CD1 . ILE A 1 5  ? -8.646  3.936   1.528   1.00 20.87 ? 427 ILE A CD1 1 
ATOM   38  N N   . ILE A 1 6  ? -3.819  1.884   -1.184  1.00 18.56 ? 428 ILE A N   1 
ATOM   39  C CA  . ILE A 1 6  ? -3.350  0.757   -1.952  1.00 19.57 ? 428 ILE A CA  1 
ATOM   40  C C   . ILE A 1 6  ? -3.423  -0.437  -1.009  1.00 19.21 ? 428 ILE A C   1 
ATOM   41  O O   . ILE A 1 6  ? -2.836  -0.412  0.085   1.00 20.18 ? 428 ILE A O   1 
ATOM   42  C CB  . ILE A 1 6  ? -1.892  0.981   -2.328  1.00 19.30 ? 428 ILE A CB  1 
ATOM   43  C CG1 . ILE A 1 6  ? -1.682  2.289   -3.121  1.00 21.30 ? 428 ILE A CG1 1 
ATOM   44  C CG2 . ILE A 1 6  ? -1.354  -0.226  -3.150  1.00 21.92 ? 428 ILE A CG2 1 
ATOM   45  C CD1 . ILE A 1 6  ? -0.204  2.656   -3.346  1.00 20.40 ? 428 ILE A CD1 1 
ATOM   46  N N   . THR A 1 7  ? -4.176  -1.464  -1.394  1.00 19.30 ? 429 THR A N   1 
ATOM   47  C CA  . THR A 1 7  ? -4.231  -2.666  -0.568  1.00 19.23 ? 429 THR A CA  1 
ATOM   48  C C   . THR A 1 7  ? -3.505  -3.782  -1.297  1.00 19.84 ? 429 THR A C   1 
ATOM   49  O O   . THR A 1 7  ? -3.671  -3.929  -2.540  1.00 20.12 ? 429 THR A O   1 
ATOM   50  C CB  . THR A 1 7  ? -5.686  -3.113  -0.339  1.00 20.07 ? 429 THR A CB  1 
ATOM   51  O OG1 . THR A 1 7  ? -6.373  -2.031  0.268   1.00 22.29 ? 429 THR A OG1 1 
ATOM   52  C CG2 . THR A 1 7  ? -5.767  -4.309  0.615   1.00 21.88 ? 429 THR A CG2 1 
ATOM   53  N N   . LEU A 1 8  ? -2.700  -4.526  -0.546  1.00 19.78 ? 430 LEU A N   1 
ATOM   54  C CA  . LEU A 1 8  ? -1.893  -5.624  -1.110  1.00 19.64 ? 430 LEU A CA  1 
ATOM   55  C C   . LEU A 1 8  ? -2.353  -6.940  -0.507  1.00 20.96 ? 430 LEU A C   1 
ATOM   56  O O   . LEU A 1 8  ? -2.726  -6.993  0.663   1.00 21.75 ? 430 LEU A O   1 
ATOM   57  C CB  . LEU A 1 8  ? -0.424  -5.471  -0.733  1.00 18.72 ? 430 LEU A CB  1 
ATOM   58  C CG  . LEU A 1 8  ? 0.228   -4.171  -1.174  1.00 18.89 ? 430 LEU A CG  1 
ATOM   59  C CD1 . LEU A 1 8  ? 1.688   -4.252  -0.882  1.00 19.60 ? 430 LEU A CD1 1 
ATOM   60  C CD2 . LEU A 1 8  ? 0.062   -3.907  -2.674  1.00 18.99 ? 430 LEU A CD2 1 
ATOM   61  N N   . SER A 1 9  ? -2.329  -7.990  -1.314  1.00 19.94 ? 431 SER A N   1 
ATOM   62  C CA  . SER A 1 9  ? -2.578  -9.348  -0.840  1.00 20.20 ? 431 SER A CA  1 
ATOM   63  C C   . SER A 1 9  ? -1.341  -9.851  -0.107  1.00 21.58 ? 431 SER A C   1 
ATOM   64  O O   . SER A 1 9  ? -0.289  -9.221  -0.113  1.00 21.93 ? 431 SER A O   1 
ATOM   65  C CB  . SER A 1 9  ? -2.911  -10.269 -2.006  1.00 21.47 ? 431 SER A CB  1 
ATOM   66  O OG  . SER A 1 9  ? -1.744  -10.549 -2.773  1.00 19.73 ? 431 SER A OG  1 
ATOM   67  N N   . LYS A 1 10 ? -1.453  -11.059 0.464   1.00 21.99 ? 432 LYS A N   1 
ATOM   68  C CA  . LYS A 1 10 ? -0.309  -11.674 1.155   1.00 23.68 ? 432 LYS A CA  1 
ATOM   69  C C   . LYS A 1 10 ? 0.807   -12.073 0.191   1.00 22.88 ? 432 LYS A C   1 
ATOM   70  O O   . LYS A 1 10 ? 1.933   -12.366 0.596   1.00 24.42 ? 432 LYS A O   1 
ATOM   71  C CB  . LYS A 1 10 ? -0.763  -12.879 1.986   1.00 23.39 ? 432 LYS A CB  1 
ATOM   72  C CG  . LYS A 1 10 ? -1.383  -14.002 1.196   1.00 24.66 ? 432 LYS A CG  1 
ATOM   73  C CD  . LYS A 1 10 ? -1.569  -15.245 2.102   1.00 27.46 ? 432 LYS A CD  1 
ATOM   74  C CE  . LYS A 1 10 ? -2.912  -15.319 2.697   1.00 31.81 ? 432 LYS A CE  1 
ATOM   75  N NZ  . LYS A 1 10 ? -3.515  -16.718 2.708   1.00 27.57 ? 432 LYS A NZ  1 
ATOM   76  N N   . ASP A 1 11 ? 0.512   -12.030 -1.107  1.00 21.55 ? 433 ASP A N   1 
ATOM   77  C CA  . ASP A 1 11 ? 1.557   -12.203 -2.101  1.00 22.17 ? 433 ASP A CA  1 
ATOM   78  C C   . ASP A 1 11 ? 2.086   -10.918 -2.700  1.00 21.55 ? 433 ASP A C   1 
ATOM   79  O O   . ASP A 1 11 ? 2.868   -10.967 -3.655  1.00 23.30 ? 433 ASP A O   1 
ATOM   80  C CB  . ASP A 1 11 ? 1.078   -13.139 -3.197  1.00 21.89 ? 433 ASP A CB  1 
ATOM   81  C CG  . ASP A 1 11 ? 0.692   -14.483 -2.646  1.00 23.29 ? 433 ASP A CG  1 
ATOM   82  O OD1 . ASP A 1 11 ? 1.569   -15.197 -2.130  1.00 25.25 ? 433 ASP A OD1 1 
ATOM   83  O OD2 . ASP A 1 11 ? -0.485  -14.796 -2.681  1.00 23.40 ? 433 ASP A OD2 1 
ATOM   84  N N   . GLY A 1 12 ? 1.666   -9.784  -2.167  1.00 20.36 ? 434 GLY A N   1 
ATOM   85  C CA  . GLY A 1 12 ? 2.160   -8.498  -2.638  1.00 19.99 ? 434 GLY A CA  1 
ATOM   86  C C   . GLY A 1 12 ? 1.397   -7.916  -3.807  1.00 19.54 ? 434 GLY A C   1 
ATOM   87  O O   . GLY A 1 12 ? 1.858   -6.920  -4.395  1.00 19.95 ? 434 GLY A O   1 
ATOM   88  N N   . ARG A 1 13 ? 0.267   -8.508  -4.178  1.00 19.58 ? 435 ARG A N   1 
ATOM   89  C CA  . ARG A 1 13 ? -0.531  -8.062  -5.328  1.00 19.60 ? 435 ARG A CA  1 
ATOM   90  C C   . ARG A 1 13 ? -1.513  -6.986  -4.960  1.00 19.18 ? 435 ARG A C   1 
ATOM   91  O O   . ARG A 1 13 ? -2.183  -7.050  -3.932  1.00 18.85 ? 435 ARG A O   1 
ATOM   92  C CB  . ARG A 1 13 ? -1.324  -9.225  -5.921  1.00 20.25 ? 435 ARG A CB  1 
ATOM   93  C CG  . ARG A 1 13 ? -0.385  -10.336 -6.278  1.00 24.72 ? 435 ARG A CG  1 
ATOM   94  C CD  . ARG A 1 13 ? -0.915  -11.243 -7.285  1.00 25.99 ? 435 ARG A CD  1 
ATOM   95  N NE  . ARG A 1 13 ? 0.161   -12.189 -7.628  1.00 27.59 ? 435 ARG A NE  1 
ATOM   96  C CZ  . ARG A 1 13 ? 1.053   -12.056 -8.604  1.00 27.33 ? 435 ARG A CZ  1 
ATOM   97  N NH1 . ARG A 1 13 ? 1.057   -10.995 -9.430  1.00 27.95 ? 435 ARG A NH1 1 
ATOM   98  N NH2 . ARG A 1 13 ? 1.957   -13.025 -8.783  1.00 28.02 ? 435 ARG A NH2 1 
ATOM   99  N N   . ILE A 1 14 ? -1.676  -6.053  -5.885  1.00 18.51 ? 436 ILE A N   1 
ATOM   100 C CA  . ILE A 1 14 ? -2.571  -4.939  -5.634  1.00 18.76 ? 436 ILE A CA  1 
ATOM   101 C C   . ILE A 1 14 ? -4.013  -5.432  -5.778  1.00 18.62 ? 436 ILE A C   1 
ATOM   102 O O   . ILE A 1 14 ? -4.468  -5.857  -6.860  1.00 18.91 ? 436 ILE A O   1 
ATOM   103 C CB  . ILE A 1 14 ? -2.295  -3.754  -6.597  1.00 18.25 ? 436 ILE A CB  1 
ATOM   104 C CG1 . ILE A 1 14 ? -0.945  -3.149  -6.307  1.00 20.49 ? 436 ILE A CG1 1 
ATOM   105 C CG2 . ILE A 1 14 ? -3.367  -2.675  -6.474  1.00 18.68 ? 436 ILE A CG2 1 
ATOM   106 C CD1 . ILE A 1 14 ? -0.425  -2.325  -7.496  1.00 18.17 ? 436 ILE A CD1 1 
ATOM   107 N N   . THR A 1 15 ? -4.767  -5.331  -4.678  1.00 18.52 ? 437 THR A N   1 
ATOM   108 C CA  . THR A 1 15 ? -6.166  -5.744  -4.696  1.00 19.37 ? 437 THR A CA  1 
ATOM   109 C C   . THR A 1 15 ? -7.109  -4.578  -4.573  1.00 19.57 ? 437 THR A C   1 
ATOM   110 O O   . THR A 1 15 ? -8.301  -4.725  -4.881  1.00 20.15 ? 437 THR A O   1 
ATOM   111 C CB  . THR A 1 15 ? -6.492  -6.758  -3.597  1.00 20.54 ? 437 THR A CB  1 
ATOM   112 O OG1 . THR A 1 15 ? -6.226  -6.140  -2.333  1.00 21.90 ? 437 THR A OG1 1 
ATOM   113 C CG2 . THR A 1 15 ? -5.651  -8.016  -3.770  1.00 21.14 ? 437 THR A CG2 1 
ATOM   114 N N   . GLU A 1 16 ? -6.611  -3.425  -4.125  1.00 19.42 ? 438 GLU A N   1 
ATOM   115 C CA  . GLU A 1 16 ? -7.395  -2.174  -4.088  1.00 20.55 ? 438 GLU A CA  1 
ATOM   116 C C   . GLU A 1 16 ? -6.501  -1.001  -4.489  1.00 19.07 ? 438 GLU A C   1 
ATOM   117 O O   . GLU A 1 16 ? -5.334  -0.991  -4.123  1.00 18.12 ? 438 GLU A O   1 
ATOM   118 C CB  . GLU A 1 16 ? -8.036  -1.927  -2.687  1.00 21.18 ? 438 GLU A CB  1 
ATOM   119 C CG  . GLU A 1 16 ? -8.959  -3.066  -2.170  1.00 24.75 ? 438 GLU A CG  1 
ATOM   120 C CD  . GLU A 1 16 ? -9.644  -2.780  -0.829  1.00 25.76 ? 438 GLU A CD  1 
ATOM   121 O OE1 . GLU A 1 16 ? -9.028  -2.245  0.123   1.00 27.89 ? 438 GLU A OE1 1 
ATOM   122 O OE2 . GLU A 1 16 ? -10.842 -3.113  -0.760  1.00 31.26 ? 438 GLU A OE2 1 
ATOM   123 N N   . TRP A 1 17 ? -7.064  -0.031  -5.208  1.00 19.16 ? 439 TRP A N   1 
ATOM   124 C CA  . TRP A 1 17 ? -6.339  1.151   -5.642  1.00 18.54 ? 439 TRP A CA  1 
ATOM   125 C C   . TRP A 1 17 ? -7.400  2.191   -5.904  1.00 19.67 ? 439 TRP A C   1 
ATOM   126 O O   . TRP A 1 17 ? -8.076  2.166   -6.922  1.00 20.60 ? 439 TRP A O   1 
ATOM   127 C CB  . TRP A 1 17 ? -5.560  0.829   -6.908  1.00 17.58 ? 439 TRP A CB  1 
ATOM   128 C CG  . TRP A 1 17 ? -4.687  1.919   -7.476  1.00 18.42 ? 439 TRP A CG  1 
ATOM   129 C CD1 . TRP A 1 17 ? -5.084  2.948   -8.302  1.00 20.01 ? 439 TRP A CD1 1 
ATOM   130 C CD2 . TRP A 1 17 ? -3.263  2.043   -7.337  1.00 17.67 ? 439 TRP A CD2 1 
ATOM   131 N NE1 . TRP A 1 17 ? -3.993  3.705   -8.671  1.00 20.85 ? 439 TRP A NE1 1 
ATOM   132 C CE2 . TRP A 1 17 ? -2.861  3.170   -8.089  1.00 18.63 ? 439 TRP A CE2 1 
ATOM   133 C CE3 . TRP A 1 17 ? -2.286  1.301   -6.657  1.00 18.60 ? 439 TRP A CE3 1 
ATOM   134 C CZ2 . TRP A 1 17 ? -1.512  3.573   -8.175  1.00 20.47 ? 439 TRP A CZ2 1 
ATOM   135 C CZ3 . TRP A 1 17 ? -0.941  1.681   -6.774  1.00 20.17 ? 439 TRP A CZ3 1 
ATOM   136 C CH2 . TRP A 1 17 ? -0.575  2.821   -7.505  1.00 20.37 ? 439 TRP A CH2 1 
ATOM   137 N N   . ASN A 1 18 ? -7.576  3.090   -4.947  1.00 18.88 ? 440 ASN A N   1 
ATOM   138 C CA  . ASN A 1 18 ? -8.764  3.928   -4.982  1.00 18.33 ? 440 ASN A CA  1 
ATOM   139 C C   . ASN A 1 18 ? -8.547  5.155   -5.866  1.00 18.89 ? 440 ASN A C   1 
ATOM   140 O O   . ASN A 1 18 ? -7.451  5.368   -6.454  1.00 19.64 ? 440 ASN A O   1 
ATOM   141 C CB  . ASN A 1 18 ? -9.261  4.310   -3.564  1.00 18.51 ? 440 ASN A CB  1 
ATOM   142 C CG  . ASN A 1 18 ? -8.368  5.303   -2.871  1.00 19.25 ? 440 ASN A CG  1 
ATOM   143 O OD1 . ASN A 1 18 ? -7.236  5.588   -3.290  1.00 18.72 ? 440 ASN A OD1 1 
ATOM   144 N ND2 . ASN A 1 18 ? -8.888  5.873   -1.767  1.00 18.82 ? 440 ASN A ND2 1 
ATOM   145 N N   . LYS A 1 19 ? -9.609  5.962   -5.998  1.00 19.57 ? 441 LYS A N   1 
ATOM   146 C CA  . LYS A 1 19 ? -9.536  7.117   -6.855  1.00 21.06 ? 441 LYS A CA  1 
ATOM   147 C C   . LYS A 1 19 ? -8.503  8.151   -6.388  1.00 20.30 ? 441 LYS A C   1 
ATOM   148 O O   . LYS A 1 19 ? -7.877  8.794   -7.225  1.00 20.22 ? 441 LYS A O   1 
ATOM   149 C CB  . LYS A 1 19 ? -10.925 7.743   -7.052  1.00 22.14 ? 441 LYS A CB  1 
ATOM   150 C CG  . LYS A 1 19 ? -11.842 6.882   -7.922  1.00 26.48 ? 441 LYS A CG  1 
ATOM   151 C CD  . LYS A 1 19 ? -11.828 7.322   -9.391  1.00 34.31 ? 441 LYS A CD  1 
ATOM   152 C CE  . LYS A 1 19 ? -12.197 6.147   -10.313 1.00 36.93 ? 441 LYS A CE  1 
ATOM   153 N NZ  . LYS A 1 19 ? -11.668 6.357   -11.694 1.00 38.03 ? 441 LYS A NZ  1 
ATOM   154 N N   . LYS A 1 20 ? -8.264  8.263   -5.078  1.00 20.57 ? 442 LYS A N   1 
ATOM   155 C CA  . LYS A 1 20 ? -7.225  9.151   -4.548  1.00 19.82 ? 442 LYS A CA  1 
ATOM   156 C C   . LYS A 1 20 ? -5.843  8.676   -4.970  1.00 19.92 ? 442 LYS A C   1 
ATOM   157 O O   . LYS A 1 20 ? -4.986  9.481   -5.295  1.00 20.21 ? 442 LYS A O   1 
ATOM   158 C CB  . LYS A 1 20 ? -7.339  9.316   -3.024  1.00 19.51 ? 442 LYS A CB  1 
ATOM   159 C CG  . LYS A 1 20 ? -8.580  10.131  -2.605  1.00 21.18 ? 442 LYS A CG  1 
ATOM   160 C CD  . LYS A 1 20 ? -8.446  11.634  -2.948  1.00 22.37 ? 442 LYS A CD  1 
ATOM   161 C CE  . LYS A 1 20 ? -9.678  12.393  -2.426  1.00 23.16 ? 442 LYS A CE  1 
ATOM   162 N NZ  . LYS A 1 20 ? -9.648  12.409  -0.951  1.00 22.63 ? 442 LYS A NZ  1 
ATOM   163 N N   . ALA A 1 21 ? -5.650  7.364   -4.968  1.00 18.76 ? 443 ALA A N   1 
ATOM   164 C CA  . ALA A 1 21 ? -4.373  6.813   -5.463  1.00 18.86 ? 443 ALA A CA  1 
ATOM   165 C C   . ALA A 1 21 ? -4.184  7.071   -6.956  1.00 18.95 ? 443 ALA A C   1 
ATOM   166 O O   . ALA A 1 21 ? -3.087  7.416   -7.402  1.00 19.67 ? 443 ALA A O   1 
ATOM   167 C CB  . ALA A 1 21 ? -4.260  5.313   -5.140  1.00 18.42 ? 443 ALA A CB  1 
ATOM   168 N N   . GLU A 1 22 ? -5.280  6.993   -7.706  1.00 20.25 ? 444 GLU A N   1 
ATOM   169 C CA  . GLU A 1 22 ? -5.251  7.358   -9.147  1.00 21.72 ? 444 GLU A CA  1 
ATOM   170 C C   . GLU A 1 22 ? -4.815  8.804   -9.337  1.00 21.93 ? 444 GLU A C   1 
ATOM   171 O O   . GLU A 1 22 ? -3.968  9.099   -10.191 1.00 22.40 ? 444 GLU A O   1 
ATOM   172 C CB  . GLU A 1 22 ? -6.601  7.127   -9.817  1.00 21.58 ? 444 GLU A CB  1 
ATOM   173 C CG  . GLU A 1 22 ? -7.002  5.665   -9.916  1.00 21.66 ? 444 GLU A CG  1 
ATOM   174 C CD  . GLU A 1 22 ? -8.338  5.452   -10.606 1.00 24.47 ? 444 GLU A CD  1 
ATOM   175 O OE1 . GLU A 1 22 ? -9.087  6.446   -10.726 1.00 28.60 ? 444 GLU A OE1 1 
ATOM   176 O OE2 . GLU A 1 22 ? -8.655  4.309   -11.014 1.00 23.09 ? 444 GLU A OE2 1 
ATOM   177 N N   . GLN A 1 23 ? -5.389  9.697   -8.550  1.00 23.02 ? 445 GLN A N   1 
ATOM   178 C CA  . GLN A 1 23 ? -5.093  11.126  -8.638  1.00 25.21 ? 445 GLN A CA  1 
ATOM   179 C C   . GLN A 1 23 ? -3.675  11.459  -8.185  1.00 24.59 ? 445 GLN A C   1 
ATOM   180 O O   . GLN A 1 23 ? -3.001  12.294  -8.814  1.00 26.11 ? 445 GLN A O   1 
ATOM   181 C CB  . GLN A 1 23 ? -6.129  11.940  -7.845  1.00 25.24 ? 445 GLN A CB  1 
ATOM   182 C CG  . GLN A 1 23 ? -7.530  11.852  -8.443  1.00 28.89 ? 445 GLN A CG  1 
ATOM   183 C CD  . GLN A 1 23 ? -8.623  12.379  -7.514  1.00 30.17 ? 445 GLN A CD  1 
ATOM   184 O OE1 . GLN A 1 23 ? -9.811  12.359  -7.862  1.00 39.60 ? 445 GLN A OE1 1 
ATOM   185 N NE2 . GLN A 1 23 ? -8.231  12.879  -6.339  1.00 35.11 ? 445 GLN A NE2 1 
ATOM   186 N N   . LEU A 1 24 ? -3.200  10.777  -7.154  1.00 23.02 ? 446 LEU A N   1 
ATOM   187 C CA  . LEU A 1 24 ? -1.912  11.054  -6.565  1.00 22.58 ? 446 LEU A CA  1 
ATOM   188 C C   . LEU A 1 24 ? -0.812  10.512  -7.459  1.00 22.59 ? 446 LEU A C   1 
ATOM   189 O O   . LEU A 1 24 ? 0.224   11.172  -7.695  1.00 23.12 ? 446 LEU A O   1 
ATOM   190 C CB  . LEU A 1 24 ? -1.802  10.426  -5.175  1.00 22.79 ? 446 LEU A CB  1 
ATOM   191 C CG  . LEU A 1 24 ? -0.481  10.689  -4.461  1.00 22.20 ? 446 LEU A CG  1 
ATOM   192 C CD1 . LEU A 1 24 ? -0.167  12.183  -4.351  1.00 24.47 ? 446 LEU A CD1 1 
ATOM   193 C CD2 . LEU A 1 24 ? -0.474  10.013  -3.098  1.00 24.91 ? 446 LEU A CD2 1 
ATOM   194 N N   . PHE A 1 25 ? -1.021  9.302   -7.976  1.00 21.89 ? 447 PHE A N   1 
ATOM   195 C CA  . PHE A 1 25 ? 0.068   8.609   -8.686  1.00 21.87 ? 447 PHE A CA  1 
ATOM   196 C C   . PHE A 1 25 ? -0.055  8.584   -10.213 1.00 22.52 ? 447 PHE A C   1 
ATOM   197 O O   . PHE A 1 25 ? 0.903   8.242   -10.913 1.00 24.22 ? 447 PHE A O   1 
ATOM   198 C CB  . PHE A 1 25 ? 0.187   7.196   -8.138  1.00 22.58 ? 447 PHE A CB  1 
ATOM   199 C CG  . PHE A 1 25 ? 0.589   7.144   -6.701  1.00 23.30 ? 447 PHE A CG  1 
ATOM   200 C CD1 . PHE A 1 25 ? 1.807   7.696   -6.286  1.00 26.02 ? 447 PHE A CD1 1 
ATOM   201 C CD2 . PHE A 1 25 ? -0.215  6.514   -5.776  1.00 23.61 ? 447 PHE A CD2 1 
ATOM   202 C CE1 . PHE A 1 25 ? 2.201   7.624   -4.968  1.00 27.74 ? 447 PHE A CE1 1 
ATOM   203 C CE2 . PHE A 1 25 ? 0.175   6.464   -4.450  1.00 25.46 ? 447 PHE A CE2 1 
ATOM   204 C CZ  . PHE A 1 25 ? 1.378   7.026   -4.044  1.00 25.89 ? 447 PHE A CZ  1 
ATOM   205 N N   . GLY A 1 26 ? -1.227  8.931   -10.727 1.00 22.27 ? 448 GLY A N   1 
ATOM   206 C CA  . GLY A 1 26 ? -1.465  9.023   -12.175 1.00 23.29 ? 448 GLY A CA  1 
ATOM   207 C C   . GLY A 1 26 ? -1.605  7.701   -12.892 1.00 23.46 ? 448 GLY A C   1 
ATOM   208 O O   . GLY A 1 26 ? -1.397  7.619   -14.126 1.00 24.63 ? 448 GLY A O   1 
ATOM   209 N N   . LEU A 1 27 ? -1.928  6.653   -12.127 1.00 23.37 ? 449 LEU A N   1 
ATOM   210 C CA  . LEU A 1 27 ? -2.153  5.306   -12.664 1.00 23.53 ? 449 LEU A CA  1 
ATOM   211 C C   . LEU A 1 27 ? -3.605  4.914   -12.379 1.00 23.40 ? 449 LEU A C   1 
ATOM   212 O O   . LEU A 1 27 ? -4.097  5.105   -11.241 1.00 22.74 ? 449 LEU A O   1 
ATOM   213 C CB  . LEU A 1 27 ? -1.190  4.277   -12.027 1.00 23.39 ? 449 LEU A CB  1 
ATOM   214 C CG  . LEU A 1 27 ? 0.337   4.491   -12.142 1.00 24.26 ? 449 LEU A CG  1 
ATOM   215 C CD1 . LEU A 1 27 ? 1.100   3.449   -11.343 1.00 26.83 ? 449 LEU A CD1 1 
ATOM   216 C CD2 . LEU A 1 27 ? 0.817   4.510   -13.607 1.00 26.21 ? 449 LEU A CD2 1 
ATOM   217 N N   . LYS A 1 28 ? -4.287  4.380   -13.399 1.00 23.65 ? 450 LYS A N   1 
ATOM   218 C CA  . LYS A 1 28 ? -5.648  3.909   -13.220 1.00 23.85 ? 450 LYS A CA  1 
ATOM   219 C C   . LYS A 1 28 ? -5.669  2.556   -12.505 1.00 22.21 ? 450 LYS A C   1 
ATOM   220 O O   . LYS A 1 28 ? -4.769  1.720   -12.708 1.00 22.86 ? 450 LYS A O   1 
ATOM   221 C CB  . LYS A 1 28 ? -6.357  3.821   -14.567 1.00 24.98 ? 450 LYS A CB  1 
ATOM   222 C CG  . LYS A 1 28 ? -6.814  5.173   -15.064 1.00 28.97 ? 450 LYS A CG  1 
ATOM   223 C CD  . LYS A 1 28 ? -7.291  5.080   -16.501 1.00 35.30 ? 450 LYS A CD  1 
ATOM   224 C CE  . LYS A 1 28 ? -7.892  6.411   -16.948 1.00 38.09 ? 450 LYS A CE  1 
ATOM   225 N NZ  . LYS A 1 28 ? -8.605  6.271   -18.252 1.00 40.58 ? 450 LYS A NZ  1 
ATOM   226 N N   . LYS A 1 29 ? -6.700  2.325   -11.692 1.00 21.25 ? 451 LYS A N   1 
ATOM   227 C CA  . LYS A 1 29 ? -6.852  1.051   -11.013 1.00 21.30 ? 451 LYS A CA  1 
ATOM   228 C C   . LYS A 1 29 ? -6.729  -0.157  -11.943 1.00 21.51 ? 451 LYS A C   1 
ATOM   229 O O   . LYS A 1 29 ? -6.071  -1.140  -11.630 1.00 21.40 ? 451 LYS A O   1 
ATOM   230 C CB  . LYS A 1 29 ? -8.194  1.069   -10.244 1.00 21.46 ? 451 LYS A CB  1 
ATOM   231 C CG  . LYS A 1 29 ? -8.581  -0.215  -9.602  1.00 25.53 ? 451 LYS A CG  1 
ATOM   232 C CD  . LYS A 1 29 ? -9.880  -0.049  -8.836  1.00 28.07 ? 451 LYS A CD  1 
ATOM   233 C CE  . LYS A 1 29 ? -10.230 -1.363  -8.194  1.00 31.85 ? 451 LYS A CE  1 
ATOM   234 N NZ  . LYS A 1 29 ? -11.600 -1.321  -7.625  1.00 35.45 ? 451 LYS A NZ  1 
ATOM   235 N N   . GLU A 1 30 ? -7.374  -0.076  -13.101 1.00 21.47 ? 452 GLU A N   1 
ATOM   236 C CA  . GLU A 1 30 ? -7.397  -1.220  -14.006 1.00 22.18 ? 452 GLU A CA  1 
ATOM   237 C C   . GLU A 1 30 ? -6.015  -1.508  -14.579 1.00 21.40 ? 452 GLU A C   1 
ATOM   238 O O   . GLU A 1 30 ? -5.723  -2.628  -15.026 1.00 23.01 ? 452 GLU A O   1 
ATOM   239 C CB  . GLU A 1 30 ? -8.415  -0.995  -15.120 1.00 22.90 ? 452 GLU A CB  1 
ATOM   240 C CG  . GLU A 1 30 ? -8.189  0.279   -15.908 1.00 28.02 ? 452 GLU A CG  1 
ATOM   241 C CD  . GLU A 1 30 ? -9.014  1.469   -15.403 1.00 31.41 ? 452 GLU A CD  1 
ATOM   242 O OE1 . GLU A 1 30 ? -9.401  1.538   -14.193 1.00 28.52 ? 452 GLU A OE1 1 
ATOM   243 O OE2 . GLU A 1 30 ? -9.297  2.344   -16.261 1.00 35.15 ? 452 GLU A OE2 1 
ATOM   244 N N   . ASN A 1 31 ? -5.151  -0.505  -14.532 1.00 21.49 ? 453 ASN A N   1 
ATOM   245 C CA  . ASN A 1 31 ? -3.790  -0.687  -15.012 1.00 21.03 ? 453 ASN A CA  1 
ATOM   246 C C   . ASN A 1 31 ? -2.820  -1.305  -13.997 1.00 20.29 ? 453 ASN A C   1 
ATOM   247 O O   . ASN A 1 31 ? -1.733  -1.775  -14.381 1.00 20.71 ? 453 ASN A O   1 
ATOM   248 C CB  . ASN A 1 31 ? -3.285  0.652   -15.551 1.00 23.22 ? 453 ASN A CB  1 
ATOM   249 C CG  . ASN A 1 31 ? -4.046  1.084   -16.817 1.00 24.58 ? 453 ASN A CG  1 
ATOM   250 O OD1 . ASN A 1 31 ? -4.306  2.260   -17.022 1.00 33.54 ? 453 ASN A OD1 1 
ATOM   251 N ND2 . ASN A 1 31 ? -4.428  0.119   -17.637 1.00 29.81 ? 453 ASN A ND2 1 
ATOM   252 N N   . VAL A 1 32 ? -3.227  -1.356  -12.725 1.00 19.45 ? 454 VAL A N   1 
ATOM   253 C CA  . VAL A 1 32 ? -2.343  -1.898  -11.691 1.00 19.88 ? 454 VAL A CA  1 
ATOM   254 C C   . VAL A 1 32 ? -2.937  -3.096  -10.932 1.00 18.95 ? 454 VAL A C   1 
ATOM   255 O O   . VAL A 1 32 ? -2.216  -3.873  -10.288 1.00 18.88 ? 454 VAL A O   1 
ATOM   256 C CB  . VAL A 1 32 ? -1.877  -0.803  -10.681 1.00 21.00 ? 454 VAL A CB  1 
ATOM   257 C CG1 . VAL A 1 32 ? -1.013  0.262   -11.397 1.00 21.20 ? 454 VAL A CG1 1 
ATOM   258 C CG2 . VAL A 1 32 ? -3.066  -0.174  -9.948  1.00 21.71 ? 454 VAL A CG2 1 
ATOM   259 N N   . LEU A 1 33 ? -4.249  -3.257  -10.993 1.00 19.26 ? 455 LEU A N   1 
ATOM   260 C CA  . LEU A 1 33 ? -4.866  -4.310  -10.216 1.00 19.10 ? 455 LEU A CA  1 
ATOM   261 C C   . LEU A 1 33 ? -4.286  -5.668  -10.568 1.00 18.77 ? 455 LEU A C   1 
ATOM   262 O O   . LEU A 1 33 ? -4.110  -5.981  -11.755 1.00 19.25 ? 455 LEU A O   1 
ATOM   263 C CB  A LEU A 1 33 ? -6.352  -4.304  -10.544 0.50 20.60 ? 455 LEU A CB  1 
ATOM   264 C CB  B LEU A 1 33 ? -6.381  -4.364  -10.420 0.50 21.03 ? 455 LEU A CB  1 
ATOM   265 C CG  A LEU A 1 33 ? -7.246  -5.088  -9.606  0.50 19.16 ? 455 LEU A CG  1 
ATOM   266 C CG  B LEU A 1 33 ? -7.294  -3.500  -9.560  0.50 21.50 ? 455 LEU A CG  1 
ATOM   267 C CD1 A LEU A 1 33 ? -7.376  -4.440  -8.234  0.50 19.02 ? 455 LEU A CD1 1 
ATOM   268 C CD1 B LEU A 1 33 ? -8.705  -3.963  -9.809  0.50 22.25 ? 455 LEU A CD1 1 
ATOM   269 C CD2 A LEU A 1 33 ? -8.615  -5.189  -10.261 0.50 20.90 ? 455 LEU A CD2 1 
ATOM   270 C CD2 B LEU A 1 33 ? -7.006  -3.535  -8.048  0.50 20.81 ? 455 LEU A CD2 1 
ATOM   271 N N   . GLY A 1 34 ? -3.981  -6.472  -9.553  1.00 17.63 ? 456 GLY A N   1 
ATOM   272 C CA  . GLY A 1 34 ? -3.442  -7.789  -9.769  1.00 18.48 ? 456 GLY A CA  1 
ATOM   273 C C   . GLY A 1 34 ? -1.932  -7.845  -9.854  1.00 18.39 ? 456 GLY A C   1 
ATOM   274 O O   . GLY A 1 34 ? -1.355  -8.921  -9.775  1.00 20.82 ? 456 GLY A O   1 
ATOM   275 N N   . ARG A 1 35 ? -1.282  -6.704  -10.009 1.00 18.25 ? 457 ARG A N   1 
ATOM   276 C CA  . ARG A 1 35 ? 0.174   -6.688  -10.188 1.00 18.51 ? 457 ARG A CA  1 
ATOM   277 C C   . ARG A 1 35 ? 0.891   -6.566  -8.849  1.00 18.19 ? 457 ARG A C   1 
ATOM   278 O O   . ARG A 1 35 ? 0.314   -6.045  -7.867  1.00 18.49 ? 457 ARG A O   1 
ATOM   279 C CB  . ARG A 1 35 ? 0.584   -5.547  -11.107 1.00 18.13 ? 457 ARG A CB  1 
ATOM   280 C CG  . ARG A 1 35 ? -0.156  -5.582  -12.431 1.00 17.73 ? 457 ARG A CG  1 
ATOM   281 C CD  . ARG A 1 35 ? 0.243   -4.441  -13.322 1.00 17.42 ? 457 ARG A CD  1 
ATOM   282 N NE  . ARG A 1 35 ? -0.489  -4.465  -14.597 1.00 17.72 ? 457 ARG A NE  1 
ATOM   283 C CZ  . ARG A 1 35 ? -0.071  -5.116  -15.669 1.00 16.52 ? 457 ARG A CZ  1 
ATOM   284 N NH1 . ARG A 1 35 ? 1.077   -5.810  -15.634 1.00 16.56 ? 457 ARG A NH1 1 
ATOM   285 N NH2 . ARG A 1 35 ? -0.773  -5.066  -16.804 1.00 17.35 ? 457 ARG A NH2 1 
ATOM   286 N N   . ARG A 1 36 ? 2.138   -7.033  -8.818  1.00 18.87 ? 458 ARG A N   1 
ATOM   287 C CA  . ARG A 1 36 ? 2.912   -6.812  -7.609  1.00 19.26 ? 458 ARG A CA  1 
ATOM   288 C C   . ARG A 1 36 ? 3.311   -5.371  -7.477  1.00 20.07 ? 458 ARG A C   1 
ATOM   289 O O   . ARG A 1 36 ? 3.885   -4.807  -8.391  1.00 19.59 ? 458 ARG A O   1 
ATOM   290 C CB  A ARG A 1 36 ? 4.018   -7.813  -7.375  0.50 21.17 ? 458 ARG A CB  1 
ATOM   291 C CB  B ARG A 1 36 ? 4.222   -7.612  -7.685  0.50 19.67 ? 458 ARG A CB  1 
ATOM   292 C CG  A ARG A 1 36 ? 3.475   -8.854  -6.428  0.50 22.04 ? 458 ARG A CG  1 
ATOM   293 C CG  B ARG A 1 36 ? 4.040   -9.111  -7.684  0.50 18.97 ? 458 ARG A CG  1 
ATOM   294 C CD  A ARG A 1 36 ? 4.548   -9.511  -5.760  0.50 21.50 ? 458 ARG A CD  1 
ATOM   295 C CD  B ARG A 1 36 ? 3.674   -9.678  -6.278  0.50 11.95 ? 458 ARG A CD  1 
ATOM   296 N NE  A ARG A 1 36 ? 4.720   -10.829 -6.365  0.50 21.97 ? 458 ARG A NE  1 
ATOM   297 N NE  B ARG A 1 36 ? 3.423   -11.125 -6.332  0.50 29.28 ? 458 ARG A NE  1 
ATOM   298 C CZ  A ARG A 1 36 ? 5.192   -11.098 -7.580  0.50 29.24 ? 458 ARG A CZ  1 
ATOM   299 C CZ  B ARG A 1 36 ? 4.309   -12.064 -6.026  0.50 29.75 ? 458 ARG A CZ  1 
ATOM   300 N NH1 A ARG A 1 36 ? 5.565   -10.143 -8.407  0.50 29.73 ? 458 ARG A NH1 1 
ATOM   301 N NH1 B ARG A 1 36 ? 5.530   -11.732 -5.614  0.50 33.88 ? 458 ARG A NH1 1 
ATOM   302 N NH2 A ARG A 1 36 ? 5.269   -12.363 -7.975  0.50 30.73 ? 458 ARG A NH2 1 
ATOM   303 N NH2 B ARG A 1 36 ? 3.967   -13.348 -6.100  0.50 33.97 ? 458 ARG A NH2 1 
ATOM   304 N N   . LEU A 1 37 ? 3.019   -4.762  -6.332  1.00 18.28 ? 459 LEU A N   1 
ATOM   305 C CA  . LEU A 1 37 ? 3.384   -3.365  -6.116  1.00 18.75 ? 459 LEU A CA  1 
ATOM   306 C C   . LEU A 1 37 ? 4.864   -3.131  -6.337  1.00 19.58 ? 459 LEU A C   1 
ATOM   307 O O   . LEU A 1 37 ? 5.248   -2.104  -6.910  1.00 19.48 ? 459 LEU A O   1 
ATOM   308 C CB  . LEU A 1 37 ? 3.013   -2.901  -4.685  1.00 18.84 ? 459 LEU A CB  1 
ATOM   309 C CG  . LEU A 1 37 ? 3.269   -1.408  -4.447  1.00 19.12 ? 459 LEU A CG  1 
ATOM   310 C CD1 . LEU A 1 37 ? 2.354   -0.531  -5.310  1.00 19.06 ? 459 LEU A CD1 1 
ATOM   311 C CD2 . LEU A 1 37 ? 3.007   -1.048  -2.988  1.00 20.41 ? 459 LEU A CD2 1 
ATOM   312 N N   . LYS A 1 38 ? 5.670   -4.080  -5.885  1.00 19.99 ? 460 LYS A N   1 
ATOM   313 C CA  . LYS A 1 38 ? 7.113   -3.912  -5.928  1.00 22.53 ? 460 LYS A CA  1 
ATOM   314 C C   . LYS A 1 38 ? 7.628   -3.899  -7.364  1.00 21.49 ? 460 LYS A C   1 
ATOM   315 O O   . LYS A 1 38 ? 8.791   -3.511  -7.590  1.00 23.46 ? 460 LYS A O   1 
ATOM   316 C CB  . LYS A 1 38 ? 7.824   -4.978  -5.082  1.00 22.48 ? 460 LYS A CB  1 
ATOM   317 C CG  . LYS A 1 38 ? 7.645   -6.395  -5.520  1.00 26.85 ? 460 LYS A CG  1 
ATOM   318 C CD  . LYS A 1 38 ? 8.449   -7.391  -4.653  1.00 28.42 ? 460 LYS A CD  1 
ATOM   319 C CE  . LYS A 1 38 ? 8.129   -8.829  -5.055  1.00 36.81 ? 460 LYS A CE  1 
ATOM   320 N NZ  . LYS A 1 38 ? 8.731   -9.875  -4.161  1.00 39.72 ? 460 LYS A NZ  1 
ATOM   321 N N   . ASP A 1 39 ? 6.796   -4.328  -8.326  1.00 20.03 ? 461 ASP A N   1 
ATOM   322 C CA  . ASP A 1 39 ? 7.197   -4.281  -9.753  1.00 19.72 ? 461 ASP A CA  1 
ATOM   323 C C   . ASP A 1 39 ? 7.034   -2.904  -10.344 1.00 20.17 ? 461 ASP A C   1 
ATOM   324 O O   . ASP A 1 39 ? 7.519   -2.634  -11.445 1.00 19.93 ? 461 ASP A O   1 
ATOM   325 C CB  . ASP A 1 39 ? 6.398   -5.254  -10.626 1.00 19.86 ? 461 ASP A CB  1 
ATOM   326 C CG  . ASP A 1 39 ? 6.797   -6.697  -10.456 1.00 18.44 ? 461 ASP A CG  1 
ATOM   327 O OD1 . ASP A 1 39 ? 7.913   -7.009  -9.989  1.00 23.56 ? 461 ASP A OD1 1 
ATOM   328 O OD2 . ASP A 1 39 ? 5.968   -7.564  -10.832 1.00 19.21 ? 461 ASP A OD2 1 
ATOM   329 N N   . LEU A 1 40 ? 6.387   -2.003  -9.638  1.00 19.94 ? 462 LEU A N   1 
ATOM   330 C CA  . LEU A 1 40 ? 6.163   -0.658  -10.158 1.00 21.32 ? 462 LEU A CA  1 
ATOM   331 C C   . LEU A 1 40 ? 7.332   0.214   -9.746  1.00 23.00 ? 462 LEU A C   1 
ATOM   332 O O   . LEU A 1 40 ? 7.601   0.338   -8.535  1.00 23.46 ? 462 LEU A O   1 
ATOM   333 C CB  . LEU A 1 40 ? 4.831   -0.061  -9.646  1.00 21.03 ? 462 LEU A CB  1 
ATOM   334 C CG  . LEU A 1 40 ? 3.560   -0.883  -9.915  1.00 21.18 ? 462 LEU A CG  1 
ATOM   335 C CD1 . LEU A 1 40 ? 2.308   -0.102  -9.488  1.00 24.87 ? 462 LEU A CD1 1 
ATOM   336 C CD2 . LEU A 1 40 ? 3.456   -1.312  -11.394 1.00 26.28 ? 462 LEU A CD2 1 
ATOM   337 N N   . PRO A 1 41 ? 8.041   0.801   -10.750 1.00 24.95 ? 463 PRO A N   1 
ATOM   338 C CA  . PRO A 1 41 ? 9.120   1.744   -10.497 1.00 25.88 ? 463 PRO A CA  1 
ATOM   339 C C   . PRO A 1 41 ? 8.596   2.823   -9.583  1.00 26.18 ? 463 PRO A C   1 
ATOM   340 O O   . PRO A 1 41 ? 7.536   3.418   -9.836  1.00 28.15 ? 463 PRO A O   1 
ATOM   341 C CB  . PRO A 1 41 ? 9.423   2.319   -11.885 1.00 25.67 ? 463 PRO A CB  1 
ATOM   342 C CG  . PRO A 1 41 ? 9.053   1.229   -12.818 1.00 25.84 ? 463 PRO A CG  1 
ATOM   343 C CD  . PRO A 1 41 ? 7.814   0.622   -12.199 1.00 24.63 ? 463 PRO A CD  1 
ATOM   344 N N   . ASP A 1 42 ? 9.322   3.012   -8.501  1.00 26.84 ? 464 ASP A N   1 
ATOM   345 C CA  . ASP A 1 42 ? 9.050   4.092   -7.534  1.00 26.76 ? 464 ASP A CA  1 
ATOM   346 C C   . ASP A 1 42 ? 8.361   3.538   -6.304  1.00 25.81 ? 464 ASP A C   1 
ATOM   347 O O   . ASP A 1 42 ? 8.301   4.225   -5.283  1.00 24.69 ? 464 ASP A O   1 
ATOM   348 C CB  . ASP A 1 42 ? 8.155   5.237   -8.101  1.00 27.50 ? 464 ASP A CB  1 
ATOM   349 C CG  . ASP A 1 42 ? 8.841   6.101   -9.173  1.00 31.15 ? 464 ASP A CG  1 
ATOM   350 O OD1 . ASP A 1 42 ? 10.079  6.107   -9.296  1.00 32.21 ? 464 ASP A OD1 1 
ATOM   351 O OD2 . ASP A 1 42 ? 8.087   6.836   -9.863  1.00 36.18 ? 464 ASP A OD2 1 
ATOM   352 N N   . PHE A 1 43 ? 7.763   2.344   -6.420  1.00 24.02 ? 465 PHE A N   1 
ATOM   353 C CA  . PHE A 1 43 ? 7.041   1.727   -5.288  1.00 23.29 ? 465 PHE A CA  1 
ATOM   354 C C   . PHE A 1 43 ? 7.782   0.566   -4.673  1.00 24.05 ? 465 PHE A C   1 
ATOM   355 O O   . PHE A 1 43 ? 7.266   -0.080  -3.775  1.00 22.82 ? 465 PHE A O   1 
ATOM   356 C CB  . PHE A 1 43 ? 5.637   1.242   -5.696  1.00 24.25 ? 465 PHE A CB  1 
ATOM   357 C CG  . PHE A 1 43 ? 4.714   2.350   -6.041  1.00 23.58 ? 465 PHE A CG  1 
ATOM   358 C CD1 . PHE A 1 43 ? 3.949   2.970   -5.061  1.00 26.60 ? 465 PHE A CD1 1 
ATOM   359 C CD2 . PHE A 1 43 ? 4.631   2.799   -7.350  1.00 25.67 ? 465 PHE A CD2 1 
ATOM   360 C CE1 . PHE A 1 43 ? 3.094   4.001   -5.392  1.00 29.03 ? 465 PHE A CE1 1 
ATOM   361 C CE2 . PHE A 1 43 ? 3.776   3.837   -7.701  1.00 28.09 ? 465 PHE A CE2 1 
ATOM   362 C CZ  . PHE A 1 43 ? 3.012   4.443   -6.705  1.00 26.28 ? 465 PHE A CZ  1 
ATOM   363 N N   . GLU A 1 44 ? 8.996   0.319   -5.138  1.00 23.61 ? 466 GLU A N   1 
ATOM   364 C CA  . GLU A 1 44 ? 9.799   -0.811  -4.664  1.00 24.69 ? 466 GLU A CA  1 
ATOM   365 C C   . GLU A 1 44 ? 10.032  -0.730  -3.167  1.00 23.29 ? 466 GLU A C   1 
ATOM   366 O O   . GLU A 1 44 ? 9.915   -1.731  -2.464  1.00 23.81 ? 466 GLU A O   1 
ATOM   367 C CB  . GLU A 1 44 ? 11.154  -0.872  -5.386  1.00 26.01 ? 466 GLU A CB  1 
ATOM   368 C CG  . GLU A 1 44 ? 11.086  -0.987  -6.910  1.00 29.48 ? 466 GLU A CG  1 
ATOM   369 C CD  . GLU A 1 44 ? 11.027  0.356   -7.670  1.00 33.67 ? 466 GLU A CD  1 
ATOM   370 O OE1 . GLU A 1 44 ? 10.864  1.469   -7.086  1.00 31.85 ? 466 GLU A OE1 1 
ATOM   371 O OE2 . GLU A 1 44 ? 11.141  0.276   -8.909  1.00 38.80 ? 466 GLU A OE2 1 
ATOM   372 N N   . GLU A 1 45 ? 10.385  0.459   -2.681  1.00 23.14 ? 467 GLU A N   1 
ATOM   373 C CA  . GLU A 1 45 ? 10.635  0.634   -1.254  1.00 22.93 ? 467 GLU A CA  1 
ATOM   374 C C   . GLU A 1 45 ? 9.377   0.485   -0.394  1.00 22.44 ? 467 GLU A C   1 
ATOM   375 O O   . GLU A 1 45 ? 9.386   -0.219  0.623   1.00 22.84 ? 467 GLU A O   1 
ATOM   376 C CB  . GLU A 1 45 ? 11.269  1.984   -0.991  1.00 23.85 ? 467 GLU A CB  1 
ATOM   377 C CG  . GLU A 1 45 ? 11.558  2.238   0.470   1.00 26.61 ? 467 GLU A CG  1 
ATOM   378 C CD  . GLU A 1 45 ? 12.421  3.472   0.660   1.00 29.30 ? 467 GLU A CD  1 
ATOM   379 O OE1 . GLU A 1 45 ? 12.047  4.564   0.157   1.00 30.97 ? 467 GLU A OE1 1 
ATOM   380 O OE2 . GLU A 1 45 ? 13.492  3.346   1.294   1.00 30.14 ? 467 GLU A OE2 1 
ATOM   381 N N   . ILE A 1 46 ? 8.301   1.156   -0.800  1.00 21.66 ? 468 ILE A N   1 
ATOM   382 C CA  . ILE A 1 46 ? 7.011   0.986   -0.108  1.00 21.98 ? 468 ILE A CA  1 
ATOM   383 C C   . ILE A 1 46 ? 6.598   -0.498  -0.093  1.00 22.09 ? 468 ILE A C   1 
ATOM   384 O O   . ILE A 1 46 ? 6.121   -1.004  0.928   1.00 21.87 ? 468 ILE A O   1 
ATOM   385 C CB  . ILE A 1 46 ? 5.923   1.869   -0.735  1.00 22.18 ? 468 ILE A CB  1 
ATOM   386 C CG1 . ILE A 1 46 ? 6.186   3.328   -0.353  1.00 24.61 ? 468 ILE A CG1 1 
ATOM   387 C CG2 . ILE A 1 46 ? 4.541   1.459   -0.256  1.00 24.50 ? 468 ILE A CG2 1 
ATOM   388 C CD1 . ILE A 1 46 ? 5.524   4.343   -1.317  1.00 28.94 ? 468 ILE A CD1 1 
ATOM   389 N N   . GLY A 1 47 ? 6.834   -1.183  -1.208  1.00 22.38 ? 469 GLY A N   1 
ATOM   390 C CA  . GLY A 1 47 ? 6.516   -2.612  -1.318  1.00 22.74 ? 469 GLY A CA  1 
ATOM   391 C C   . GLY A 1 47 ? 7.338   -3.410  -0.327  1.00 23.03 ? 469 GLY A C   1 
ATOM   392 O O   . GLY A 1 47 ? 6.829   -4.322  0.312   1.00 23.80 ? 469 GLY A O   1 
ATOM   393 N N   . SER A 1 48 ? 8.616   -3.059  -0.189  1.00 23.47 ? 470 SER A N   1 
ATOM   394 C CA  . SER A 1 48 ? 9.492   -3.727  0.773   1.00 24.76 ? 470 SER A CA  1 
ATOM   395 C C   . SER A 1 48 ? 9.077   -3.493  2.231   1.00 24.38 ? 470 SER A C   1 
ATOM   396 O O   . SER A 1 48 ? 9.047   -4.450  3.011   1.00 25.54 ? 470 SER A O   1 
ATOM   397 C CB  A SER A 1 48 ? 10.947  -3.280  0.551   0.50 24.88 ? 470 SER A CB  1 
ATOM   398 C CB  B SER A 1 48 ? 10.963  -3.367  0.534   0.50 24.89 ? 470 SER A CB  1 
ATOM   399 O OG  A SER A 1 48 ? 11.858  -4.082  1.275   0.50 25.25 ? 470 SER A OG  1 
ATOM   400 O OG  B SER A 1 48 ? 11.398  -3.909  -0.699  0.50 26.12 ? 470 SER A OG  1 
ATOM   401 N N   . VAL A 1 49 ? 8.695   -2.257  2.587   1.00 23.55 ? 471 VAL A N   1 
ATOM   402 C CA  . VAL A 1 49 ? 8.204   -1.979  3.936   1.00 23.10 ? 471 VAL A CA  1 
ATOM   403 C C   . VAL A 1 49 ? 6.917   -2.791  4.216   1.00 22.90 ? 471 VAL A C   1 
ATOM   404 O O   . VAL A 1 49 ? 6.740   -3.342  5.303   1.00 23.98 ? 471 VAL A O   1 
ATOM   405 C CB  . VAL A 1 49 ? 7.944   -0.469  4.175   1.00 23.53 ? 471 VAL A CB  1 
ATOM   406 C CG1 . VAL A 1 49 ? 7.300   -0.227  5.540   1.00 22.77 ? 471 VAL A CG1 1 
ATOM   407 C CG2 . VAL A 1 49 ? 9.262   0.315   4.073   1.00 23.39 ? 471 VAL A CG2 1 
ATOM   408 N N   . ALA A 1 50 ? 6.030   -2.891  3.222   1.00 23.03 ? 472 ALA A N   1 
ATOM   409 C CA  . ALA A 1 50 ? 4.784   -3.652  3.416   1.00 23.28 ? 472 ALA A CA  1 
ATOM   410 C C   . ALA A 1 50 ? 5.104   -5.121  3.703   1.00 23.90 ? 472 ALA A C   1 
ATOM   411 O O   . ALA A 1 50 ? 4.442   -5.755  4.520   1.00 23.22 ? 472 ALA A O   1 
ATOM   412 C CB  . ALA A 1 50 ? 3.884   -3.518  2.163   1.00 23.17 ? 472 ALA A CB  1 
ATOM   413 N N   . GLU A 1 51 ? 6.115   -5.665  3.022   1.00 24.97 ? 473 GLU A N   1 
ATOM   414 C CA  . GLU A 1 51 ? 6.550   -7.062  3.260   1.00 26.59 ? 473 GLU A CA  1 
ATOM   415 C C   . GLU A 1 51 ? 7.004   -7.236  4.693   1.00 25.51 ? 473 GLU A C   1 
ATOM   416 O O   . GLU A 1 51 ? 6.667   -8.214  5.352   1.00 25.63 ? 473 GLU A O   1 
ATOM   417 C CB  . GLU A 1 51 ? 7.717   -7.459  2.337   1.00 27.37 ? 473 GLU A CB  1 
ATOM   418 C CG  . GLU A 1 51 ? 7.373   -7.530  0.865   1.00 30.91 ? 473 GLU A CG  1 
ATOM   419 C CD  . GLU A 1 51 ? 8.512   -8.068  -0.031  1.00 31.77 ? 473 GLU A CD  1 
ATOM   420 O OE1 . GLU A 1 51 ? 9.690   -7.909  0.301   1.00 36.64 ? 473 GLU A OE1 1 
ATOM   421 O OE2 . GLU A 1 51 ? 8.194   -8.649  -1.095  1.00 39.79 ? 473 GLU A OE2 1 
ATOM   422 N N   . SER A 1 52 ? 7.817   -6.299  5.162   1.00 25.49 ? 474 SER A N   1 
ATOM   423 C CA  . SER A 1 52 ? 8.294   -6.339  6.534   1.00 25.67 ? 474 SER A CA  1 
ATOM   424 C C   . SER A 1 52 ? 7.168   -6.237  7.571   1.00 25.33 ? 474 SER A C   1 
ATOM   425 O O   . SER A 1 52 ? 7.149   -6.976  8.565   1.00 25.88 ? 474 SER A O   1 
ATOM   426 C CB  . SER A 1 52 ? 9.336   -5.238  6.753   1.00 26.40 ? 474 SER A CB  1 
ATOM   427 O OG  . SER A 1 52 ? 9.901   -5.342  8.037   1.00 30.67 ? 474 SER A OG  1 
ATOM   428 N N   . VAL A 1 53 ? 6.214   -5.337  7.326   1.00 24.61 ? 475 VAL A N   1 
ATOM   429 C CA  . VAL A 1 53 ? 5.033   -5.186  8.171   1.00 24.64 ? 475 VAL A CA  1 
ATOM   430 C C   . VAL A 1 53 ? 4.211   -6.478  8.232   1.00 24.91 ? 475 VAL A C   1 
ATOM   431 O O   . VAL A 1 53 ? 3.758   -6.899  9.293   1.00 24.96 ? 475 VAL A O   1 
ATOM   432 C CB  . VAL A 1 53 ? 4.156   -4.018  7.627   1.00 24.89 ? 475 VAL A CB  1 
ATOM   433 C CG1 . VAL A 1 53 ? 2.755   -4.052  8.228   1.00 25.81 ? 475 VAL A CG1 1 
ATOM   434 C CG2 . VAL A 1 53 ? 4.867   -2.681  7.864   1.00 24.83 ? 475 VAL A CG2 1 
ATOM   435 N N   . PHE A 1 54 ? 3.998   -7.103  7.074   1.00 24.36 ? 476 PHE A N   1 
ATOM   436 C CA  . PHE A 1 54 ? 3.263   -8.353  7.026   1.00 24.81 ? 476 PHE A CA  1 
ATOM   437 C C   . PHE A 1 54 ? 3.967   -9.436  7.856   1.00 25.58 ? 476 PHE A C   1 
ATOM   438 O O   . PHE A 1 54 ? 3.344   -10.046 8.734   1.00 25.41 ? 476 PHE A O   1 
ATOM   439 C CB  . PHE A 1 54 ? 3.095   -8.790  5.576   1.00 23.92 ? 476 PHE A CB  1 
ATOM   440 C CG  . PHE A 1 54 ? 2.239   -10.012 5.401   1.00 23.32 ? 476 PHE A CG  1 
ATOM   441 C CD1 . PHE A 1 54 ? 0.851   -9.918  5.340   1.00 24.90 ? 476 PHE A CD1 1 
ATOM   442 C CD2 . PHE A 1 54 ? 2.825   -11.271 5.304   1.00 25.70 ? 476 PHE A CD2 1 
ATOM   443 C CE1 . PHE A 1 54 ? 0.074   -11.077 5.158   1.00 25.18 ? 476 PHE A CE1 1 
ATOM   444 C CE2 . PHE A 1 54 ? 2.043   -12.427 5.147   1.00 25.42 ? 476 PHE A CE2 1 
ATOM   445 C CZ  . PHE A 1 54 ? 0.670   -12.326 5.087   1.00 25.25 ? 476 PHE A CZ  1 
ATOM   446 N N   . GLU A 1 55 ? 5.262   -9.639  7.607   1.00 25.89 ? 477 GLU A N   1 
ATOM   447 C CA  . GLU A 1 55 ? 6.045   -10.648 8.350   1.00 27.63 ? 477 GLU A CA  1 
ATOM   448 C C   . GLU A 1 55 ? 6.068   -10.419 9.861   1.00 27.81 ? 477 GLU A C   1 
ATOM   449 O O   . GLU A 1 55 ? 6.108   -11.378 10.647  1.00 27.18 ? 477 GLU A O   1 
ATOM   450 C CB  . GLU A 1 55 ? 7.479   -10.662 7.845   1.00 28.15 ? 477 GLU A CB  1 
ATOM   451 C CG  . GLU A 1 55 ? 7.662   -11.272 6.471   1.00 33.94 ? 477 GLU A CG  1 
ATOM   452 C CD  . GLU A 1 55 ? 9.136   -11.448 6.125   1.00 40.66 ? 477 GLU A CD  1 
ATOM   453 O OE1 . GLU A 1 55 ? 9.929   -11.769 7.040   1.00 44.08 ? 477 GLU A OE1 1 
ATOM   454 O OE2 . GLU A 1 55 ? 9.510   -11.256 4.945   1.00 44.21 ? 477 GLU A OE2 1 
ATOM   455 N N   . ASN A 1 56 ? 6.076   -9.159  10.279  1.00 27.36 ? 478 ASN A N   1 
ATOM   456 C CA  . ASN A 1 56 ? 6.084   -8.846  11.702  1.00 28.43 ? 478 ASN A CA  1 
ATOM   457 C C   . ASN A 1 56 ? 4.692   -8.726  12.342  1.00 28.43 ? 478 ASN A C   1 
ATOM   458 O O   . ASN A 1 56 ? 4.575   -8.569  13.558  1.00 28.42 ? 478 ASN A O   1 
ATOM   459 C CB  . ASN A 1 56 ? 6.957   -7.603  11.959  1.00 29.10 ? 478 ASN A CB  1 
ATOM   460 C CG  . ASN A 1 56 ? 8.433   -7.880  11.717  1.00 31.65 ? 478 ASN A CG  1 
ATOM   461 O OD1 . ASN A 1 56 ? 9.038   -8.719  12.393  1.00 35.23 ? 478 ASN A OD1 1 
ATOM   462 N ND2 . ASN A 1 56 ? 9.015   -7.189  10.747  1.00 36.16 ? 478 ASN A ND2 1 
ATOM   463 N N   . LYS A 1 57 ? 3.640   -8.823  11.521  1.00 28.60 ? 479 LYS A N   1 
ATOM   464 C CA  . LYS A 1 57 ? 2.238   -8.767  11.980  1.00 29.73 ? 479 LYS A CA  1 
ATOM   465 C C   . LYS A 1 57 ? 1.908   -7.521  12.808  1.00 30.50 ? 479 LYS A C   1 
ATOM   466 O O   . LYS A 1 57 ? 1.015   -7.562  13.659  1.00 31.45 ? 479 LYS A O   1 
ATOM   467 C CB  . LYS A 1 57 ? 1.866   -9.994  12.836  1.00 29.23 ? 479 LYS A CB  1 
ATOM   468 C CG  . LYS A 1 57 ? 2.501   -11.298 12.458  1.00 28.36 ? 479 LYS A CG  1 
ATOM   469 C CD  . LYS A 1 57 ? 1.963   -12.361 13.417  1.00 25.72 ? 479 LYS A CD  1 
ATOM   470 C CE  . LYS A 1 57 ? 2.751   -13.619 13.340  1.00 25.16 ? 479 LYS A CE  1 
ATOM   471 N NZ  . LYS A 1 57 ? 2.057   -14.715 14.088  1.00 20.89 ? 479 LYS A NZ  1 
ATOM   472 N N   . GLU A 1 58 ? 2.639   -6.434  12.580  1.00 30.41 ? 480 GLU A N   1 
ATOM   473 C CA  . GLU A 1 58 ? 2.437   -5.193  13.333  1.00 31.12 ? 480 GLU A CA  1 
ATOM   474 C C   . GLU A 1 58 ? 2.333   -3.996  12.386  1.00 30.38 ? 480 GLU A C   1 
ATOM   475 O O   . GLU A 1 58 ? 3.129   -3.891  11.459  1.00 29.93 ? 480 GLU A O   1 
ATOM   476 C CB  A GLU A 1 58 ? 3.563   -4.972  14.350  0.50 31.54 ? 480 GLU A CB  1 
ATOM   477 C CB  B GLU A 1 58 ? 3.620   -4.948  14.267  0.50 31.22 ? 480 GLU A CB  1 
ATOM   478 C CG  A GLU A 1 58 ? 3.305   -5.594  15.726  0.50 33.80 ? 480 GLU A CG  1 
ATOM   479 C CG  B GLU A 1 58 ? 3.780   -5.941  15.403  0.50 32.33 ? 480 GLU A CG  1 
ATOM   480 C CD  A GLU A 1 58 ? 2.168   -4.920  16.485  0.50 35.76 ? 480 GLU A CD  1 
ATOM   481 C CD  B GLU A 1 58 ? 4.833   -5.500  16.398  0.50 31.94 ? 480 GLU A CD  1 
ATOM   482 O OE1 A GLU A 1 58 ? 2.305   -3.727  16.848  0.50 36.71 ? 480 GLU A OE1 1 
ATOM   483 O OE1 B GLU A 1 58 ? 5.578   -4.544  16.089  0.50 33.32 ? 480 GLU A OE1 1 
ATOM   484 O OE2 A GLU A 1 58 ? 1.141   -5.590  16.728  0.50 37.24 ? 480 GLU A OE2 1 
ATOM   485 O OE2 B GLU A 1 58 ? 4.914   -6.105  17.486  0.50 35.15 ? 480 GLU A OE2 1 
ATOM   486 N N   . PRO A 1 59 ? 1.371   -3.087  12.637  1.00 30.60 ? 481 PRO A N   1 
ATOM   487 C CA  . PRO A 1 59 ? 1.313   -1.904  11.791  1.00 29.99 ? 481 PRO A CA  1 
ATOM   488 C C   . PRO A 1 59 ? 2.492   -0.956  11.991  1.00 29.92 ? 481 PRO A C   1 
ATOM   489 O O   . PRO A 1 59 ? 3.156   -0.977  13.042  1.00 29.94 ? 481 PRO A O   1 
ATOM   490 C CB  . PRO A 1 59 ? -0.009  -1.245  12.191  1.00 29.79 ? 481 PRO A CB  1 
ATOM   491 C CG  . PRO A 1 59 ? -0.226  -1.690  13.608  1.00 30.92 ? 481 PRO A CG  1 
ATOM   492 C CD  . PRO A 1 59 ? 0.290   -3.095  13.640  1.00 30.62 ? 481 PRO A CD  1 
ATOM   493 N N   . VAL A 1 60 ? 2.756   -0.155  10.965  1.00 29.22 ? 482 VAL A N   1 
ATOM   494 C CA  . VAL A 1 60 ? 3.848   0.800   10.961  1.00 29.43 ? 482 VAL A CA  1 
ATOM   495 C C   . VAL A 1 60 ? 3.305   2.121   10.420  1.00 29.10 ? 482 VAL A C   1 
ATOM   496 O O   . VAL A 1 60 ? 2.608   2.157   9.411   1.00 27.49 ? 482 VAL A O   1 
ATOM   497 C CB  . VAL A 1 60 ? 5.023   0.316   10.075  1.00 30.26 ? 482 VAL A CB  1 
ATOM   498 C CG1 . VAL A 1 60 ? 5.952   1.454   9.712   1.00 33.03 ? 482 VAL A CG1 1 
ATOM   499 C CG2 . VAL A 1 60 ? 5.794   -0.808  10.765  1.00 31.74 ? 482 VAL A CG2 1 
ATOM   500 N N   . PHE A 1 61 ? 3.642   3.204   11.105  1.00 29.00 ? 483 PHE A N   1 
ATOM   501 C CA  . PHE A 1 61 ? 3.337   4.534   10.619  1.00 29.44 ? 483 PHE A CA  1 
ATOM   502 C C   . PHE A 1 61 ? 4.640   5.241   10.296  1.00 29.30 ? 483 PHE A C   1 
ATOM   503 O O   . PHE A 1 61 ? 5.549   5.337   11.141  1.00 29.63 ? 483 PHE A O   1 
ATOM   504 C CB  . PHE A 1 61 ? 2.509   5.300   11.663  1.00 29.27 ? 483 PHE A CB  1 
ATOM   505 C CG  . PHE A 1 61 ? 2.239   6.735   11.292  1.00 30.90 ? 483 PHE A CG  1 
ATOM   506 C CD1 . PHE A 1 61 ? 1.168   7.066   10.457  1.00 32.50 ? 483 PHE A CD1 1 
ATOM   507 C CD2 . PHE A 1 61 ? 3.049   7.757   11.779  1.00 32.30 ? 483 PHE A CD2 1 
ATOM   508 C CE1 . PHE A 1 61 ? 0.923   8.408   10.105  1.00 31.74 ? 483 PHE A CE1 1 
ATOM   509 C CE2 . PHE A 1 61 ? 2.809   9.099   11.435  1.00 32.35 ? 483 PHE A CE2 1 
ATOM   510 C CZ  . PHE A 1 61 ? 1.747   9.416   10.599  1.00 30.75 ? 483 PHE A CZ  1 
ATOM   511 N N   . LEU A 1 62 ? 4.748   5.730   9.070   1.00 29.46 ? 484 LEU A N   1 
ATOM   512 C CA  . LEU A 1 62 ? 5.885   6.546   8.698   1.00 30.41 ? 484 LEU A CA  1 
ATOM   513 C C   . LEU A 1 62 ? 5.392   7.958   8.425   1.00 30.45 ? 484 LEU A C   1 
ATOM   514 O O   . LEU A 1 62 ? 4.347   8.161   7.801   1.00 29.86 ? 484 LEU A O   1 
ATOM   515 C CB  . LEU A 1 62 ? 6.581   5.987   7.460   1.00 30.17 ? 484 LEU A CB  1 
ATOM   516 C CG  . LEU A 1 62 ? 7.003   4.515   7.335   1.00 32.49 ? 484 LEU A CG  1 
ATOM   517 C CD1 . LEU A 1 62 ? 7.502   4.304   5.933   1.00 32.50 ? 484 LEU A CD1 1 
ATOM   518 C CD2 . LEU A 1 62 ? 8.078   4.110   8.351   1.00 33.02 ? 484 LEU A CD2 1 
ATOM   519 N N   . ASN A 1 63 ? 6.120   8.946   8.926   1.00 31.49 ? 485 ASN A N   1 
ATOM   520 C CA  . ASN A 1 63 ? 5.876   10.302  8.469   1.00 32.07 ? 485 ASN A CA  1 
ATOM   521 C C   . ASN A 1 63 ? 7.071   10.841  7.696   1.00 32.25 ? 485 ASN A C   1 
ATOM   522 O O   . ASN A 1 63 ? 8.149   10.226  7.677   1.00 31.76 ? 485 ASN A O   1 
ATOM   523 C CB  . ASN A 1 63 ? 5.439   11.242  9.599   1.00 33.30 ? 485 ASN A CB  1 
ATOM   524 C CG  . ASN A 1 63 ? 6.420   11.283  10.745  1.00 34.37 ? 485 ASN A CG  1 
ATOM   525 O OD1 . ASN A 1 63 ? 7.588   10.925  10.599  1.00 36.70 ? 485 ASN A OD1 1 
ATOM   526 N ND2 . ASN A 1 63 ? 5.945   11.715  11.905  1.00 38.81 ? 485 ASN A ND2 1 
ATOM   527 N N   . PHE A 1 64 ? 6.858   11.960  7.020   1.00 31.84 ? 486 PHE A N   1 
ATOM   528 C CA  . PHE A 1 64 ? 7.895   12.564  6.199   1.00 31.78 ? 486 PHE A CA  1 
ATOM   529 C C   . PHE A 1 64 ? 8.518   11.538  5.249   1.00 31.59 ? 486 PHE A C   1 
ATOM   530 O O   . PHE A 1 64 ? 9.740   11.443  5.151   1.00 31.12 ? 486 PHE A O   1 
ATOM   531 C CB  . PHE A 1 64 ? 8.967   13.243  7.081   1.00 32.00 ? 486 PHE A CB  1 
ATOM   532 C CG  . PHE A 1 64 ? 8.434   14.388  7.903   1.00 32.48 ? 486 PHE A CG  1 
ATOM   533 C CD1 . PHE A 1 64 ? 8.354   15.671  7.361   1.00 34.13 ? 486 PHE A CD1 1 
ATOM   534 C CD2 . PHE A 1 64 ? 7.997   14.176  9.207   1.00 33.00 ? 486 PHE A CD2 1 
ATOM   535 C CE1 . PHE A 1 64 ? 7.852   16.734  8.108   1.00 34.46 ? 486 PHE A CE1 1 
ATOM   536 C CE2 . PHE A 1 64 ? 7.487   15.228  9.967   1.00 33.01 ? 486 PHE A CE2 1 
ATOM   537 C CZ  . PHE A 1 64 ? 7.412   16.512  9.415   1.00 34.31 ? 486 PHE A CZ  1 
ATOM   538 N N   . TYR A 1 65 ? 7.671   10.750  4.575   1.00 30.71 ? 487 TYR A N   1 
ATOM   539 C CA  . TYR A 1 65 ? 8.132   9.926   3.451   1.00 30.75 ? 487 TYR A CA  1 
ATOM   540 C C   . TYR A 1 65 ? 8.036   10.772  2.199   1.00 30.73 ? 487 TYR A C   1 
ATOM   541 O O   . TYR A 1 65 ? 6.954   11.171  1.800   1.00 29.49 ? 487 TYR A O   1 
ATOM   542 C CB  . TYR A 1 65 ? 7.315   8.625   3.275   1.00 30.69 ? 487 TYR A CB  1 
ATOM   543 C CG  . TYR A 1 65 ? 7.917   7.673   2.236   1.00 30.31 ? 487 TYR A CG  1 
ATOM   544 C CD1 . TYR A 1 65 ? 7.671   7.850   0.870   1.00 30.33 ? 487 TYR A CD1 1 
ATOM   545 C CD2 . TYR A 1 65 ? 8.753   6.615   2.616   1.00 32.01 ? 487 TYR A CD2 1 
ATOM   546 C CE1 . TYR A 1 65 ? 8.238   6.994   -0.097  1.00 28.56 ? 487 TYR A CE1 1 
ATOM   547 C CE2 . TYR A 1 65 ? 9.320   5.751   1.658   1.00 31.51 ? 487 TYR A CE2 1 
ATOM   548 C CZ  . TYR A 1 65 ? 9.061   5.948   0.305   1.00 31.27 ? 487 TYR A CZ  1 
ATOM   549 O OH  . TYR A 1 65 ? 9.630   5.105   -0.649  1.00 30.76 ? 487 TYR A OH  1 
ATOM   550 N N   . LYS A 1 66 ? 9.170   11.074  1.581   1.00 31.44 ? 488 LYS A N   1 
ATOM   551 C CA  . LYS A 1 66 ? 9.139   11.958  0.427   1.00 33.31 ? 488 LYS A CA  1 
ATOM   552 C C   . LYS A 1 66 ? 8.813   11.191  -0.851  1.00 34.50 ? 488 LYS A C   1 
ATOM   553 O O   . LYS A 1 66 ? 9.422   10.152  -1.149  1.00 35.47 ? 488 LYS A O   1 
ATOM   554 C CB  . LYS A 1 66 ? 10.454  12.729  0.280   1.00 33.30 ? 488 LYS A CB  1 
ATOM   555 C CG  . LYS A 1 66 ? 10.326  13.976  -0.578  1.00 34.20 ? 488 LYS A CG  1 
ATOM   556 C CD  . LYS A 1 66 ? 11.688  14.627  -0.806  1.00 37.00 ? 488 LYS A CD  1 
ATOM   557 C CE  . LYS A 1 66 ? 11.673  15.535  -2.029  1.00 40.42 ? 488 LYS A CE  1 
ATOM   558 N NZ  . LYS A 1 66 ? 11.632  16.991  -1.702  1.00 42.66 ? 488 LYS A NZ  1 
ATOM   559 N N   . PHE A 1 67 ? 7.844   11.714  -1.594  1.00 35.82 ? 489 PHE A N   1 
ATOM   560 C CA  . PHE A 1 67 ? 7.439   11.148  -2.870  1.00 37.14 ? 489 PHE A CA  1 
ATOM   561 C C   . PHE A 1 67 ? 7.147   12.322  -3.783  1.00 37.29 ? 489 PHE A C   1 
ATOM   562 O O   . PHE A 1 67 ? 6.301   13.165  -3.482  1.00 37.29 ? 489 PHE A O   1 
ATOM   563 C CB  . PHE A 1 67 ? 6.197   10.256  -2.709  1.00 38.09 ? 489 PHE A CB  1 
ATOM   564 C CG  . PHE A 1 67 ? 6.173   9.059   -3.636  1.00 39.49 ? 489 PHE A CG  1 
ATOM   565 C CD1 . PHE A 1 67 ? 5.824   9.197   -4.975  1.00 41.37 ? 489 PHE A CD1 1 
ATOM   566 C CD2 . PHE A 1 67 ? 6.504   7.792   -3.166  1.00 41.33 ? 489 PHE A CD2 1 
ATOM   567 C CE1 . PHE A 1 67 ? 5.803   8.080   -5.832  1.00 42.65 ? 489 PHE A CE1 1 
ATOM   568 C CE2 . PHE A 1 67 ? 6.483   6.679   -4.016  1.00 41.44 ? 489 PHE A CE2 1 
ATOM   569 C CZ  . PHE A 1 67 ? 6.132   6.823   -5.343  1.00 40.78 ? 489 PHE A CZ  1 
ATOM   570 N N   . GLY A 1 68 ? 7.883   12.402  -4.887  1.00 37.30 ? 490 GLY A N   1 
ATOM   571 C CA  . GLY A 1 68 ? 7.788   13.551  -5.773  1.00 37.65 ? 490 GLY A CA  1 
ATOM   572 C C   . GLY A 1 68 ? 8.273   14.796  -5.058  1.00 37.69 ? 490 GLY A C   1 
ATOM   573 O O   . GLY A 1 68 ? 9.364   14.804  -4.487  1.00 38.44 ? 490 GLY A O   1 
ATOM   574 N N   . GLU A 1 69 ? 7.431   15.823  -5.063  1.00 37.62 ? 491 GLU A N   1 
ATOM   575 C CA  . GLU A 1 69 ? 7.724   17.147  -4.505  1.00 37.35 ? 491 GLU A CA  1 
ATOM   576 C C   . GLU A 1 69 ? 7.255   17.346  -3.042  1.00 35.91 ? 491 GLU A C   1 
ATOM   577 O O   . GLU A 1 69 ? 7.453   18.424  -2.467  1.00 36.14 ? 491 GLU A O   1 
ATOM   578 C CB  . GLU A 1 69 ? 7.045   18.193  -5.405  1.00 37.86 ? 491 GLU A CB  1 
ATOM   579 C CG  . GLU A 1 69 ? 7.564   19.621  -5.312  1.00 41.30 ? 491 GLU A CG  1 
ATOM   580 C CD  . GLU A 1 69 ? 7.502   20.344  -6.658  1.00 44.23 ? 491 GLU A CD  1 
ATOM   581 O OE1 . GLU A 1 69 ? 7.215   19.670  -7.677  1.00 45.35 ? 491 GLU A OE1 1 
ATOM   582 O OE2 . GLU A 1 69 ? 7.749   21.577  -6.705  1.00 45.97 ? 491 GLU A OE2 1 
ATOM   583 N N   . ARG A 1 70 ? 6.634   16.329  -2.442  1.00 34.23 ? 492 ARG A N   1 
ATOM   584 C CA  . ARG A 1 70 ? 6.025   16.505  -1.108  1.00 32.03 ? 492 ARG A CA  1 
ATOM   585 C C   . ARG A 1 70 ? 6.387   15.416  -0.104  1.00 29.84 ? 492 ARG A C   1 
ATOM   586 O O   . ARG A 1 70 ? 6.878   14.343  -0.478  1.00 30.26 ? 492 ARG A O   1 
ATOM   587 C CB  . ARG A 1 70 ? 4.493   16.624  -1.204  1.00 32.47 ? 492 ARG A CB  1 
ATOM   588 C CG  . ARG A 1 70 ? 3.987   17.691  -2.158  1.00 32.90 ? 492 ARG A CG  1 
ATOM   589 C CD  . ARG A 1 70 ? 2.558   18.127  -1.824  1.00 34.59 ? 492 ARG A CD  1 
ATOM   590 N NE  . ARG A 1 70 ? 1.564   17.046  -1.889  1.00 35.73 ? 492 ARG A NE  1 
ATOM   591 C CZ  . ARG A 1 70 ? 0.926   16.649  -2.991  1.00 38.23 ? 492 ARG A CZ  1 
ATOM   592 N NH1 . ARG A 1 70 ? 1.181   17.213  -4.170  1.00 39.89 ? 492 ARG A NH1 1 
ATOM   593 N NH2 . ARG A 1 70 ? 0.029   15.669  -2.919  1.00 36.81 ? 492 ARG A NH2 1 
ATOM   594 N N   . TYR A 1 71 ? 6.132   15.708  1.174   1.00 27.95 ? 493 TYR A N   1 
ATOM   595 C CA  . TYR A 1 71 ? 6.232   14.725  2.242   1.00 26.01 ? 493 TYR A CA  1 
ATOM   596 C C   . TYR A 1 71 ? 4.837   14.225  2.604   1.00 24.55 ? 493 TYR A C   1 
ATOM   597 O O   . TYR A 1 71 ? 3.872   14.999  2.680   1.00 23.94 ? 493 TYR A O   1 
ATOM   598 C CB  . TYR A 1 71 ? 6.921   15.310  3.485   1.00 25.64 ? 493 TYR A CB  1 
ATOM   599 C CG  . TYR A 1 71 ? 8.423   15.457  3.335   1.00 26.25 ? 493 TYR A CG  1 
ATOM   600 C CD1 . TYR A 1 71 ? 9.260   14.389  3.603   1.00 24.64 ? 493 TYR A CD1 1 
ATOM   601 C CD2 . TYR A 1 71 ? 8.985   16.661  2.954   1.00 26.57 ? 493 TYR A CD2 1 
ATOM   602 C CE1 . TYR A 1 71 ? 10.636  14.481  3.475   1.00 28.47 ? 493 TYR A CE1 1 
ATOM   603 C CE2 . TYR A 1 71 ? 10.368  16.778  2.816   1.00 26.84 ? 493 TYR A CE2 1 
ATOM   604 C CZ  . TYR A 1 71 ? 11.183  15.677  3.081   1.00 26.75 ? 493 TYR A CZ  1 
ATOM   605 O OH  . TYR A 1 71 ? 12.564  15.755  2.969   1.00 28.13 ? 493 TYR A OH  1 
ATOM   606 N N   . PHE A 1 72 ? 4.789   12.926  2.850   1.00 25.13 ? 494 PHE A N   1 
ATOM   607 C CA  . PHE A 1 72 ? 3.560   12.210  3.175   1.00 23.92 ? 494 PHE A CA  1 
ATOM   608 C C   . PHE A 1 72 ? 3.671   11.381  4.447   1.00 24.39 ? 494 PHE A C   1 
ATOM   609 O O   . PHE A 1 72 ? 4.761   10.876  4.777   1.00 24.23 ? 494 PHE A O   1 
ATOM   610 C CB  . PHE A 1 72 ? 3.192   11.273  2.013   1.00 24.88 ? 494 PHE A CB  1 
ATOM   611 C CG  . PHE A 1 72 ? 2.860   11.989  0.756   1.00 24.49 ? 494 PHE A CG  1 
ATOM   612 C CD1 . PHE A 1 72 ? 1.565   12.418  0.517   1.00 25.43 ? 494 PHE A CD1 1 
ATOM   613 C CD2 . PHE A 1 72 ? 3.858   12.264  -0.189  1.00 25.40 ? 494 PHE A CD2 1 
ATOM   614 C CE1 . PHE A 1 72 ? 1.246   13.108  -0.639  1.00 24.88 ? 494 PHE A CE1 1 
ATOM   615 C CE2 . PHE A 1 72 ? 3.560   12.972  -1.338  1.00 25.27 ? 494 PHE A CE2 1 
ATOM   616 C CZ  . PHE A 1 72 ? 2.261   13.381  -1.589  1.00 25.42 ? 494 PHE A CZ  1 
ATOM   617 N N   . ASN A 1 73 ? 2.518   11.210  5.111   1.00 23.20 ? 495 ASN A N   1 
ATOM   618 C CA  . ASN A 1 73 ? 2.313   10.159  6.104   1.00 23.44 ? 495 ASN A CA  1 
ATOM   619 C C   . ASN A 1 73 ? 1.966   8.870   5.341   1.00 23.19 ? 495 ASN A C   1 
ATOM   620 O O   . ASN A 1 73 ? 1.157   8.877   4.419   1.00 22.62 ? 495 ASN A O   1 
ATOM   621 C CB  . ASN A 1 73 ? 1.091   10.446  6.966   1.00 24.03 ? 495 ASN A CB  1 
ATOM   622 C CG  . ASN A 1 73 ? 1.211   11.670  7.840   1.00 25.77 ? 495 ASN A CG  1 
ATOM   623 O OD1 . ASN A 1 73 ? 2.283   12.234  8.033   1.00 27.30 ? 495 ASN A OD1 1 
ATOM   624 N ND2 . ASN A 1 73 ? 0.071   12.075  8.407   1.00 25.79 ? 495 ASN A ND2 1 
ATOM   625 N N   . ILE A 1 74 ? 2.553   7.755   5.734   1.00 23.07 ? 496 ILE A N   1 
ATOM   626 C CA  . ILE A 1 74 ? 2.154   6.467   5.170   1.00 23.34 ? 496 ILE A CA  1 
ATOM   627 C C   . ILE A 1 74 ? 1.898   5.474   6.304   1.00 23.88 ? 496 ILE A C   1 
ATOM   628 O O   . ILE A 1 74 ? 2.755   5.267   7.169   1.00 24.07 ? 496 ILE A O   1 
ATOM   629 C CB  . ILE A 1 74 ? 3.193   5.919   4.172   1.00 22.77 ? 496 ILE A CB  1 
ATOM   630 C CG1 . ILE A 1 74 ? 3.518   6.959   3.090   1.00 24.51 ? 496 ILE A CG1 1 
ATOM   631 C CG2 . ILE A 1 74 ? 2.716   4.596   3.549   1.00 22.72 ? 496 ILE A CG2 1 
ATOM   632 C CD1 . ILE A 1 74 ? 4.461   6.473   1.993   1.00 25.58 ? 496 ILE A CD1 1 
ATOM   633 N N   . ARG A 1 75 ? 0.713   4.862   6.318   1.00 23.07 ? 497 ARG A N   1 
ATOM   634 C CA  . ARG A 1 75 ? 0.432   3.831   7.319   1.00 23.39 ? 497 ARG A CA  1 
ATOM   635 C C   . ARG A 1 75 ? 0.341   2.505   6.601   1.00 22.54 ? 497 ARG A C   1 
ATOM   636 O O   . ARG A 1 75 ? -0.221  2.414   5.513   1.00 21.40 ? 497 ARG A O   1 
ATOM   637 C CB  A ARG A 1 75 ? -0.897  4.112   8.030   0.50 22.96 ? 497 ARG A CB  1 
ATOM   638 C CB  B ARG A 1 75 ? -0.847  4.098   8.123   0.50 23.10 ? 497 ARG A CB  1 
ATOM   639 C CG  A ARG A 1 75 ? -1.291  3.078   9.105   0.50 24.00 ? 497 ARG A CG  1 
ATOM   640 C CG  B ARG A 1 75 ? -0.866  3.339   9.468   0.50 24.57 ? 497 ARG A CG  1 
ATOM   641 C CD  A ARG A 1 75 ? -2.529  3.530   9.888   0.50 26.05 ? 497 ARG A CD  1 
ATOM   642 C CD  B ARG A 1 75 ? -2.093  3.654   10.327  0.50 25.62 ? 497 ARG A CD  1 
ATOM   643 N NE  A ARG A 1 75 ? -3.712  3.644   9.029   0.50 30.01 ? 497 ARG A NE  1 
ATOM   644 N NE  B ARG A 1 75 ? -1.974  3.099   11.679  0.50 30.66 ? 497 ARG A NE  1 
ATOM   645 C CZ  A ARG A 1 75 ? -4.587  4.647   9.071   0.50 32.12 ? 497 ARG A CZ  1 
ATOM   646 C CZ  B ARG A 1 75 ? -2.434  1.914   12.075  0.50 31.97 ? 497 ARG A CZ  1 
ATOM   647 N NH1 A ARG A 1 75 ? -4.435  5.644   9.932   0.50 32.79 ? 497 ARG A NH1 1 
ATOM   648 N NH1 B ARG A 1 75 ? -3.067  1.103   11.230  0.50 32.36 ? 497 ARG A NH1 1 
ATOM   649 N NH2 A ARG A 1 75 ? -5.632  4.652   8.257   0.50 32.57 ? 497 ARG A NH2 1 
ATOM   650 N NH2 B ARG A 1 75 ? -2.255  1.536   13.335  0.50 33.99 ? 497 ARG A NH2 1 
ATOM   651 N N   . PHE A 1 76 ? 0.900   1.478   7.228   1.00 20.76 ? 498 PHE A N   1 
ATOM   652 C CA  . PHE A 1 76 ? 0.831   0.106   6.742   1.00 20.46 ? 498 PHE A CA  1 
ATOM   653 C C   . PHE A 1 76 ? 0.130   -0.729  7.792   1.00 21.37 ? 498 PHE A C   1 
ATOM   654 O O   . PHE A 1 76 ? 0.608   -0.846  8.938   1.00 21.86 ? 498 PHE A O   1 
ATOM   655 C CB  . PHE A 1 76 ? 2.236   -0.454  6.558   1.00 20.48 ? 498 PHE A CB  1 
ATOM   656 C CG  . PHE A 1 76 ? 3.099   0.310   5.601   1.00 19.64 ? 498 PHE A CG  1 
ATOM   657 C CD1 . PHE A 1 76 ? 3.738   1.493   5.965   1.00 20.76 ? 498 PHE A CD1 1 
ATOM   658 C CD2 . PHE A 1 76 ? 3.309   -0.193  4.339   1.00 21.44 ? 498 PHE A CD2 1 
ATOM   659 C CE1 . PHE A 1 76 ? 4.571   2.156   5.059   1.00 20.19 ? 498 PHE A CE1 1 
ATOM   660 C CE2 . PHE A 1 76 ? 4.120   0.454   3.434   1.00 19.88 ? 498 PHE A CE2 1 
ATOM   661 C CZ  . PHE A 1 76 ? 4.767   1.614   3.782   1.00 20.50 ? 498 PHE A CZ  1 
ATOM   662 N N   . SER A 1 77 ? -0.979  -1.341  7.402   1.00 21.35 ? 499 SER A N   1 
ATOM   663 C CA  . SER A 1 77 ? -1.795  -2.098  8.352   1.00 22.11 ? 499 SER A CA  1 
ATOM   664 C C   . SER A 1 77 ? -2.040  -3.527  7.872   1.00 21.46 ? 499 SER A C   1 
ATOM   665 O O   . SER A 1 77 ? -2.822  -3.730  6.956   1.00 21.58 ? 499 SER A O   1 
ATOM   666 C CB  . SER A 1 77 ? -3.153  -1.420  8.493   1.00 22.96 ? 499 SER A CB  1 
ATOM   667 O OG  . SER A 1 77 ? -3.016  -0.037  8.840   1.00 28.14 ? 499 SER A OG  1 
ATOM   668 N N   . PRO A 1 78 ? -1.435  -4.525  8.549   1.00 21.16 ? 500 PRO A N   1 
ATOM   669 C CA  . PRO A 1 78 ? -1.734  -5.928  8.197   1.00 22.08 ? 500 PRO A CA  1 
ATOM   670 C C   . PRO A 1 78 ? -3.184  -6.227  8.565   1.00 21.09 ? 500 PRO A C   1 
ATOM   671 O O   . PRO A 1 78 ? -3.721  -5.651  9.522   1.00 21.84 ? 500 PRO A O   1 
ATOM   672 C CB  . PRO A 1 78 ? -0.758  -6.730  9.054   1.00 22.81 ? 500 PRO A CB  1 
ATOM   673 C CG  . PRO A 1 78 ? -0.438  -5.828  10.188  1.00 25.16 ? 500 PRO A CG  1 
ATOM   674 C CD  . PRO A 1 78 ? -0.547  -4.421  9.721   1.00 22.30 ? 500 PRO A CD  1 
ATOM   675 N N   . PHE A 1 79 ? -3.846  -7.095  7.810   1.00 20.89 ? 501 PHE A N   1 
ATOM   676 C CA  . PHE A 1 79 ? -5.214  -7.471  8.194   1.00 20.73 ? 501 PHE A CA  1 
ATOM   677 C C   . PHE A 1 79 ? -5.437  -8.961  7.990   1.00 21.18 ? 501 PHE A C   1 
ATOM   678 O O   . PHE A 1 79 ? -4.697  -9.592  7.233   1.00 20.19 ? 501 PHE A O   1 
ATOM   679 C CB  . PHE A 1 79 ? -6.240  -6.671  7.385   1.00 22.66 ? 501 PHE A CB  1 
ATOM   680 C CG  . PHE A 1 79 ? -6.189  -6.953  5.892   1.00 21.29 ? 501 PHE A CG  1 
ATOM   681 C CD1 . PHE A 1 79 ? -5.325  -6.243  5.066   1.00 23.99 ? 501 PHE A CD1 1 
ATOM   682 C CD2 . PHE A 1 79 ? -7.001  -7.939  5.318   1.00 23.85 ? 501 PHE A CD2 1 
ATOM   683 C CE1 . PHE A 1 79 ? -5.265  -6.517  3.696   1.00 24.42 ? 501 PHE A CE1 1 
ATOM   684 C CE2 . PHE A 1 79 ? -6.959  -8.206  3.955   1.00 26.54 ? 501 PHE A CE2 1 
ATOM   685 C CZ  . PHE A 1 79 ? -6.088  -7.493  3.149   1.00 24.91 ? 501 PHE A CZ  1 
ATOM   686 N N   . ARG A 1 80 ? -6.423  -9.492  8.719   1.00 20.90 ? 502 ARG A N   1 
ATOM   687 C CA  . ARG A 1 80 ? -6.838  -10.890 8.587   1.00 21.89 ? 502 ARG A CA  1 
ATOM   688 C C   . ARG A 1 80 ? -8.207  -10.986 7.944   1.00 23.19 ? 502 ARG A C   1 
ATOM   689 O O   . ARG A 1 80 ? -9.024  -10.079 8.055   1.00 24.20 ? 502 ARG A O   1 
ATOM   690 C CB  . ARG A 1 80 ? -6.880  -11.578 9.957   1.00 22.20 ? 502 ARG A CB  1 
ATOM   691 C CG  . ARG A 1 80 ? -5.523  -11.757 10.604  1.00 22.29 ? 502 ARG A CG  1 
ATOM   692 C CD  . ARG A 1 80 ? -5.592  -12.473 11.957  1.00 22.60 ? 502 ARG A CD  1 
ATOM   693 N NE  . ARG A 1 80 ? -4.248  -12.485 12.538  1.00 22.35 ? 502 ARG A NE  1 
ATOM   694 C CZ  . ARG A 1 80 ? -3.341  -13.441 12.347  1.00 21.84 ? 502 ARG A CZ  1 
ATOM   695 N NH1 . ARG A 1 80 ? -3.605  -14.536 11.649  1.00 20.27 ? 502 ARG A NH1 1 
ATOM   696 N NH2 . ARG A 1 80 ? -2.146  -13.289 12.892  1.00 22.10 ? 502 ARG A NH2 1 
ATOM   697 N N   . ASN A 1 81 ? -8.472  -12.111 7.293   1.00 22.52 ? 503 ASN A N   1 
ATOM   698 C CA  . ASN A 1 81 ? -9.826  -12.433 6.866   1.00 24.99 ? 503 ASN A CA  1 
ATOM   699 C C   . ASN A 1 81 ? -10.635 -12.888 8.081   1.00 25.70 ? 503 ASN A C   1 
ATOM   700 O O   . ASN A 1 81 ? -10.169 -13.712 8.847   1.00 24.95 ? 503 ASN A O   1 
ATOM   701 C CB  . ASN A 1 81 ? -9.787  -13.515 5.786   1.00 25.55 ? 503 ASN A CB  1 
ATOM   702 C CG  . ASN A 1 81 ? -11.167 -13.931 5.330   1.00 27.96 ? 503 ASN A CG  1 
ATOM   703 O OD1 . ASN A 1 81 ? -11.847 -14.707 5.999   1.00 29.13 ? 503 ASN A OD1 1 
ATOM   704 N ND2 . ASN A 1 81 ? -11.576 -13.437 4.162   1.00 31.41 ? 503 ASN A ND2 1 
ATOM   705 N N   . ALA A 1 82 ? -11.855 -12.379 8.260   1.00 26.90 ? 504 ALA A N   1 
ATOM   706 C CA  . ALA A 1 82 ? -12.627 -12.690 9.465   1.00 28.65 ? 504 ALA A CA  1 
ATOM   707 C C   . ALA A 1 82 ? -13.103 -14.138 9.504   1.00 29.13 ? 504 ALA A C   1 
ATOM   708 O O   . ALA A 1 82 ? -13.222 -14.717 10.573  1.00 30.96 ? 504 ALA A O   1 
ATOM   709 C CB  . ALA A 1 82 ? -13.818 -11.729 9.615   1.00 29.36 ? 504 ALA A CB  1 
ATOM   710 N N   . LYS A 1 83 ? -13.348 -14.710 8.332   1.00 29.12 ? 505 LYS A N   1 
ATOM   711 C CA  . LYS A 1 83 ? -13.854 -16.065 8.205   1.00 29.29 ? 505 LYS A CA  1 
ATOM   712 C C   . LYS A 1 83 ? -12.765 -17.128 8.360   1.00 28.30 ? 505 LYS A C   1 
ATOM   713 O O   . LYS A 1 83 ? -13.004 -18.171 8.966   1.00 29.07 ? 505 LYS A O   1 
ATOM   714 C CB  . LYS A 1 83 ? -14.555 -16.235 6.856   1.00 30.91 ? 505 LYS A CB  1 
ATOM   715 C CG  . LYS A 1 83 ? -15.864 -15.451 6.712   1.00 34.13 ? 505 LYS A CG  1 
ATOM   716 C CD  . LYS A 1 83 ? -16.980 -16.004 7.624   1.00 38.84 ? 505 LYS A CD  1 
ATOM   717 C CE  . LYS A 1 83 ? -17.595 -17.305 7.093   1.00 41.68 ? 505 LYS A CE  1 
ATOM   718 N NZ  . LYS A 1 83 ? -18.511 -17.069 5.933   1.00 44.02 ? 505 LYS A NZ  1 
ATOM   719 N N   . THR A 1 84 ? -11.581 -16.884 7.801   1.00 24.94 ? 506 THR A N   1 
ATOM   720 C CA  . THR A 1 84 ? -10.527 -17.897 7.841   1.00 23.49 ? 506 THR A CA  1 
ATOM   721 C C   . THR A 1 84 ? -9.498  -17.608 8.926   1.00 22.86 ? 506 THR A C   1 
ATOM   722 O O   . THR A 1 84 ? -8.697  -18.487 9.271   1.00 22.24 ? 506 THR A O   1 
ATOM   723 C CB  . THR A 1 84 ? -9.753  -17.945 6.534   1.00 23.74 ? 506 THR A CB  1 
ATOM   724 O OG1 . THR A 1 84 ? -9.052  -16.715 6.386   1.00 21.51 ? 506 THR A OG1 1 
ATOM   725 C CG2 . THR A 1 84 ? -10.665 -18.144 5.331   1.00 24.26 ? 506 THR A CG2 1 
ATOM   726 N N   . GLN A 1 85 ? -9.489  -16.371 9.425   1.00 21.54 ? 507 GLN A N   1 
ATOM   727 C CA  . GLN A 1 85 ? -8.484  -15.897 10.410  1.00 21.34 ? 507 GLN A CA  1 
ATOM   728 C C   . GLN A 1 85 ? -7.047  -15.818 9.866   1.00 20.34 ? 507 GLN A C   1 
ATOM   729 O O   . GLN A 1 85 ? -6.109  -15.517 10.625  1.00 19.76 ? 507 GLN A O   1 
ATOM   730 C CB  . GLN A 1 85 ? -8.572  -16.649 11.753  1.00 22.34 ? 507 GLN A CB  1 
ATOM   731 C CG  . GLN A 1 85 ? -9.861  -16.345 12.531  1.00 25.75 ? 507 GLN A CG  1 
ATOM   732 C CD  . GLN A 1 85 ? -10.045 -14.860 12.823  1.00 31.29 ? 507 GLN A CD  1 
ATOM   733 O OE1 . GLN A 1 85 ? -9.121  -14.177 13.280  1.00 33.40 ? 507 GLN A OE1 1 
ATOM   734 N NE2 . GLN A 1 85 ? -11.233 -14.344 12.520  1.00 34.40 ? 507 GLN A NE2 1 
ATOM   735 N N   . LEU A 1 86 ? -6.873  -15.993 8.555   1.00 18.59 ? 508 LEU A N   1 
ATOM   736 C CA  . LEU A 1 86 ? -5.553  -15.902 7.965   1.00 18.35 ? 508 LEU A CA  1 
ATOM   737 C C   . LEU A 1 86 ? -5.150  -14.462 7.753   1.00 18.36 ? 508 LEU A C   1 
ATOM   738 O O   . LEU A 1 86 ? -5.980  -13.619 7.392   1.00 19.41 ? 508 LEU A O   1 
ATOM   739 C CB  . LEU A 1 86 ? -5.499  -16.611 6.613   1.00 17.76 ? 508 LEU A CB  1 
ATOM   740 C CG  . LEU A 1 86 ? -5.716  -18.106 6.695   1.00 19.54 ? 508 LEU A CG  1 
ATOM   741 C CD1 . LEU A 1 86 ? -5.902  -18.675 5.289   1.00 20.88 ? 508 LEU A CD1 1 
ATOM   742 C CD2 . LEU A 1 86 ? -4.502  -18.796 7.367   1.00 21.58 ? 508 LEU A CD2 1 
ATOM   743 N N   . LEU A 1 87 ? -3.864  -14.180 7.968   1.00 19.70 ? 509 LEU A N   1 
ATOM   744 C CA  . LEU A 1 87 ? -3.272  -12.913 7.542   1.00 20.86 ? 509 LEU A CA  1 
ATOM   745 C C   . LEU A 1 87 ? -3.385  -12.814 6.043   1.00 22.70 ? 509 LEU A C   1 
ATOM   746 O O   . LEU A 1 87 ? -2.823  -13.664 5.341   1.00 23.10 ? 509 LEU A O   1 
ATOM   747 C CB  . LEU A 1 87 ? -1.808  -12.840 7.969   1.00 22.39 ? 509 LEU A CB  1 
ATOM   748 C CG  . LEU A 1 87 ? -1.618  -12.270 9.365   1.00 25.63 ? 509 LEU A CG  1 
ATOM   749 C CD1 . LEU A 1 87 ? -0.195  -12.560 9.900   1.00 27.13 ? 509 LEU A CD1 1 
ATOM   750 C CD2 . LEU A 1 87 ? -1.920  -10.766 9.398   1.00 26.33 ? 509 LEU A CD2 1 
ATOM   751 N N   . GLU A 1 88 ? -4.097  -11.801 5.539   1.00 22.79 ? 510 GLU A N   1 
ATOM   752 C CA  . GLU A 1 88 ? -4.450  -11.739 4.118   1.00 23.72 ? 510 GLU A CA  1 
ATOM   753 C C   . GLU A 1 88 ? -3.798  -10.586 3.332   1.00 23.35 ? 510 GLU A C   1 
ATOM   754 O O   . GLU A 1 88 ? -3.920  -10.533 2.107   1.00 24.66 ? 510 GLU A O   1 
ATOM   755 C CB  A GLU A 1 88 ? -5.951  -11.855 3.854   0.50 23.06 ? 510 GLU A CB  1 
ATOM   756 C CB  B GLU A 1 88 ? -5.989  -11.603 4.037   0.50 24.03 ? 510 GLU A CB  1 
ATOM   757 C CG  A GLU A 1 88 ? -6.473  -13.299 3.971   0.50 21.97 ? 510 GLU A CG  1 
ATOM   758 C CG  B GLU A 1 88 ? -6.605  -11.556 2.635   0.50 27.44 ? 510 GLU A CG  1 
ATOM   759 C CD  A GLU A 1 88 ? -5.931  -14.243 2.893   0.50 21.35 ? 510 GLU A CD  1 
ATOM   760 C CD  B GLU A 1 88 ? -8.126  -11.383 2.608   0.50 28.17 ? 510 GLU A CD  1 
ATOM   761 O OE1 A GLU A 1 88 ? -5.521  -13.766 1.818   0.50 22.53 ? 510 GLU A OE1 1 
ATOM   762 O OE1 B GLU A 1 88 ? -8.722  -10.813 3.556   0.50 34.57 ? 510 GLU A OE1 1 
ATOM   763 O OE2 A GLU A 1 88 ? -5.910  -15.466 3.137   0.50 16.46 ? 510 GLU A OE2 1 
ATOM   764 O OE2 B GLU A 1 88 ? -8.737  -11.831 1.613   0.50 33.73 ? 510 GLU A OE2 1 
ATOM   765 N N   . GLY A 1 89 ? -3.072  -9.702  4.006   1.00 22.37 ? 511 GLY A N   1 
ATOM   766 C CA  . GLY A 1 89 ? -2.361  -8.663  3.260   1.00 21.74 ? 511 GLY A CA  1 
ATOM   767 C C   . GLY A 1 89 ? -2.137  -7.444  4.109   1.00 21.68 ? 511 GLY A C   1 
ATOM   768 O O   . GLY A 1 89 ? -2.134  -7.522  5.327   1.00 21.04 ? 511 GLY A O   1 
ATOM   769 N N   . VAL A 1 90 ? -1.892  -6.319  3.440   1.00 20.10 ? 512 VAL A N   1 
ATOM   770 C CA  . VAL A 1 90 ? -1.519  -5.061  4.101   1.00 20.16 ? 512 VAL A CA  1 
ATOM   771 C C   . VAL A 1 90 ? -2.239  -3.912  3.374   1.00 20.31 ? 512 VAL A C   1 
ATOM   772 O O   . VAL A 1 90 ? -2.169  -3.824  2.145   1.00 20.48 ? 512 VAL A O   1 
ATOM   773 C CB  . VAL A 1 90 ? 0.008   -4.857  4.029   1.00 20.56 ? 512 VAL A CB  1 
ATOM   774 C CG1 . VAL A 1 90 ? 0.389   -3.469  4.563   1.00 20.91 ? 512 VAL A CG1 1 
ATOM   775 C CG2 . VAL A 1 90 ? 0.771   -5.960  4.790   1.00 21.47 ? 512 VAL A CG2 1 
ATOM   776 N N   . ILE A 1 91 ? -2.907  -3.056  4.135   1.00 18.79 ? 513 ILE A N   1 
ATOM   777 C CA  . ILE A 1 91 ? -3.525  -1.830  3.626   1.00 19.61 ? 513 ILE A CA  1 
ATOM   778 C C   . ILE A 1 91 ? -2.527  -0.686  3.823   1.00 19.00 ? 513 ILE A C   1 
ATOM   779 O O   . ILE A 1 91 ? -1.947  -0.498  4.902   1.00 19.25 ? 513 ILE A O   1 
ATOM   780 C CB  . ILE A 1 91 ? -4.831  -1.507  4.361   1.00 20.48 ? 513 ILE A CB  1 
ATOM   781 C CG1 . ILE A 1 91 ? -5.826  -2.661  4.216   1.00 22.93 ? 513 ILE A CG1 1 
ATOM   782 C CG2 . ILE A 1 91 ? -5.421  -0.205  3.791   1.00 20.54 ? 513 ILE A CG2 1 
ATOM   783 C CD1 . ILE A 1 91 ? -6.860  -2.745  5.359   1.00 27.08 ? 513 ILE A CD1 1 
ATOM   784 N N   . ILE A 1 92 ? -2.274  0.040   2.733   1.00 18.17 ? 514 ILE A N   1 
ATOM   785 C CA  . ILE A 1 92 ? -1.379  1.184   2.747   1.00 17.80 ? 514 ILE A CA  1 
ATOM   786 C C   . ILE A 1 92 ? -2.212  2.454   2.519   1.00 18.43 ? 514 ILE A C   1 
ATOM   787 O O   . ILE A 1 92 ? -2.950  2.559   1.541   1.00 18.67 ? 514 ILE A O   1 
ATOM   788 C CB  . ILE A 1 92 ? -0.295  1.023   1.667   1.00 17.93 ? 514 ILE A CB  1 
ATOM   789 C CG1 . ILE A 1 92 ? 0.391   -0.343  1.821   1.00 19.09 ? 514 ILE A CG1 1 
ATOM   790 C CG2 . ILE A 1 92 ? 0.708   2.177   1.753   1.00 19.45 ? 514 ILE A CG2 1 
ATOM   791 C CD1 . ILE A 1 92 ? 1.348   -0.626  0.635   1.00 20.54 ? 514 ILE A CD1 1 
ATOM   792 N N   . THR A 1 93 ? -2.100  3.397   3.452   1.00 19.38 ? 515 THR A N   1 
ATOM   793 C CA  . THR A 1 93 ? -2.874  4.644   3.396   1.00 19.08 ? 515 THR A CA  1 
ATOM   794 C C   . THR A 1 93 ? -1.886  5.792   3.383   1.00 19.00 ? 515 THR A C   1 
ATOM   795 O O   . THR A 1 93 ? -1.062  5.889   4.302   1.00 20.75 ? 515 THR A O   1 
ATOM   796 C CB  . THR A 1 93 ? -3.810  4.792   4.645   1.00 19.95 ? 515 THR A CB  1 
ATOM   797 O OG1 . THR A 1 93 ? -4.582  3.604   4.766   1.00 21.57 ? 515 THR A OG1 1 
ATOM   798 C CG2 . THR A 1 93 ? -4.785  5.991   4.465   1.00 19.99 ? 515 THR A CG2 1 
ATOM   799 N N   . ILE A 1 94 ? -2.011  6.656   2.379   1.00 18.73 ? 516 ILE A N   1 
ATOM   800 C CA  . ILE A 1 94 ? -1.061  7.757   2.141   1.00 18.85 ? 516 ILE A CA  1 
ATOM   801 C C   . ILE A 1 94 ? -1.811  9.076   2.263   1.00 19.34 ? 516 ILE A C   1 
ATOM   802 O O   . ILE A 1 94 ? -2.837  9.294   1.591   1.00 19.48 ? 516 ILE A O   1 
ATOM   803 C CB  . ILE A 1 94 ? -0.394  7.648   0.746   1.00 19.80 ? 516 ILE A CB  1 
ATOM   804 C CG1 . ILE A 1 94 ? 0.318   6.299   0.666   1.00 22.26 ? 516 ILE A CG1 1 
ATOM   805 C CG2 . ILE A 1 94 ? 0.597   8.807   0.540   1.00 19.87 ? 516 ILE A CG2 1 
ATOM   806 C CD1 . ILE A 1 94 ? 0.890   5.966   -0.652  1.00 26.83 ? 516 ILE A CD1 1 
ATOM   807 N N   . ASP A 1 95 ? -1.296  9.946   3.122   1.00 18.51 ? 517 ASP A N   1 
ATOM   808 C CA  . ASP A 1 95 ? -1.924  11.252  3.379   1.00 18.91 ? 517 ASP A CA  1 
ATOM   809 C C   . ASP A 1 95 ? -0.892  12.357  3.344   1.00 20.42 ? 517 ASP A C   1 
ATOM   810 O O   . ASP A 1 95 ? 0.235   12.135  3.756   1.00 21.26 ? 517 ASP A O   1 
ATOM   811 C CB  . ASP A 1 95 ? -2.530  11.327  4.790   1.00 19.36 ? 517 ASP A CB  1 
ATOM   812 C CG  . ASP A 1 95 ? -3.510  10.206  5.080   1.00 20.23 ? 517 ASP A CG  1 
ATOM   813 O OD1 . ASP A 1 95 ? -4.439  10.028  4.271   1.00 19.37 ? 517 ASP A OD1 1 
ATOM   814 O OD2 . ASP A 1 95 ? -3.342  9.527   6.101   1.00 21.45 ? 517 ASP A OD2 1 
ATOM   815 N N   . ASP A 1 96 ? -1.302  13.538  2.877   1.00 21.10 ? 518 ASP A N   1 
ATOM   816 C CA  . ASP A 1 96 ? -0.443  14.721  3.008   1.00 22.01 ? 518 ASP A CA  1 
ATOM   817 C C   . ASP A 1 96 ? -0.289  15.121  4.476   1.00 22.18 ? 518 ASP A C   1 
ATOM   818 O O   . ASP A 1 96 ? -1.079  14.752  5.360   1.00 22.48 ? 518 ASP A O   1 
ATOM   819 C CB  . ASP A 1 96 ? -0.977  15.899  2.174   1.00 23.09 ? 518 ASP A CB  1 
ATOM   820 C CG  . ASP A 1 96 ? -0.380  15.932  0.794   1.00 25.85 ? 518 ASP A CG  1 
ATOM   821 O OD1 . ASP A 1 96 ? 0.833   16.196  0.690   1.00 28.39 ? 518 ASP A OD1 1 
ATOM   822 O OD2 . ASP A 1 96 ? -1.100  15.667  -0.192  1.00 27.01 ? 518 ASP A OD2 1 
ATOM   823 O OXT . ASP A 1 96 ? 0.659   15.868  4.793   1.00 23.66 ? 518 ASP A OXT 1 
HETATM 824 O O1  . PG4 B 2 .  ? 6.265   -11.742 -2.227  1.00 39.40 ? 600 PG4 A O1  1 
HETATM 825 C C1  . PG4 B 2 .  ? 5.420   -10.755 -1.609  1.00 39.03 ? 600 PG4 A C1  1 
HETATM 826 C C2  . PG4 B 2 .  ? 6.150   -9.422  -1.647  1.00 37.68 ? 600 PG4 A C2  1 
HETATM 827 O O2  . PG4 B 2 .  ? 5.330   -8.309  -2.029  1.00 36.77 ? 600 PG4 A O2  1 
HETATM 828 C C3  . PG4 B 2 .  ? 5.902   -7.047  -1.661  1.00 35.35 ? 600 PG4 A C3  1 
HETATM 829 C C4  . PG4 B 2 .  ? 4.890   -5.958  -1.314  1.00 28.77 ? 600 PG4 A C4  1 
HETATM 830 O O3  . PG4 B 2 .  ? 3.939   -6.201  -0.261  1.00 37.59 ? 600 PG4 A O3  1 
HETATM 831 C C5  . PG4 B 2 .  ? 3.853   -7.518  0.263   1.00 31.59 ? 600 PG4 A C5  1 
HETATM 832 C C6  . PG4 B 2 .  ? 2.758   -7.696  1.303   1.00 29.71 ? 600 PG4 A C6  1 
HETATM 833 O O4  . PG4 B 2 .  ? 2.892   -9.081  1.615   1.00 29.39 ? 600 PG4 A O4  1 
HETATM 834 C C7  . PG4 B 2 .  ? 4.213   -9.389  2.044   1.00 25.82 ? 600 PG4 A C7  1 
HETATM 835 C C8  . PG4 B 2 .  ? 4.388   -10.889 2.218   1.00 32.54 ? 600 PG4 A C8  1 
HETATM 836 O O5  . PG4 B 2 .  ? 5.694   -11.136 2.772   1.00 36.25 ? 600 PG4 A O5  1 
HETATM 837 O O1  . PG4 C 2 .  ? 4.283   7.375   -14.355 1.00 60.15 ? 601 PG4 A O1  1 
HETATM 838 C C1  . PG4 C 2 .  ? 4.749   8.189   -15.434 1.00 60.53 ? 601 PG4 A C1  1 
HETATM 839 C C2  . PG4 C 2 .  ? 6.160   7.772   -15.821 1.00 60.67 ? 601 PG4 A C2  1 
HETATM 840 O O2  . PG4 C 2 .  ? 7.024   7.825   -14.687 1.00 61.41 ? 601 PG4 A O2  1 
HETATM 841 C C3  . PG4 C 2 .  ? 7.985   8.885   -14.761 1.00 61.27 ? 601 PG4 A C3  1 
HETATM 842 C C4  . PG4 C 2 .  ? 9.278   8.420   -15.432 1.00 60.61 ? 601 PG4 A C4  1 
HETATM 843 O O3  . PG4 C 2 .  ? 9.836   9.491   -16.200 1.00 60.98 ? 601 PG4 A O3  1 
HETATM 844 C C5  . PG4 C 2 .  ? 9.474   9.414   -17.582 1.00 60.31 ? 601 PG4 A C5  1 
HETATM 845 C C6  . PG4 C 2 .  ? 9.345   10.805  -18.192 1.00 60.70 ? 601 PG4 A C6  1 
HETATM 846 O O4  . PG4 C 2 .  ? 10.605  11.261  -18.700 1.00 59.65 ? 601 PG4 A O4  1 
HETATM 847 C C7  . PG4 C 2 .  ? 10.960  12.571  -18.247 1.00 60.07 ? 601 PG4 A C7  1 
HETATM 848 C C8  . PG4 C 2 .  ? 11.366  12.572  -16.772 1.00 59.45 ? 601 PG4 A C8  1 
HETATM 849 O O5  . PG4 C 2 .  ? 12.510  11.734  -16.587 1.00 59.59 ? 601 PG4 A O5  1 
HETATM 850 O O1  . PG4 D 2 .  ? -9.896  19.835  1.096   1.00 46.58 ? 602 PG4 A O1  1 
HETATM 851 C C1  . PG4 D 2 .  ? -8.736  19.051  0.795   1.00 44.83 ? 602 PG4 A C1  1 
HETATM 852 C C2  . PG4 D 2 .  ? -8.768  17.765  1.619   1.00 43.20 ? 602 PG4 A C2  1 
HETATM 853 O O2  . PG4 D 2 .  ? -7.753  17.781  2.628   1.00 41.96 ? 602 PG4 A O2  1 
HETATM 854 C C3  . PG4 D 2 .  ? -6.666  16.898  2.339   1.00 37.06 ? 602 PG4 A C3  1 
HETATM 855 C C4  . PG4 D 2 .  ? -5.413  17.388  3.062   1.00 36.30 ? 602 PG4 A C4  1 
HETATM 856 O O3  . PG4 D 2 .  ? -4.521  17.959  2.117   1.00 35.57 ? 602 PG4 A O3  1 
HETATM 857 C C5  . PG4 D 2 .  ? -3.452  18.659  2.745   1.00 36.65 ? 602 PG4 A C5  1 
HETATM 858 C C6  . PG4 D 2 .  ? -2.791  19.582  1.734   1.00 37.25 ? 602 PG4 A C6  1 
HETATM 859 O O4  . PG4 D 2 .  ? -2.320  18.822  0.623   1.00 39.33 ? 602 PG4 A O4  1 
HETATM 860 C C7  . PG4 D 2 .  ? -1.869  19.649  -0.451  1.00 40.70 ? 602 PG4 A C7  1 
HETATM 861 C C8  . PG4 D 2 .  ? -1.719  18.824  -1.723  1.00 40.79 ? 602 PG4 A C8  1 
HETATM 862 O O5  . PG4 D 2 .  ? -3.010  18.556  -2.283  1.00 42.88 ? 602 PG4 A O5  1 
HETATM 863 O O1  . PG4 E 2 .  ? 4.310   13.561  7.157   1.00 34.07 ? 603 PG4 A O1  1 
HETATM 864 C C1  . PG4 E 2 .  ? 4.096   14.820  6.496   1.00 38.34 ? 603 PG4 A C1  1 
HETATM 865 C C2  . PG4 E 2 .  ? 4.289   15.979  7.470   1.00 40.24 ? 603 PG4 A C2  1 
HETATM 866 O O2  . PG4 E 2 .  ? 4.014   17.219  6.819   1.00 41.47 ? 603 PG4 A O2  1 
HETATM 867 C C3  . PG4 E 2 .  ? 4.211   18.348  7.687   1.00 43.11 ? 603 PG4 A C3  1 
HETATM 868 C C4  . PG4 E 2 .  ? 2.969   19.238  7.745   1.00 42.59 ? 603 PG4 A C4  1 
HETATM 869 O O3  . PG4 E 2 .  ? 2.906   19.900  9.011   1.00 45.05 ? 603 PG4 A O3  1 
HETATM 870 C C5  . PG4 E 2 .  ? 1.700   20.647  9.232   1.00 42.98 ? 603 PG4 A C5  1 
HETATM 871 C C6  . PG4 E 2 .  ? 0.926   20.064  10.419  1.00 42.85 ? 603 PG4 A C6  1 
HETATM 872 O O4  . PG4 E 2 .  ? 0.969   20.860  11.616  1.00 42.47 ? 603 PG4 A O4  1 
HETATM 873 C C7  . PG4 E 2 .  ? 0.675   20.059  12.773  1.00 40.98 ? 603 PG4 A C7  1 
HETATM 874 C C8  . PG4 E 2 .  ? 0.029   20.895  13.889  1.00 40.17 ? 603 PG4 A C8  1 
HETATM 875 O O5  . PG4 E 2 .  ? -0.972  20.176  14.645  1.00 32.32 ? 603 PG4 A O5  1 
HETATM 876 C C1  . PGE F 3 .  ? 7.709   11.916  -9.677  1.00 59.54 ? 604 PGE A C1  1 
HETATM 877 O O1  . PGE F 3 .  ? 6.478   12.473  -9.195  1.00 60.13 ? 604 PGE A O1  1 
HETATM 878 C C2  . PGE F 3 .  ? 7.998   10.599  -8.964  1.00 59.45 ? 604 PGE A C2  1 
HETATM 879 O O2  . PGE F 3 .  ? 8.906   10.812  -7.880  1.00 58.77 ? 604 PGE A O2  1 
HETATM 880 C C3  . PGE F 3 .  ? 9.475   9.588   -7.414  1.00 58.30 ? 604 PGE A C3  1 
HETATM 881 C C4  . PGE F 3 .  ? 9.613   9.612   -5.894  1.00 58.00 ? 604 PGE A C4  1 
HETATM 882 O O4  . PGE F 3 .  ? 11.288  12.938  -4.107  1.00 57.07 ? 604 PGE A O4  1 
HETATM 883 C C6  . PGE F 3 .  ? 11.987  11.700  -3.930  1.00 57.00 ? 604 PGE A C6  1 
HETATM 884 C C5  . PGE F 3 .  ? 11.092  10.513  -4.275  1.00 57.64 ? 604 PGE A C5  1 
HETATM 885 O O3  . PGE F 3 .  ? 10.370  10.755  -5.485  1.00 57.72 ? 604 PGE A O3  1 
HETATM 886 C C1  . PEG G 4 .  ? 3.557   10.907  -7.054  1.00 59.14 ? 605 PEG A C1  1 
HETATM 887 O O1  . PEG G 4 .  ? 4.734   10.301  -7.596  1.00 58.94 ? 605 PEG A O1  1 
HETATM 888 C C2  . PEG G 4 .  ? 3.688   12.421  -7.164  1.00 59.60 ? 605 PEG A C2  1 
HETATM 889 O O2  . PEG G 4 .  ? 3.560   12.998  -5.866  1.00 59.74 ? 605 PEG A O2  1 
HETATM 890 C C3  . PEG G 4 .  ? 2.812   14.212  -5.908  1.00 59.21 ? 605 PEG A C3  1 
HETATM 891 C C4  . PEG G 4 .  ? 3.664   15.330  -5.325  1.00 59.26 ? 605 PEG A C4  1 
HETATM 892 O O4  . PEG G 4 .  ? 4.358   15.989  -6.390  1.00 58.97 ? 605 PEG A O4  1 
HETATM 893 O O   . HOH H 5 .  ? -10.659 11.150  2.688   1.00 16.01 ? 1   HOH A O   1 
HETATM 894 O O   . HOH H 5 .  ? -3.292  1.721   6.292   1.00 19.51 ? 2   HOH A O   1 
HETATM 895 O O   . HOH H 5 .  ? -2.780  -14.830 -5.133  0.50 21.24 ? 3   HOH A O   1 
HETATM 896 O O   . HOH H 5 .  ? -8.311  -16.278 3.923   1.00 21.55 ? 4   HOH A O   1 
HETATM 897 O O   . HOH H 5 .  ? -2.153  -16.431 8.682   1.00 21.66 ? 5   HOH A O   1 
HETATM 898 O O   . HOH H 5 .  ? 8.722   3.317   -2.762  1.00 21.71 ? 6   HOH A O   1 
HETATM 899 O O   . HOH H 5 .  ? -3.660  -4.379  -14.136 1.00 21.92 ? 7   HOH A O   1 
HETATM 900 O O   . HOH H 5 .  ? 4.656   -6.082  -4.135  1.00 22.86 ? 8   HOH A O   1 
HETATM 901 O O   . HOH H 5 .  ? 3.428   -13.536 16.728  1.00 23.09 ? 9   HOH A O   1 
HETATM 902 O O   . HOH H 5 .  ? -8.779  -21.140 7.902   1.00 23.55 ? 10  HOH A O   1 
HETATM 903 O O   . HOH H 5 .  ? -1.401  7.718   6.461   1.00 24.18 ? 11  HOH A O   1 
HETATM 904 O O   . HOH H 5 .  ? -9.987  -0.381  -5.158  1.00 24.55 ? 12  HOH A O   1 
HETATM 905 O O   . HOH H 5 .  ? -10.654 14.887  0.511   1.00 27.00 ? 13  HOH A O   1 
HETATM 906 O O   . HOH H 5 .  ? -6.121  -19.144 10.712  1.00 27.26 ? 14  HOH A O   1 
HETATM 907 O O   . HOH H 5 .  ? -4.368  -12.383 -0.048  1.00 27.91 ? 15  HOH A O   1 
HETATM 908 O O   . HOH H 5 .  ? -1.317  -16.030 6.101   1.00 28.23 ? 16  HOH A O   1 
HETATM 909 O O   . HOH H 5 .  ? -10.827 7.750   -3.539  1.00 29.01 ? 17  HOH A O   1 
HETATM 910 O O   . HOH H 5 .  ? -7.948  14.680  -0.853  1.00 30.81 ? 18  HOH A O   1 
HETATM 911 O O   . HOH H 5 .  ? -9.891  3.600   -8.351  1.00 31.59 ? 19  HOH A O   1 
HETATM 912 O O   . HOH H 5 .  ? -12.066 5.774   -4.657  1.00 31.63 ? 20  HOH A O   1 
HETATM 913 O O   . HOH H 5 .  ? -5.804  -15.284 -0.549  1.00 33.60 ? 21  HOH A O   1 
HETATM 914 O O   . HOH H 5 .  ? 7.989   -9.455  -8.509  1.00 34.01 ? 22  HOH A O   1 
HETATM 915 O O   . HOH H 5 .  ? -10.466 3.728   -12.946 1.00 35.12 ? 23  HOH A O   1 
HETATM 916 O O   . HOH H 5 .  ? -5.036  12.432  -4.391  1.00 35.94 ? 24  HOH A O   1 
HETATM 917 O O   . HOH H 5 .  ? 11.744  8.825   -0.123  1.00 36.87 ? 25  HOH A O   1 
HETATM 918 O O   . HOH H 5 .  ? 12.090  10.223  2.117   1.00 38.68 ? 26  HOH A O   1 
HETATM 919 O O   . HOH H 5 .  ? -9.301  -14.006 2.248   1.00 38.93 ? 27  HOH A O   1 
HETATM 920 O O   . HOH H 5 .  ? 5.493   3.605   -11.160 1.00 38.96 ? 28  HOH A O   1 
HETATM 921 O O   . HOH H 5 .  ? -12.967 -10.489 6.522   1.00 38.96 ? 29  HOH A O   1 
HETATM 922 O O   . HOH H 5 .  ? -4.355  -0.546  12.401  1.00 39.40 ? 30  HOH A O   1 
HETATM 923 O O   . HOH H 5 .  ? -10.041 -0.617  2.192   1.00 39.44 ? 31  HOH A O   1 
HETATM 924 O O   . HOH H 5 .  ? -3.162  -3.882  11.479  1.00 39.59 ? 32  HOH A O   1 
HETATM 925 O O   . HOH H 5 .  ? -2.630  4.012   -15.782 1.00 41.32 ? 33  HOH A O   1 
HETATM 926 O O   . HOH H 5 .  ? 2.322   13.711  10.754  1.00 42.93 ? 34  HOH A O   1 
HETATM 927 O O   . HOH H 5 .  ? 3.907   3.003   14.396  1.00 43.16 ? 35  HOH A O   1 
HETATM 928 O O   . HOH H 5 .  ? -11.922 1.799   -6.123  1.00 43.31 ? 36  HOH A O   1 
HETATM 929 O O   . HOH H 5 .  ? -7.695  3.549   6.176   1.00 43.60 ? 37  HOH A O   1 
HETATM 930 O O   . HOH H 5 .  ? -7.568  15.888  -3.625  1.00 45.94 ? 38  HOH A O   1 
HETATM 931 O O   . HOH H 5 .  ? 8.619   7.913   10.258  1.00 46.28 ? 39  HOH A O   1 
HETATM 932 O O   . HOH H 5 .  ? 9.786   7.929   7.137   1.00 46.47 ? 40  HOH A O   1 
HETATM 933 O O   . HOH H 5 .  ? 11.552  -6.624  3.669   1.00 46.65 ? 41  HOH A O   1 
HETATM 934 O O   . HOH H 5 .  ? -7.159  -0.619  -19.000 1.00 47.70 ? 42  HOH A O   1 
HETATM 935 O O   . HOH H 5 .  ? 6.088   3.361   13.447  1.00 48.95 ? 43  HOH A O   1 
HETATM 936 O O   . HOH H 5 .  ? 1.836   9.176   -14.733 1.00 49.35 ? 44  HOH A O   1 
HETATM 937 O O   . HOH H 5 .  ? 4.921   7.338   -9.536  1.00 50.61 ? 45  HOH A O   1 
HETATM 938 O O   . HOH H 5 .  ? -10.158 -10.810 12.556  1.00 50.90 ? 46  HOH A O   1 
HETATM 939 O O   . HOH H 5 .  ? -11.705 11.322  -5.938  1.00 51.62 ? 47  HOH A O   1 
HETATM 940 O O   . HOH H 5 .  ? 3.538   15.832  10.915  1.00 52.04 ? 48  HOH A O   1 
HETATM 941 O O   . HOH H 5 .  ? 8.505   -2.813  9.893   1.00 52.22 ? 49  HOH A O   1 
HETATM 942 O O   . HOH H 5 .  ? -1.350  6.581   -17.338 1.00 55.14 ? 50  HOH A O   1 
# 
loop_
_pdbx_poly_seq_scheme.asym_id 
_pdbx_poly_seq_scheme.entity_id 
_pdbx_poly_seq_scheme.seq_id 
_pdbx_poly_seq_scheme.mon_id 
_pdbx_poly_seq_scheme.ndb_seq_num 
_pdbx_poly_seq_scheme.pdb_seq_num 
_pdbx_poly_seq_scheme.auth_seq_num 
_pdbx_poly_seq_scheme.pdb_mon_id 
_pdbx_poly_seq_scheme.auth_mon_id 
_pdbx_poly_seq_scheme.pdb_strand_id 
_pdbx_poly_seq_scheme.pdb_ins_code 
_pdbx_poly_seq_scheme.hetero 
A 1 1  MET 1  423 423 MET MET A . n 
A 1 2  GLU 2  424 424 GLU GLU A . n 
A 1 3  THR 3  425 425 THR THR A . n 
A 1 4  ALA 4  426 426 ALA ALA A . n 
A 1 5  ILE 5  427 427 ILE ILE A . n 
A 1 6  ILE 6  428 428 ILE ILE A . n 
A 1 7  THR 7  429 429 THR THR A . n 
A 1 8  LEU 8  430 430 LEU LEU A . n 
A 1 9  SER 9  431 431 SER SER A . n 
A 1 10 LYS 10 432 432 LYS LYS A . n 
A 1 11 ASP 11 433 433 ASP ASP A . n 
A 1 12 GLY 12 434 434 GLY GLY A . n 
A 1 13 ARG 13 435 435 ARG ARG A . n 
A 1 14 ILE 14 436 436 ILE ILE A . n 
A 1 15 THR 15 437 437 THR THR A . n 
A 1 16 GLU 16 438 438 GLU GLU A . n 
A 1 17 TRP 17 439 439 TRP TRP A . n 
A 1 18 ASN 18 440 440 ASN ASN A . n 
A 1 19 LYS 19 441 441 LYS LYS A . n 
A 1 20 LYS 20 442 442 LYS LYS A . n 
A 1 21 ALA 21 443 443 ALA ALA A . n 
A 1 22 GLU 22 444 444 GLU GLU A . n 
A 1 23 GLN 23 445 445 GLN GLN A . n 
A 1 24 LEU 24 446 446 LEU LEU A . n 
A 1 25 PHE 25 447 447 PHE PHE A . n 
A 1 26 GLY 26 448 448 GLY GLY A . n 
A 1 27 LEU 27 449 449 LEU LEU A . n 
A 1 28 LYS 28 450 450 LYS LYS A . n 
A 1 29 LYS 29 451 451 LYS LYS A . n 
A 1 30 GLU 30 452 452 GLU GLU A . n 
A 1 31 ASN 31 453 453 ASN ASN A . n 
A 1 32 VAL 32 454 454 VAL VAL A . n 
A 1 33 LEU 33 455 455 LEU LEU A . n 
A 1 34 GLY 34 456 456 GLY GLY A . n 
A 1 35 ARG 35 457 457 ARG ARG A . n 
A 1 36 ARG 36 458 458 ARG ARG A . n 
A 1 37 LEU 37 459 459 LEU LEU A . n 
A 1 38 LYS 38 460 460 LYS LYS A . n 
A 1 39 ASP 39 461 461 ASP ASP A . n 
A 1 40 LEU 40 462 462 LEU LEU A . n 
A 1 41 PRO 41 463 463 PRO PRO A . n 
A 1 42 ASP 42 464 464 ASP ASP A . n 
A 1 43 PHE 43 465 465 PHE PHE A . n 
A 1 44 GLU 44 466 466 GLU GLU A . n 
A 1 45 GLU 45 467 467 GLU GLU A . n 
A 1 46 ILE 46 468 468 ILE ILE A . n 
A 1 47 GLY 47 469 469 GLY GLY A . n 
A 1 48 SER 48 470 470 SER SER A . n 
A 1 49 VAL 49 471 471 VAL VAL A . n 
A 1 50 ALA 50 472 472 ALA ALA A . n 
A 1 51 GLU 51 473 473 GLU GLU A . n 
A 1 52 SER 52 474 474 SER SER A . n 
A 1 53 VAL 53 475 475 VAL VAL A . n 
A 1 54 PHE 54 476 476 PHE PHE A . n 
A 1 55 GLU 55 477 477 GLU GLU A . n 
A 1 56 ASN 56 478 478 ASN ASN A . n 
A 1 57 LYS 57 479 479 LYS LYS A . n 
A 1 58 GLU 58 480 480 GLU GLU A . n 
A 1 59 PRO 59 481 481 PRO PRO A . n 
A 1 60 VAL 60 482 482 VAL VAL A . n 
A 1 61 PHE 61 483 483 PHE PHE A . n 
A 1 62 LEU 62 484 484 LEU LEU A . n 
A 1 63 ASN 63 485 485 ASN ASN A . n 
A 1 64 PHE 64 486 486 PHE PHE A . n 
A 1 65 TYR 65 487 487 TYR TYR A . n 
A 1 66 LYS 66 488 488 LYS LYS A . n 
A 1 67 PHE 67 489 489 PHE PHE A . n 
A 1 68 GLY 68 490 490 GLY GLY A . n 
A 1 69 GLU 69 491 491 GLU GLU A . n 
A 1 70 ARG 70 492 492 ARG ARG A . n 
A 1 71 TYR 71 493 493 TYR TYR A . n 
A 1 72 PHE 72 494 494 PHE PHE A . n 
A 1 73 ASN 73 495 495 ASN ASN A . n 
A 1 74 ILE 74 496 496 ILE ILE A . n 
A 1 75 ARG 75 497 497 ARG ARG A . n 
A 1 76 PHE 76 498 498 PHE PHE A . n 
A 1 77 SER 77 499 499 SER SER A . n 
A 1 78 PRO 78 500 500 PRO PRO A . n 
A 1 79 PHE 79 501 501 PHE PHE A . n 
A 1 80 ARG 80 502 502 ARG ARG A . n 
A 1 81 ASN 81 503 503 ASN ASN A . n 
A 1 82 ALA 82 504 504 ALA ALA A . n 
A 1 83 LYS 83 505 505 LYS LYS A . n 
A 1 84 THR 84 506 506 THR THR A . n 
A 1 85 GLN 85 507 507 GLN GLN A . n 
A 1 86 LEU 86 508 508 LEU LEU A . n 
A 1 87 LEU 87 509 509 LEU LEU A . n 
A 1 88 GLU 88 510 510 GLU GLU A . n 
A 1 89 GLY 89 511 511 GLY GLY A . n 
A 1 90 VAL 90 512 512 VAL VAL A . n 
A 1 91 ILE 91 513 513 ILE ILE A . n 
A 1 92 ILE 92 514 514 ILE ILE A . n 
A 1 93 THR 93 515 515 THR THR A . n 
A 1 94 ILE 94 516 516 ILE ILE A . n 
A 1 95 ASP 95 517 517 ASP ASP A . n 
A 1 96 ASP 96 518 518 ASP ASP A . n 
# 
loop_
_pdbx_nonpoly_scheme.asym_id 
_pdbx_nonpoly_scheme.entity_id 
_pdbx_nonpoly_scheme.mon_id 
_pdbx_nonpoly_scheme.ndb_seq_num 
_pdbx_nonpoly_scheme.pdb_seq_num 
_pdbx_nonpoly_scheme.auth_seq_num 
_pdbx_nonpoly_scheme.pdb_mon_id 
_pdbx_nonpoly_scheme.auth_mon_id 
_pdbx_nonpoly_scheme.pdb_strand_id 
_pdbx_nonpoly_scheme.pdb_ins_code 
B 2 PG4 1  600 600 PG4 PG4 A . 
C 2 PG4 1  601 601 PG4 PG4 A . 
D 2 PG4 1  602 602 PG4 PG4 A . 
E 2 PG4 1  603 603 PG4 PG4 A . 
F 3 PGE 1  604 604 PGE PGE A . 
G 4 PEG 1  605 605 PEG PEG A . 
H 5 HOH 1  1   1   HOH HOH A . 
H 5 HOH 2  2   2   HOH HOH A . 
H 5 HOH 3  3   3   HOH HOH A . 
H 5 HOH 4  4   4   HOH HOH A . 
H 5 HOH 5  5   5   HOH HOH A . 
H 5 HOH 6  6   6   HOH HOH A . 
H 5 HOH 7  7   7   HOH HOH A . 
H 5 HOH 8  8   8   HOH HOH A . 
H 5 HOH 9  9   9   HOH HOH A . 
H 5 HOH 10 10  10  HOH HOH A . 
H 5 HOH 11 11  11  HOH HOH A . 
H 5 HOH 12 12  12  HOH HOH A . 
H 5 HOH 13 13  13  HOH HOH A . 
H 5 HOH 14 14  14  HOH HOH A . 
H 5 HOH 15 15  15  HOH HOH A . 
H 5 HOH 16 16  16  HOH HOH A . 
H 5 HOH 17 17  17  HOH HOH A . 
H 5 HOH 18 18  18  HOH HOH A . 
H 5 HOH 19 19  19  HOH HOH A . 
H 5 HOH 20 20  20  HOH HOH A . 
H 5 HOH 21 21  21  HOH HOH A . 
H 5 HOH 22 22  22  HOH HOH A . 
H 5 HOH 23 23  23  HOH HOH A . 
H 5 HOH 24 24  24  HOH HOH A . 
H 5 HOH 25 25  25  HOH HOH A . 
H 5 HOH 26 26  26  HOH HOH A . 
H 5 HOH 27 27  27  HOH HOH A . 
H 5 HOH 28 28  28  HOH HOH A . 
H 5 HOH 29 29  29  HOH HOH A . 
H 5 HOH 30 30  30  HOH HOH A . 
H 5 HOH 31 31  31  HOH HOH A . 
H 5 HOH 32 32  32  HOH HOH A . 
H 5 HOH 33 33  33  HOH HOH A . 
H 5 HOH 34 34  34  HOH HOH A . 
H 5 HOH 35 35  35  HOH HOH A . 
H 5 HOH 36 36  36  HOH HOH A . 
H 5 HOH 37 37  37  HOH HOH A . 
H 5 HOH 38 38  38  HOH HOH A . 
H 5 HOH 39 39  39  HOH HOH A . 
H 5 HOH 40 40  40  HOH HOH A . 
H 5 HOH 41 41  41  HOH HOH A . 
H 5 HOH 42 42  42  HOH HOH A . 
H 5 HOH 43 43  43  HOH HOH A . 
H 5 HOH 44 44  44  HOH HOH A . 
H 5 HOH 45 45  45  HOH HOH A . 
H 5 HOH 46 46  46  HOH HOH A . 
H 5 HOH 47 47  47  HOH HOH A . 
H 5 HOH 48 48  48  HOH HOH A . 
H 5 HOH 49 49  49  HOH HOH A . 
H 5 HOH 50 50  50  HOH HOH A . 
# 
_pdbx_struct_assembly.id                   1 
_pdbx_struct_assembly.details              author_and_software_defined_assembly 
_pdbx_struct_assembly.method_details       PISA 
_pdbx_struct_assembly.oligomeric_details   monomeric 
_pdbx_struct_assembly.oligomeric_count     1 
# 
_pdbx_struct_assembly_gen.assembly_id       1 
_pdbx_struct_assembly_gen.oper_expression   1 
_pdbx_struct_assembly_gen.asym_id_list      A,B,C,D,E,F,G,H 
# 
_pdbx_struct_oper_list.id                   1 
_pdbx_struct_oper_list.type                 'identity operation' 
_pdbx_struct_oper_list.name                 1_555 
_pdbx_struct_oper_list.symmetry_operation   x,y,z 
_pdbx_struct_oper_list.matrix[1][1]         1.0000000000 
_pdbx_struct_oper_list.matrix[1][2]         0.0000000000 
_pdbx_struct_oper_list.matrix[1][3]         0.0000000000 
_pdbx_struct_oper_list.vector[1]            0.0000000000 
_pdbx_struct_oper_list.matrix[2][1]         0.0000000000 
_pdbx_struct_oper_list.matrix[2][2]         1.0000000000 
_pdbx_struct_oper_list.matrix[2][3]         0.0000000000 
_pdbx_struct_oper_list.vector[2]            0.0000000000 
_pdbx_struct_oper_list.matrix[3][1]         0.0000000000 
_pdbx_struct_oper_list.matrix[3][2]         0.0000000000 
_pdbx_struct_oper_list.matrix[3][3]         1.0000000000 
_pdbx_struct_oper_list.vector[3]            0.0000000000 
# 
loop_
_pdbx_audit_revision_history.ordinal 
_pdbx_audit_revision_history.data_content_type 
_pdbx_audit_revision_history.major_revision 
_pdbx_audit_revision_history.minor_revision 
_pdbx_audit_revision_history.revision_date 
1 'Structure model' 1 0 2009-10-20 
2 'Structure model' 1 1 2011-07-13 
3 'Structure model' 1 2 2011-08-17 
4 'Structure model' 1 3 2023-11-01 
# 
_pdbx_audit_revision_details.ordinal             1 
_pdbx_audit_revision_details.revision_ordinal    1 
_pdbx_audit_revision_details.data_content_type   'Structure model' 
_pdbx_audit_revision_details.provider            repository 
_pdbx_audit_revision_details.type                'Initial release' 
_pdbx_audit_revision_details.description         ? 
_pdbx_audit_revision_details.details             ? 
# 
loop_
_pdbx_audit_revision_group.ordinal 
_pdbx_audit_revision_group.revision_ordinal 
_pdbx_audit_revision_group.data_content_type 
_pdbx_audit_revision_group.group 
1 2 'Structure model' Advisory                    
2 2 'Structure model' 'Version format compliance' 
3 3 'Structure model' 'Data collection'           
4 4 'Structure model' 'Data collection'           
5 4 'Structure model' 'Database references'       
6 4 'Structure model' 'Derived calculations'      
7 4 'Structure model' 'Refinement description'    
# 
loop_
_pdbx_audit_revision_category.ordinal 
_pdbx_audit_revision_category.revision_ordinal 
_pdbx_audit_revision_category.data_content_type 
_pdbx_audit_revision_category.category 
1 4 'Structure model' chem_comp_atom                
2 4 'Structure model' chem_comp_bond                
3 4 'Structure model' database_2                    
4 4 'Structure model' pdbx_initial_refinement_model 
5 4 'Structure model' struct_ref_seq_dif            
6 4 'Structure model' struct_site                   
# 
loop_
_pdbx_audit_revision_item.ordinal 
_pdbx_audit_revision_item.revision_ordinal 
_pdbx_audit_revision_item.data_content_type 
_pdbx_audit_revision_item.item 
1 4 'Structure model' '_database_2.pdbx_DOI'                
2 4 'Structure model' '_database_2.pdbx_database_accession' 
3 4 'Structure model' '_struct_ref_seq_dif.details'         
4 4 'Structure model' '_struct_site.pdbx_auth_asym_id'      
5 4 'Structure model' '_struct_site.pdbx_auth_comp_id'      
6 4 'Structure model' '_struct_site.pdbx_auth_seq_id'       
# 
_pdbx_refine_tls.id               1 
_pdbx_refine_tls.details          ? 
_pdbx_refine_tls.method           refined 
_pdbx_refine_tls.origin_x         0.0615 
_pdbx_refine_tls.origin_y         0.3039 
_pdbx_refine_tls.origin_z         -0.0413 
_pdbx_refine_tls.T[1][1]          -0.0682 
_pdbx_refine_tls.T[2][2]          -0.0684 
_pdbx_refine_tls.T[3][3]          -0.0479 
_pdbx_refine_tls.T[1][2]          -0.0127 
_pdbx_refine_tls.T[1][3]          0.0303 
_pdbx_refine_tls.T[2][3]          -0.0113 
_pdbx_refine_tls.L[1][1]          0.5922 
_pdbx_refine_tls.L[2][2]          2.0003 
_pdbx_refine_tls.L[3][3]          0.4784 
_pdbx_refine_tls.L[1][2]          0.0526 
_pdbx_refine_tls.L[1][3]          -0.1920 
_pdbx_refine_tls.L[2][3]          0.2099 
_pdbx_refine_tls.S[1][1]          0.0602 
_pdbx_refine_tls.S[2][2]          -0.0218 
_pdbx_refine_tls.S[3][3]          -0.0385 
_pdbx_refine_tls.S[1][2]          0.0245 
_pdbx_refine_tls.S[1][3]          -0.0100 
_pdbx_refine_tls.S[2][3]          -0.1956 
_pdbx_refine_tls.S[2][1]          0.0799 
_pdbx_refine_tls.S[3][1]          -0.0651 
_pdbx_refine_tls.S[3][2]          0.0017 
_pdbx_refine_tls.pdbx_refine_id   'X-RAY DIFFRACTION' 
# 
_pdbx_refine_tls_group.id                  1 
_pdbx_refine_tls_group.refine_tls_id       1 
_pdbx_refine_tls_group.beg_auth_asym_id    A 
_pdbx_refine_tls_group.end_auth_asym_id    A 
_pdbx_refine_tls_group.end_auth_seq_id     518 
_pdbx_refine_tls_group.selection           ? 
_pdbx_refine_tls_group.beg_auth_seq_id     423 
_pdbx_refine_tls_group.beg_label_asym_id   . 
_pdbx_refine_tls_group.beg_label_seq_id    . 
_pdbx_refine_tls_group.end_label_asym_id   . 
_pdbx_refine_tls_group.end_label_seq_id    . 
_pdbx_refine_tls_group.pdbx_refine_id      'X-RAY DIFFRACTION' 
_pdbx_refine_tls_group.selection_details   ? 
# 
loop_
_software.name 
_software.version 
_software.date 
_software.type 
_software.contact_author 
_software.contact_author_email 
_software.classification 
_software.location 
_software.language 
_software.citation_id 
_software.pdbx_ordinal 
REFMAC      5.2.0019 ?               program 'Garib N. Murshudov' garib@ysbl.york.ac.uk refinement        
http://www.ccp4.ac.uk/dist/html/refmac5.html Fortran_77 ? 1 
PDB_EXTRACT 3.006    'June 11, 2008' package PDB                  help@deposit.rcsb.org 'data extraction' 
http://sw-tools.pdb.org/apps/PDB_EXTRACT/    C++        ? 2 
ADSC        Quantum  ?               ?       ?                    ?                     'data collection' ? ?          ? 3 
HKL-2000    .        ?               ?       ?                    ?                     'data reduction'  ? ?          ? 4 
HKL-2000    .        ?               ?       ?                    ?                     'data scaling'    ? ?          ? 5 
REFMAC      5.2.0019 ?               ?       ?                    ?                     phasing           ? ?          ? 6 
# 
_pdbx_validate_torsion.id              1 
_pdbx_validate_torsion.PDB_model_num   1 
_pdbx_validate_torsion.auth_comp_id    ASP 
_pdbx_validate_torsion.auth_asym_id    A 
_pdbx_validate_torsion.auth_seq_id     464 
_pdbx_validate_torsion.PDB_ins_code    ? 
_pdbx_validate_torsion.label_alt_id    ? 
_pdbx_validate_torsion.phi             102.82 
_pdbx_validate_torsion.psi             -19.22 
# 
loop_
_chem_comp_atom.comp_id 
_chem_comp_atom.atom_id 
_chem_comp_atom.type_symbol 
_chem_comp_atom.pdbx_aromatic_flag 
_chem_comp_atom.pdbx_stereo_config 
_chem_comp_atom.pdbx_ordinal 
ALA N    N N N 1   
ALA CA   C N S 2   
ALA C    C N N 3   
ALA O    O N N 4   
ALA CB   C N N 5   
ALA OXT  O N N 6   
ALA H    H N N 7   
ALA H2   H N N 8   
ALA HA   H N N 9   
ALA HB1  H N N 10  
ALA HB2  H N N 11  
ALA HB3  H N N 12  
ALA HXT  H N N 13  
ARG N    N N N 14  
ARG CA   C N S 15  
ARG C    C N N 16  
ARG O    O N N 17  
ARG CB   C N N 18  
ARG CG   C N N 19  
ARG CD   C N N 20  
ARG NE   N N N 21  
ARG CZ   C N N 22  
ARG NH1  N N N 23  
ARG NH2  N N N 24  
ARG OXT  O N N 25  
ARG H    H N N 26  
ARG H2   H N N 27  
ARG HA   H N N 28  
ARG HB2  H N N 29  
ARG HB3  H N N 30  
ARG HG2  H N N 31  
ARG HG3  H N N 32  
ARG HD2  H N N 33  
ARG HD3  H N N 34  
ARG HE   H N N 35  
ARG HH11 H N N 36  
ARG HH12 H N N 37  
ARG HH21 H N N 38  
ARG HH22 H N N 39  
ARG HXT  H N N 40  
ASN N    N N N 41  
ASN CA   C N S 42  
ASN C    C N N 43  
ASN O    O N N 44  
ASN CB   C N N 45  
ASN CG   C N N 46  
ASN OD1  O N N 47  
ASN ND2  N N N 48  
ASN OXT  O N N 49  
ASN H    H N N 50  
ASN H2   H N N 51  
ASN HA   H N N 52  
ASN HB2  H N N 53  
ASN HB3  H N N 54  
ASN HD21 H N N 55  
ASN HD22 H N N 56  
ASN HXT  H N N 57  
ASP N    N N N 58  
ASP CA   C N S 59  
ASP C    C N N 60  
ASP O    O N N 61  
ASP CB   C N N 62  
ASP CG   C N N 63  
ASP OD1  O N N 64  
ASP OD2  O N N 65  
ASP OXT  O N N 66  
ASP H    H N N 67  
ASP H2   H N N 68  
ASP HA   H N N 69  
ASP HB2  H N N 70  
ASP HB3  H N N 71  
ASP HD2  H N N 72  
ASP HXT  H N N 73  
GLN N    N N N 74  
GLN CA   C N S 75  
GLN C    C N N 76  
GLN O    O N N 77  
GLN CB   C N N 78  
GLN CG   C N N 79  
GLN CD   C N N 80  
GLN OE1  O N N 81  
GLN NE2  N N N 82  
GLN OXT  O N N 83  
GLN H    H N N 84  
GLN H2   H N N 85  
GLN HA   H N N 86  
GLN HB2  H N N 87  
GLN HB3  H N N 88  
GLN HG2  H N N 89  
GLN HG3  H N N 90  
GLN HE21 H N N 91  
GLN HE22 H N N 92  
GLN HXT  H N N 93  
GLU N    N N N 94  
GLU CA   C N S 95  
GLU C    C N N 96  
GLU O    O N N 97  
GLU CB   C N N 98  
GLU CG   C N N 99  
GLU CD   C N N 100 
GLU OE1  O N N 101 
GLU OE2  O N N 102 
GLU OXT  O N N 103 
GLU H    H N N 104 
GLU H2   H N N 105 
GLU HA   H N N 106 
GLU HB2  H N N 107 
GLU HB3  H N N 108 
GLU HG2  H N N 109 
GLU HG3  H N N 110 
GLU HE2  H N N 111 
GLU HXT  H N N 112 
GLY N    N N N 113 
GLY CA   C N N 114 
GLY C    C N N 115 
GLY O    O N N 116 
GLY OXT  O N N 117 
GLY H    H N N 118 
GLY H2   H N N 119 
GLY HA2  H N N 120 
GLY HA3  H N N 121 
GLY HXT  H N N 122 
HOH O    O N N 123 
HOH H1   H N N 124 
HOH H2   H N N 125 
ILE N    N N N 126 
ILE CA   C N S 127 
ILE C    C N N 128 
ILE O    O N N 129 
ILE CB   C N S 130 
ILE CG1  C N N 131 
ILE CG2  C N N 132 
ILE CD1  C N N 133 
ILE OXT  O N N 134 
ILE H    H N N 135 
ILE H2   H N N 136 
ILE HA   H N N 137 
ILE HB   H N N 138 
ILE HG12 H N N 139 
ILE HG13 H N N 140 
ILE HG21 H N N 141 
ILE HG22 H N N 142 
ILE HG23 H N N 143 
ILE HD11 H N N 144 
ILE HD12 H N N 145 
ILE HD13 H N N 146 
ILE HXT  H N N 147 
LEU N    N N N 148 
LEU CA   C N S 149 
LEU C    C N N 150 
LEU O    O N N 151 
LEU CB   C N N 152 
LEU CG   C N N 153 
LEU CD1  C N N 154 
LEU CD2  C N N 155 
LEU OXT  O N N 156 
LEU H    H N N 157 
LEU H2   H N N 158 
LEU HA   H N N 159 
LEU HB2  H N N 160 
LEU HB3  H N N 161 
LEU HG   H N N 162 
LEU HD11 H N N 163 
LEU HD12 H N N 164 
LEU HD13 H N N 165 
LEU HD21 H N N 166 
LEU HD22 H N N 167 
LEU HD23 H N N 168 
LEU HXT  H N N 169 
LYS N    N N N 170 
LYS CA   C N S 171 
LYS C    C N N 172 
LYS O    O N N 173 
LYS CB   C N N 174 
LYS CG   C N N 175 
LYS CD   C N N 176 
LYS CE   C N N 177 
LYS NZ   N N N 178 
LYS OXT  O N N 179 
LYS H    H N N 180 
LYS H2   H N N 181 
LYS HA   H N N 182 
LYS HB2  H N N 183 
LYS HB3  H N N 184 
LYS HG2  H N N 185 
LYS HG3  H N N 186 
LYS HD2  H N N 187 
LYS HD3  H N N 188 
LYS HE2  H N N 189 
LYS HE3  H N N 190 
LYS HZ1  H N N 191 
LYS HZ2  H N N 192 
LYS HZ3  H N N 193 
LYS HXT  H N N 194 
MET N    N N N 195 
MET CA   C N S 196 
MET C    C N N 197 
MET O    O N N 198 
MET CB   C N N 199 
MET CG   C N N 200 
MET SD   S N N 201 
MET CE   C N N 202 
MET OXT  O N N 203 
MET H    H N N 204 
MET H2   H N N 205 
MET HA   H N N 206 
MET HB2  H N N 207 
MET HB3  H N N 208 
MET HG2  H N N 209 
MET HG3  H N N 210 
MET HE1  H N N 211 
MET HE2  H N N 212 
MET HE3  H N N 213 
MET HXT  H N N 214 
PEG C1   C N N 215 
PEG O1   O N N 216 
PEG C2   C N N 217 
PEG O2   O N N 218 
PEG C3   C N N 219 
PEG C4   C N N 220 
PEG O4   O N N 221 
PEG H11  H N N 222 
PEG H12  H N N 223 
PEG HO1  H N N 224 
PEG H21  H N N 225 
PEG H22  H N N 226 
PEG H31  H N N 227 
PEG H32  H N N 228 
PEG H41  H N N 229 
PEG H42  H N N 230 
PEG HO4  H N N 231 
PG4 O1   O N N 232 
PG4 C1   C N N 233 
PG4 C2   C N N 234 
PG4 O2   O N N 235 
PG4 C3   C N N 236 
PG4 C4   C N N 237 
PG4 O3   O N N 238 
PG4 C5   C N N 239 
PG4 C6   C N N 240 
PG4 O4   O N N 241 
PG4 C7   C N N 242 
PG4 C8   C N N 243 
PG4 O5   O N N 244 
PG4 HO1  H N N 245 
PG4 H11  H N N 246 
PG4 H12  H N N 247 
PG4 H21  H N N 248 
PG4 H22  H N N 249 
PG4 H31  H N N 250 
PG4 H32  H N N 251 
PG4 H41  H N N 252 
PG4 H42  H N N 253 
PG4 H51  H N N 254 
PG4 H52  H N N 255 
PG4 H61  H N N 256 
PG4 H62  H N N 257 
PG4 H71  H N N 258 
PG4 H72  H N N 259 
PG4 H81  H N N 260 
PG4 H82  H N N 261 
PG4 HO5  H N N 262 
PGE C1   C N N 263 
PGE O1   O N N 264 
PGE C2   C N N 265 
PGE O2   O N N 266 
PGE C3   C N N 267 
PGE C4   C N N 268 
PGE O4   O N N 269 
PGE C6   C N N 270 
PGE C5   C N N 271 
PGE O3   O N N 272 
PGE H1   H N N 273 
PGE H12  H N N 274 
PGE HO1  H N N 275 
PGE H2   H N N 276 
PGE H22  H N N 277 
PGE H3   H N N 278 
PGE H32  H N N 279 
PGE H4   H N N 280 
PGE H42  H N N 281 
PGE HO4  H N N 282 
PGE H6   H N N 283 
PGE H62  H N N 284 
PGE H5   H N N 285 
PGE H52  H N N 286 
PHE N    N N N 287 
PHE CA   C N S 288 
PHE C    C N N 289 
PHE O    O N N 290 
PHE CB   C N N 291 
PHE CG   C Y N 292 
PHE CD1  C Y N 293 
PHE CD2  C Y N 294 
PHE CE1  C Y N 295 
PHE CE2  C Y N 296 
PHE CZ   C Y N 297 
PHE OXT  O N N 298 
PHE H    H N N 299 
PHE H2   H N N 300 
PHE HA   H N N 301 
PHE HB2  H N N 302 
PHE HB3  H N N 303 
PHE HD1  H N N 304 
PHE HD2  H N N 305 
PHE HE1  H N N 306 
PHE HE2  H N N 307 
PHE HZ   H N N 308 
PHE HXT  H N N 309 
PRO N    N N N 310 
PRO CA   C N S 311 
PRO C    C N N 312 
PRO O    O N N 313 
PRO CB   C N N 314 
PRO CG   C N N 315 
PRO CD   C N N 316 
PRO OXT  O N N 317 
PRO H    H N N 318 
PRO HA   H N N 319 
PRO HB2  H N N 320 
PRO HB3  H N N 321 
PRO HG2  H N N 322 
PRO HG3  H N N 323 
PRO HD2  H N N 324 
PRO HD3  H N N 325 
PRO HXT  H N N 326 
SER N    N N N 327 
SER CA   C N S 328 
SER C    C N N 329 
SER O    O N N 330 
SER CB   C N N 331 
SER OG   O N N 332 
SER OXT  O N N 333 
SER H    H N N 334 
SER H2   H N N 335 
SER HA   H N N 336 
SER HB2  H N N 337 
SER HB3  H N N 338 
SER HG   H N N 339 
SER HXT  H N N 340 
THR N    N N N 341 
THR CA   C N S 342 
THR C    C N N 343 
THR O    O N N 344 
THR CB   C N R 345 
THR OG1  O N N 346 
THR CG2  C N N 347 
THR OXT  O N N 348 
THR H    H N N 349 
THR H2   H N N 350 
THR HA   H N N 351 
THR HB   H N N 352 
THR HG1  H N N 353 
THR HG21 H N N 354 
THR HG22 H N N 355 
THR HG23 H N N 356 
THR HXT  H N N 357 
TRP N    N N N 358 
TRP CA   C N S 359 
TRP C    C N N 360 
TRP O    O N N 361 
TRP CB   C N N 362 
TRP CG   C Y N 363 
TRP CD1  C Y N 364 
TRP CD2  C Y N 365 
TRP NE1  N Y N 366 
TRP CE2  C Y N 367 
TRP CE3  C Y N 368 
TRP CZ2  C Y N 369 
TRP CZ3  C Y N 370 
TRP CH2  C Y N 371 
TRP OXT  O N N 372 
TRP H    H N N 373 
TRP H2   H N N 374 
TRP HA   H N N 375 
TRP HB2  H N N 376 
TRP HB3  H N N 377 
TRP HD1  H N N 378 
TRP HE1  H N N 379 
TRP HE3  H N N 380 
TRP HZ2  H N N 381 
TRP HZ3  H N N 382 
TRP HH2  H N N 383 
TRP HXT  H N N 384 
TYR N    N N N 385 
TYR CA   C N S 386 
TYR C    C N N 387 
TYR O    O N N 388 
TYR CB   C N N 389 
TYR CG   C Y N 390 
TYR CD1  C Y N 391 
TYR CD2  C Y N 392 
TYR CE1  C Y N 393 
TYR CE2  C Y N 394 
TYR CZ   C Y N 395 
TYR OH   O N N 396 
TYR OXT  O N N 397 
TYR H    H N N 398 
TYR H2   H N N 399 
TYR HA   H N N 400 
TYR HB2  H N N 401 
TYR HB3  H N N 402 
TYR HD1  H N N 403 
TYR HD2  H N N 404 
TYR HE1  H N N 405 
TYR HE2  H N N 406 
TYR HH   H N N 407 
TYR HXT  H N N 408 
VAL N    N N N 409 
VAL CA   C N S 410 
VAL C    C N N 411 
VAL O    O N N 412 
VAL CB   C N N 413 
VAL CG1  C N N 414 
VAL CG2  C N N 415 
VAL OXT  O N N 416 
VAL H    H N N 417 
VAL H2   H N N 418 
VAL HA   H N N 419 
VAL HB   H N N 420 
VAL HG11 H N N 421 
VAL HG12 H N N 422 
VAL HG13 H N N 423 
VAL HG21 H N N 424 
VAL HG22 H N N 425 
VAL HG23 H N N 426 
VAL HXT  H N N 427 
# 
loop_
_chem_comp_bond.comp_id 
_chem_comp_bond.atom_id_1 
_chem_comp_bond.atom_id_2 
_chem_comp_bond.value_order 
_chem_comp_bond.pdbx_aromatic_flag 
_chem_comp_bond.pdbx_stereo_config 
_chem_comp_bond.pdbx_ordinal 
ALA N   CA   sing N N 1   
ALA N   H    sing N N 2   
ALA N   H2   sing N N 3   
ALA CA  C    sing N N 4   
ALA CA  CB   sing N N 5   
ALA CA  HA   sing N N 6   
ALA C   O    doub N N 7   
ALA C   OXT  sing N N 8   
ALA CB  HB1  sing N N 9   
ALA CB  HB2  sing N N 10  
ALA CB  HB3  sing N N 11  
ALA OXT HXT  sing N N 12  
ARG N   CA   sing N N 13  
ARG N   H    sing N N 14  
ARG N   H2   sing N N 15  
ARG CA  C    sing N N 16  
ARG CA  CB   sing N N 17  
ARG CA  HA   sing N N 18  
ARG C   O    doub N N 19  
ARG C   OXT  sing N N 20  
ARG CB  CG   sing N N 21  
ARG CB  HB2  sing N N 22  
ARG CB  HB3  sing N N 23  
ARG CG  CD   sing N N 24  
ARG CG  HG2  sing N N 25  
ARG CG  HG3  sing N N 26  
ARG CD  NE   sing N N 27  
ARG CD  HD2  sing N N 28  
ARG CD  HD3  sing N N 29  
ARG NE  CZ   sing N N 30  
ARG NE  HE   sing N N 31  
ARG CZ  NH1  sing N N 32  
ARG CZ  NH2  doub N N 33  
ARG NH1 HH11 sing N N 34  
ARG NH1 HH12 sing N N 35  
ARG NH2 HH21 sing N N 36  
ARG NH2 HH22 sing N N 37  
ARG OXT HXT  sing N N 38  
ASN N   CA   sing N N 39  
ASN N   H    sing N N 40  
ASN N   H2   sing N N 41  
ASN CA  C    sing N N 42  
ASN CA  CB   sing N N 43  
ASN CA  HA   sing N N 44  
ASN C   O    doub N N 45  
ASN C   OXT  sing N N 46  
ASN CB  CG   sing N N 47  
ASN CB  HB2  sing N N 48  
ASN CB  HB3  sing N N 49  
ASN CG  OD1  doub N N 50  
ASN CG  ND2  sing N N 51  
ASN ND2 HD21 sing N N 52  
ASN ND2 HD22 sing N N 53  
ASN OXT HXT  sing N N 54  
ASP N   CA   sing N N 55  
ASP N   H    sing N N 56  
ASP N   H2   sing N N 57  
ASP CA  C    sing N N 58  
ASP CA  CB   sing N N 59  
ASP CA  HA   sing N N 60  
ASP C   O    doub N N 61  
ASP C   OXT  sing N N 62  
ASP CB  CG   sing N N 63  
ASP CB  HB2  sing N N 64  
ASP CB  HB3  sing N N 65  
ASP CG  OD1  doub N N 66  
ASP CG  OD2  sing N N 67  
ASP OD2 HD2  sing N N 68  
ASP OXT HXT  sing N N 69  
GLN N   CA   sing N N 70  
GLN N   H    sing N N 71  
GLN N   H2   sing N N 72  
GLN CA  C    sing N N 73  
GLN CA  CB   sing N N 74  
GLN CA  HA   sing N N 75  
GLN C   O    doub N N 76  
GLN C   OXT  sing N N 77  
GLN CB  CG   sing N N 78  
GLN CB  HB2  sing N N 79  
GLN CB  HB3  sing N N 80  
GLN CG  CD   sing N N 81  
GLN CG  HG2  sing N N 82  
GLN CG  HG3  sing N N 83  
GLN CD  OE1  doub N N 84  
GLN CD  NE2  sing N N 85  
GLN NE2 HE21 sing N N 86  
GLN NE2 HE22 sing N N 87  
GLN OXT HXT  sing N N 88  
GLU N   CA   sing N N 89  
GLU N   H    sing N N 90  
GLU N   H2   sing N N 91  
GLU CA  C    sing N N 92  
GLU CA  CB   sing N N 93  
GLU CA  HA   sing N N 94  
GLU C   O    doub N N 95  
GLU C   OXT  sing N N 96  
GLU CB  CG   sing N N 97  
GLU CB  HB2  sing N N 98  
GLU CB  HB3  sing N N 99  
GLU CG  CD   sing N N 100 
GLU CG  HG2  sing N N 101 
GLU CG  HG3  sing N N 102 
GLU CD  OE1  doub N N 103 
GLU CD  OE2  sing N N 104 
GLU OE2 HE2  sing N N 105 
GLU OXT HXT  sing N N 106 
GLY N   CA   sing N N 107 
GLY N   H    sing N N 108 
GLY N   H2   sing N N 109 
GLY CA  C    sing N N 110 
GLY CA  HA2  sing N N 111 
GLY CA  HA3  sing N N 112 
GLY C   O    doub N N 113 
GLY C   OXT  sing N N 114 
GLY OXT HXT  sing N N 115 
HOH O   H1   sing N N 116 
HOH O   H2   sing N N 117 
ILE N   CA   sing N N 118 
ILE N   H    sing N N 119 
ILE N   H2   sing N N 120 
ILE CA  C    sing N N 121 
ILE CA  CB   sing N N 122 
ILE CA  HA   sing N N 123 
ILE C   O    doub N N 124 
ILE C   OXT  sing N N 125 
ILE CB  CG1  sing N N 126 
ILE CB  CG2  sing N N 127 
ILE CB  HB   sing N N 128 
ILE CG1 CD1  sing N N 129 
ILE CG1 HG12 sing N N 130 
ILE CG1 HG13 sing N N 131 
ILE CG2 HG21 sing N N 132 
ILE CG2 HG22 sing N N 133 
ILE CG2 HG23 sing N N 134 
ILE CD1 HD11 sing N N 135 
ILE CD1 HD12 sing N N 136 
ILE CD1 HD13 sing N N 137 
ILE OXT HXT  sing N N 138 
LEU N   CA   sing N N 139 
LEU N   H    sing N N 140 
LEU N   H2   sing N N 141 
LEU CA  C    sing N N 142 
LEU CA  CB   sing N N 143 
LEU CA  HA   sing N N 144 
LEU C   O    doub N N 145 
LEU C   OXT  sing N N 146 
LEU CB  CG   sing N N 147 
LEU CB  HB2  sing N N 148 
LEU CB  HB3  sing N N 149 
LEU CG  CD1  sing N N 150 
LEU CG  CD2  sing N N 151 
LEU CG  HG   sing N N 152 
LEU CD1 HD11 sing N N 153 
LEU CD1 HD12 sing N N 154 
LEU CD1 HD13 sing N N 155 
LEU CD2 HD21 sing N N 156 
LEU CD2 HD22 sing N N 157 
LEU CD2 HD23 sing N N 158 
LEU OXT HXT  sing N N 159 
LYS N   CA   sing N N 160 
LYS N   H    sing N N 161 
LYS N   H2   sing N N 162 
LYS CA  C    sing N N 163 
LYS CA  CB   sing N N 164 
LYS CA  HA   sing N N 165 
LYS C   O    doub N N 166 
LYS C   OXT  sing N N 167 
LYS CB  CG   sing N N 168 
LYS CB  HB2  sing N N 169 
LYS CB  HB3  sing N N 170 
LYS CG  CD   sing N N 171 
LYS CG  HG2  sing N N 172 
LYS CG  HG3  sing N N 173 
LYS CD  CE   sing N N 174 
LYS CD  HD2  sing N N 175 
LYS CD  HD3  sing N N 176 
LYS CE  NZ   sing N N 177 
LYS CE  HE2  sing N N 178 
LYS CE  HE3  sing N N 179 
LYS NZ  HZ1  sing N N 180 
LYS NZ  HZ2  sing N N 181 
LYS NZ  HZ3  sing N N 182 
LYS OXT HXT  sing N N 183 
MET N   CA   sing N N 184 
MET N   H    sing N N 185 
MET N   H2   sing N N 186 
MET CA  C    sing N N 187 
MET CA  CB   sing N N 188 
MET CA  HA   sing N N 189 
MET C   O    doub N N 190 
MET C   OXT  sing N N 191 
MET CB  CG   sing N N 192 
MET CB  HB2  sing N N 193 
MET CB  HB3  sing N N 194 
MET CG  SD   sing N N 195 
MET CG  HG2  sing N N 196 
MET CG  HG3  sing N N 197 
MET SD  CE   sing N N 198 
MET CE  HE1  sing N N 199 
MET CE  HE2  sing N N 200 
MET CE  HE3  sing N N 201 
MET OXT HXT  sing N N 202 
PEG C1  O1   sing N N 203 
PEG C1  C2   sing N N 204 
PEG C1  H11  sing N N 205 
PEG C1  H12  sing N N 206 
PEG O1  HO1  sing N N 207 
PEG C2  O2   sing N N 208 
PEG C2  H21  sing N N 209 
PEG C2  H22  sing N N 210 
PEG O2  C3   sing N N 211 
PEG C3  C4   sing N N 212 
PEG C3  H31  sing N N 213 
PEG C3  H32  sing N N 214 
PEG C4  O4   sing N N 215 
PEG C4  H41  sing N N 216 
PEG C4  H42  sing N N 217 
PEG O4  HO4  sing N N 218 
PG4 O1  C1   sing N N 219 
PG4 O1  HO1  sing N N 220 
PG4 C1  C2   sing N N 221 
PG4 C1  H11  sing N N 222 
PG4 C1  H12  sing N N 223 
PG4 C2  O2   sing N N 224 
PG4 C2  H21  sing N N 225 
PG4 C2  H22  sing N N 226 
PG4 O2  C3   sing N N 227 
PG4 C3  C4   sing N N 228 
PG4 C3  H31  sing N N 229 
PG4 C3  H32  sing N N 230 
PG4 C4  O3   sing N N 231 
PG4 C4  H41  sing N N 232 
PG4 C4  H42  sing N N 233 
PG4 O3  C5   sing N N 234 
PG4 C5  C6   sing N N 235 
PG4 C5  H51  sing N N 236 
PG4 C5  H52  sing N N 237 
PG4 C6  O4   sing N N 238 
PG4 C6  H61  sing N N 239 
PG4 C6  H62  sing N N 240 
PG4 O4  C7   sing N N 241 
PG4 C7  C8   sing N N 242 
PG4 C7  H71  sing N N 243 
PG4 C7  H72  sing N N 244 
PG4 C8  O5   sing N N 245 
PG4 C8  H81  sing N N 246 
PG4 C8  H82  sing N N 247 
PG4 O5  HO5  sing N N 248 
PGE C1  O1   sing N N 249 
PGE C1  C2   sing N N 250 
PGE C1  H1   sing N N 251 
PGE C1  H12  sing N N 252 
PGE O1  HO1  sing N N 253 
PGE C2  O2   sing N N 254 
PGE C2  H2   sing N N 255 
PGE C2  H22  sing N N 256 
PGE O2  C3   sing N N 257 
PGE C3  C4   sing N N 258 
PGE C3  H3   sing N N 259 
PGE C3  H32  sing N N 260 
PGE C4  O3   sing N N 261 
PGE C4  H4   sing N N 262 
PGE C4  H42  sing N N 263 
PGE O4  C6   sing N N 264 
PGE O4  HO4  sing N N 265 
PGE C6  C5   sing N N 266 
PGE C6  H6   sing N N 267 
PGE C6  H62  sing N N 268 
PGE C5  O3   sing N N 269 
PGE C5  H5   sing N N 270 
PGE C5  H52  sing N N 271 
PHE N   CA   sing N N 272 
PHE N   H    sing N N 273 
PHE N   H2   sing N N 274 
PHE CA  C    sing N N 275 
PHE CA  CB   sing N N 276 
PHE CA  HA   sing N N 277 
PHE C   O    doub N N 278 
PHE C   OXT  sing N N 279 
PHE CB  CG   sing N N 280 
PHE CB  HB2  sing N N 281 
PHE CB  HB3  sing N N 282 
PHE CG  CD1  doub Y N 283 
PHE CG  CD2  sing Y N 284 
PHE CD1 CE1  sing Y N 285 
PHE CD1 HD1  sing N N 286 
PHE CD2 CE2  doub Y N 287 
PHE CD2 HD2  sing N N 288 
PHE CE1 CZ   doub Y N 289 
PHE CE1 HE1  sing N N 290 
PHE CE2 CZ   sing Y N 291 
PHE CE2 HE2  sing N N 292 
PHE CZ  HZ   sing N N 293 
PHE OXT HXT  sing N N 294 
PRO N   CA   sing N N 295 
PRO N   CD   sing N N 296 
PRO N   H    sing N N 297 
PRO CA  C    sing N N 298 
PRO CA  CB   sing N N 299 
PRO CA  HA   sing N N 300 
PRO C   O    doub N N 301 
PRO C   OXT  sing N N 302 
PRO CB  CG   sing N N 303 
PRO CB  HB2  sing N N 304 
PRO CB  HB3  sing N N 305 
PRO CG  CD   sing N N 306 
PRO CG  HG2  sing N N 307 
PRO CG  HG3  sing N N 308 
PRO CD  HD2  sing N N 309 
PRO CD  HD3  sing N N 310 
PRO OXT HXT  sing N N 311 
SER N   CA   sing N N 312 
SER N   H    sing N N 313 
SER N   H2   sing N N 314 
SER CA  C    sing N N 315 
SER CA  CB   sing N N 316 
SER CA  HA   sing N N 317 
SER C   O    doub N N 318 
SER C   OXT  sing N N 319 
SER CB  OG   sing N N 320 
SER CB  HB2  sing N N 321 
SER CB  HB3  sing N N 322 
SER OG  HG   sing N N 323 
SER OXT HXT  sing N N 324 
THR N   CA   sing N N 325 
THR N   H    sing N N 326 
THR N   H2   sing N N 327 
THR CA  C    sing N N 328 
THR CA  CB   sing N N 329 
THR CA  HA   sing N N 330 
THR C   O    doub N N 331 
THR C   OXT  sing N N 332 
THR CB  OG1  sing N N 333 
THR CB  CG2  sing N N 334 
THR CB  HB   sing N N 335 
THR OG1 HG1  sing N N 336 
THR CG2 HG21 sing N N 337 
THR CG2 HG22 sing N N 338 
THR CG2 HG23 sing N N 339 
THR OXT HXT  sing N N 340 
TRP N   CA   sing N N 341 
TRP N   H    sing N N 342 
TRP N   H2   sing N N 343 
TRP CA  C    sing N N 344 
TRP CA  CB   sing N N 345 
TRP CA  HA   sing N N 346 
TRP C   O    doub N N 347 
TRP C   OXT  sing N N 348 
TRP CB  CG   sing N N 349 
TRP CB  HB2  sing N N 350 
TRP CB  HB3  sing N N 351 
TRP CG  CD1  doub Y N 352 
TRP CG  CD2  sing Y N 353 
TRP CD1 NE1  sing Y N 354 
TRP CD1 HD1  sing N N 355 
TRP CD2 CE2  doub Y N 356 
TRP CD2 CE3  sing Y N 357 
TRP NE1 CE2  sing Y N 358 
TRP NE1 HE1  sing N N 359 
TRP CE2 CZ2  sing Y N 360 
TRP CE3 CZ3  doub Y N 361 
TRP CE3 HE3  sing N N 362 
TRP CZ2 CH2  doub Y N 363 
TRP CZ2 HZ2  sing N N 364 
TRP CZ3 CH2  sing Y N 365 
TRP CZ3 HZ3  sing N N 366 
TRP CH2 HH2  sing N N 367 
TRP OXT HXT  sing N N 368 
TYR N   CA   sing N N 369 
TYR N   H    sing N N 370 
TYR N   H2   sing N N 371 
TYR CA  C    sing N N 372 
TYR CA  CB   sing N N 373 
TYR CA  HA   sing N N 374 
TYR C   O    doub N N 375 
TYR C   OXT  sing N N 376 
TYR CB  CG   sing N N 377 
TYR CB  HB2  sing N N 378 
TYR CB  HB3  sing N N 379 
TYR CG  CD1  doub Y N 380 
TYR CG  CD2  sing Y N 381 
TYR CD1 CE1  sing Y N 382 
TYR CD1 HD1  sing N N 383 
TYR CD2 CE2  doub Y N 384 
TYR CD2 HD2  sing N N 385 
TYR CE1 CZ   doub Y N 386 
TYR CE1 HE1  sing N N 387 
TYR CE2 CZ   sing Y N 388 
TYR CE2 HE2  sing N N 389 
TYR CZ  OH   sing N N 390 
TYR OH  HH   sing N N 391 
TYR OXT HXT  sing N N 392 
VAL N   CA   sing N N 393 
VAL N   H    sing N N 394 
VAL N   H2   sing N N 395 
VAL CA  C    sing N N 396 
VAL CA  CB   sing N N 397 
VAL CA  HA   sing N N 398 
VAL C   O    doub N N 399 
VAL C   OXT  sing N N 400 
VAL CB  CG1  sing N N 401 
VAL CB  CG2  sing N N 402 
VAL CB  HB   sing N N 403 
VAL CG1 HG11 sing N N 404 
VAL CG1 HG12 sing N N 405 
VAL CG1 HG13 sing N N 406 
VAL CG2 HG21 sing N N 407 
VAL CG2 HG22 sing N N 408 
VAL CG2 HG23 sing N N 409 
VAL OXT HXT  sing N N 410 
# 
loop_
_pdbx_entity_nonpoly.entity_id 
_pdbx_entity_nonpoly.name 
_pdbx_entity_nonpoly.comp_id 
2 'TETRAETHYLENE GLYCOL'  PG4 
3 'TRIETHYLENE GLYCOL'    PGE 
4 'DI(HYDROXYETHYL)ETHER' PEG 
5 water                   HOH 
# 
_pdbx_initial_refinement_model.id               1 
_pdbx_initial_refinement_model.entity_id_list   ? 
_pdbx_initial_refinement_model.type             'experimental model' 
_pdbx_initial_refinement_model.source_name      PDB 
_pdbx_initial_refinement_model.accession_code   3A0V 
_pdbx_initial_refinement_model.details          ? 
# 
